data_1PA4
#
_entry.id   1PA4
#
_cell.length_a   1.000
_cell.length_b   1.000
_cell.length_c   1.000
_cell.angle_alpha   90.00
_cell.angle_beta   90.00
_cell.angle_gamma   90.00
#
_symmetry.space_group_name_H-M   'P 1'
#
_entity_poly.entity_id   1
_entity_poly.type   'polypeptide(L)'
_entity_poly.pdbx_seq_one_letter_code
;MASYKKERLENDIIRLINRTVIHEIYNETVKTGHVTHVKLSDDLLHVTVYLDCYNREQIDRVVGAFNQAKGVFSRVLAHN
LYLAKAVQIHFVKDKAIDNAMRIESIINSLKKSKPN
;
_entity_poly.pdbx_strand_id   A
#
# COMPACT_ATOMS: atom_id res chain seq x y z
N LYS A 6 -12.81 11.89 -7.67
CA LYS A 6 -11.48 12.02 -8.26
C LYS A 6 -10.87 10.64 -8.45
N GLU A 7 -9.77 10.61 -9.18
CA GLU A 7 -9.07 9.35 -9.44
C GLU A 7 -7.69 9.63 -10.05
N ARG A 8 -7.71 9.98 -11.32
CA ARG A 8 -6.48 10.27 -12.03
C ARG A 8 -5.46 9.15 -11.80
N LEU A 9 -4.23 9.42 -12.21
CA LEU A 9 -3.16 8.45 -12.05
C LEU A 9 -3.25 7.81 -10.66
N GLU A 10 -3.51 8.65 -9.68
CA GLU A 10 -3.64 8.18 -8.31
C GLU A 10 -4.40 6.87 -8.27
N ASN A 11 -5.68 6.95 -8.59
CA ASN A 11 -6.53 5.78 -8.59
C ASN A 11 -5.83 4.64 -9.34
N ASP A 12 -5.08 5.03 -10.36
CA ASP A 12 -4.35 4.06 -11.17
C ASP A 12 -3.36 3.31 -10.29
N ILE A 13 -2.62 4.08 -9.50
CA ILE A 13 -1.63 3.50 -8.59
C ILE A 13 -2.34 2.57 -7.60
N ILE A 14 -3.48 3.03 -7.12
CA ILE A 14 -4.26 2.25 -6.17
C ILE A 14 -4.65 0.92 -6.81
N ARG A 15 -5.13 1.01 -8.05
CA ARG A 15 -5.54 -0.18 -8.77
C ARG A 15 -4.34 -1.06 -9.08
N LEU A 16 -3.17 -0.42 -9.13
CA LEU A 16 -1.94 -1.13 -9.42
C LEU A 16 -1.68 -2.16 -8.31
N ILE A 17 -1.51 -1.64 -7.10
CA ILE A 17 -1.25 -2.49 -5.95
C ILE A 17 -2.31 -3.58 -5.88
N ASN A 18 -3.52 -3.21 -6.29
CA ASN A 18 -4.63 -4.15 -6.27
C ASN A 18 -4.34 -5.29 -7.25
N ARG A 19 -4.00 -4.91 -8.47
CA ARG A 19 -3.70 -5.89 -9.50
C ARG A 19 -2.71 -6.93 -8.97
N THR A 20 -1.87 -6.48 -8.05
CA THR A 20 -0.87 -7.36 -7.46
C THR A 20 -1.53 -8.33 -6.48
N VAL A 21 -2.12 -7.75 -5.43
CA VAL A 21 -2.78 -8.55 -4.41
C VAL A 21 -3.51 -9.70 -5.08
N ILE A 22 -3.96 -9.46 -6.31
CA ILE A 22 -4.67 -10.47 -7.06
C ILE A 22 -3.70 -11.57 -7.48
N HIS A 23 -3.73 -12.67 -6.74
CA HIS A 23 -2.85 -13.80 -7.01
C HIS A 23 -1.55 -13.64 -6.24
N GLU A 24 -1.40 -12.48 -5.62
CA GLU A 24 -0.20 -12.19 -4.84
C GLU A 24 -0.56 -12.00 -3.36
N ILE A 25 0.46 -11.74 -2.57
CA ILE A 25 0.27 -11.54 -1.14
C ILE A 25 -0.11 -12.86 -0.49
N TYR A 26 0.91 -13.60 -0.07
CA TYR A 26 0.70 -14.89 0.57
C TYR A 26 -0.53 -14.84 1.48
N ASN A 27 -1.47 -15.73 1.19
CA ASN A 27 -2.69 -15.81 1.98
C ASN A 27 -3.41 -14.47 1.91
N GLU A 28 -4.35 -14.38 0.97
CA GLU A 28 -5.12 -13.16 0.79
C GLU A 28 -5.40 -12.51 2.16
N THR A 29 -4.94 -11.27 2.28
CA THR A 29 -5.14 -10.53 3.52
C THR A 29 -5.33 -9.03 3.22
N VAL A 30 -4.25 -8.42 2.75
CA VAL A 30 -4.28 -7.01 2.41
C VAL A 30 -5.43 -6.74 1.44
N LYS A 31 -5.89 -7.80 0.81
CA LYS A 31 -6.99 -7.70 -0.14
C LYS A 31 -8.22 -7.13 0.56
N THR A 32 -8.17 -7.15 1.88
CA THR A 32 -9.26 -6.63 2.69
C THR A 32 -9.00 -5.18 3.07
N GLY A 33 -7.73 -4.84 3.16
CA GLY A 33 -7.33 -3.49 3.52
C GLY A 33 -8.27 -2.46 2.89
N HIS A 34 -7.88 -2.01 1.70
CA HIS A 34 -8.68 -1.02 0.98
C HIS A 34 -8.37 0.38 1.52
N VAL A 35 -7.32 0.97 0.96
CA VAL A 35 -6.91 2.30 1.36
C VAL A 35 -8.02 3.30 1.01
N THR A 36 -8.00 4.42 1.73
CA THR A 36 -8.99 5.46 1.51
C THR A 36 -8.32 6.83 1.40
N HIS A 37 -6.99 6.79 1.36
CA HIS A 37 -6.22 8.02 1.26
C HIS A 37 -4.97 7.77 0.42
N VAL A 38 -4.11 6.91 0.94
CA VAL A 38 -2.88 6.58 0.25
C VAL A 38 -2.29 7.85 -0.39
N LYS A 39 -1.44 8.51 0.39
CA LYS A 39 -0.80 9.73 -0.07
C LYS A 39 0.37 9.37 -0.98
N LEU A 40 0.38 9.99 -2.16
CA LEU A 40 1.43 9.75 -3.12
C LEU A 40 2.57 10.76 -2.90
N SER A 41 3.71 10.23 -2.49
CA SER A 41 4.86 11.07 -2.23
C SER A 41 5.67 11.26 -3.52
N ASP A 42 5.60 12.48 -4.04
CA ASP A 42 6.31 12.81 -5.27
C ASP A 42 5.48 12.34 -6.48
N ASP A 43 5.40 11.03 -6.62
CA ASP A 43 4.64 10.45 -7.71
C ASP A 43 4.50 8.94 -7.49
N LEU A 44 5.63 8.30 -7.28
CA LEU A 44 5.66 6.86 -7.06
C LEU A 44 6.84 6.51 -6.15
N LEU A 45 7.34 7.52 -5.47
CA LEU A 45 8.46 7.33 -4.56
C LEU A 45 7.98 6.65 -3.28
N HIS A 46 7.06 7.31 -2.60
CA HIS A 46 6.51 6.77 -1.37
C HIS A 46 4.99 6.75 -1.46
N VAL A 47 4.41 5.73 -0.83
CA VAL A 47 2.96 5.58 -0.84
C VAL A 47 2.48 5.30 0.59
N THR A 48 2.04 6.37 1.25
CA THR A 48 1.54 6.25 2.62
C THR A 48 0.12 5.70 2.62
N VAL A 49 0.03 4.38 2.57
CA VAL A 49 -1.27 3.73 2.56
C VAL A 49 -1.80 3.67 4.00
N TYR A 50 -2.86 4.44 4.23
CA TYR A 50 -3.48 4.49 5.54
C TYR A 50 -4.14 3.15 5.89
N LEU A 51 -4.55 2.44 4.85
CA LEU A 51 -5.18 1.15 5.04
C LEU A 51 -6.49 1.33 5.82
N ASP A 52 -7.51 0.62 5.38
CA ASP A 52 -8.81 0.70 6.02
C ASP A 52 -9.57 -0.61 5.79
N CYS A 53 -9.13 -1.65 6.49
CA CYS A 53 -9.76 -2.95 6.37
C CYS A 53 -11.13 -2.89 7.03
N TYR A 54 -11.54 -4.03 7.59
CA TYR A 54 -12.83 -4.11 8.24
C TYR A 54 -13.08 -2.89 9.14
N ASN A 55 -12.24 -2.76 10.16
CA ASN A 55 -12.35 -1.65 11.08
C ASN A 55 -11.09 -1.59 11.96
N ARG A 56 -9.97 -1.94 11.35
CA ARG A 56 -8.70 -1.93 12.05
C ARG A 56 -8.58 -3.17 12.93
N GLU A 57 -9.62 -3.99 12.91
CA GLU A 57 -9.64 -5.22 13.69
C GLU A 57 -8.86 -6.32 12.97
N GLN A 58 -8.57 -6.06 11.71
CA GLN A 58 -7.84 -7.03 10.91
C GLN A 58 -6.53 -6.41 10.39
N ILE A 59 -6.38 -5.12 10.65
CA ILE A 59 -5.19 -4.40 10.23
C ILE A 59 -3.95 -5.23 10.58
N ASP A 60 -3.87 -5.62 11.85
CA ASP A 60 -2.75 -6.41 12.31
C ASP A 60 -2.39 -7.45 11.27
N ARG A 61 -3.42 -7.98 10.62
CA ARG A 61 -3.22 -9.00 9.60
C ARG A 61 -2.85 -8.33 8.27
N VAL A 62 -3.56 -7.27 7.94
CA VAL A 62 -3.31 -6.55 6.71
C VAL A 62 -1.92 -5.91 6.77
N VAL A 63 -1.77 -4.98 7.71
CA VAL A 63 -0.51 -4.29 7.87
C VAL A 63 0.62 -5.32 7.93
N GLY A 64 0.39 -6.36 8.71
CA GLY A 64 1.38 -7.41 8.86
C GLY A 64 1.69 -8.08 7.51
N ALA A 65 0.68 -8.08 6.64
CA ALA A 65 0.83 -8.67 5.33
C ALA A 65 1.63 -7.71 4.44
N PHE A 66 1.27 -6.43 4.53
CA PHE A 66 1.94 -5.41 3.74
C PHE A 66 3.45 -5.43 3.98
N ASN A 67 3.83 -5.92 5.16
CA ASN A 67 5.23 -5.99 5.52
C ASN A 67 5.96 -6.90 4.52
N GLN A 68 5.48 -8.13 4.43
CA GLN A 68 6.07 -9.09 3.52
C GLN A 68 5.65 -8.80 2.07
N ALA A 69 4.50 -8.15 1.96
CA ALA A 69 3.98 -7.81 0.65
C ALA A 69 4.68 -6.55 0.13
N LYS A 70 5.57 -6.03 0.96
CA LYS A 70 6.32 -4.84 0.60
C LYS A 70 7.18 -5.14 -0.62
N GLY A 71 7.30 -6.42 -0.94
CA GLY A 71 8.08 -6.85 -2.08
C GLY A 71 7.31 -6.67 -3.38
N VAL A 72 6.18 -7.35 -3.46
CA VAL A 72 5.34 -7.28 -4.65
C VAL A 72 4.98 -5.81 -4.91
N PHE A 73 4.53 -5.16 -3.86
CA PHE A 73 4.14 -3.75 -3.96
C PHE A 73 5.25 -2.92 -4.60
N SER A 74 6.42 -2.97 -3.96
CA SER A 74 7.57 -2.23 -4.46
C SER A 74 7.84 -2.60 -5.92
N ARG A 75 7.49 -3.83 -6.26
CA ARG A 75 7.70 -4.31 -7.62
C ARG A 75 6.78 -3.57 -8.59
N VAL A 76 5.61 -3.22 -8.10
CA VAL A 76 4.63 -2.51 -8.90
C VAL A 76 5.29 -1.27 -9.52
N LEU A 77 5.70 -0.36 -8.65
CA LEU A 77 6.35 0.87 -9.08
C LEU A 77 7.63 0.51 -9.85
N ALA A 78 8.15 -0.67 -9.56
CA ALA A 78 9.36 -1.12 -10.22
C ALA A 78 9.07 -1.36 -11.70
N HIS A 79 7.88 -1.85 -11.96
CA HIS A 79 7.46 -2.12 -13.33
C HIS A 79 7.75 -0.90 -14.21
N ASN A 80 7.86 0.25 -13.55
CA ASN A 80 8.13 1.48 -14.25
C ASN A 80 9.61 1.85 -14.08
N LEU A 81 9.91 2.41 -12.92
CA LEU A 81 11.27 2.81 -12.61
C LEU A 81 12.09 1.57 -12.25
N TYR A 82 13.24 1.82 -11.63
CA TYR A 82 14.12 0.74 -11.23
C TYR A 82 15.29 1.27 -10.40
N LEU A 83 14.97 1.68 -9.18
CA LEU A 83 15.99 2.20 -8.28
C LEU A 83 15.44 2.21 -6.85
N ALA A 84 16.33 1.92 -5.91
CA ALA A 84 15.94 1.89 -4.51
C ALA A 84 15.27 3.21 -4.14
N LYS A 85 16.08 4.26 -4.10
CA LYS A 85 15.57 5.59 -3.77
C LYS A 85 14.92 6.21 -5.01
N ALA A 86 13.77 5.67 -5.36
CA ALA A 86 13.03 6.17 -6.51
C ALA A 86 11.56 5.76 -6.39
N VAL A 87 11.36 4.50 -6.01
CA VAL A 87 10.01 3.98 -5.85
C VAL A 87 9.97 3.07 -4.61
N GLN A 88 8.77 2.94 -4.06
CA GLN A 88 8.58 2.11 -2.89
C GLN A 88 7.30 2.53 -2.14
N ILE A 89 6.61 1.53 -1.61
CA ILE A 89 5.38 1.79 -0.88
C ILE A 89 5.68 1.77 0.62
N HIS A 90 4.93 2.58 1.35
CA HIS A 90 5.10 2.68 2.79
C HIS A 90 3.76 2.44 3.48
N PHE A 91 3.78 1.53 4.44
CA PHE A 91 2.57 1.20 5.19
C PHE A 91 2.30 2.24 6.28
N VAL A 92 1.03 2.64 6.36
CA VAL A 92 0.63 3.62 7.35
C VAL A 92 -0.73 3.22 7.93
N LYS A 93 -0.95 3.65 9.17
CA LYS A 93 -2.19 3.34 9.85
C LYS A 93 -2.91 4.64 10.20
N ASP A 94 -2.16 5.56 10.79
CA ASP A 94 -2.72 6.84 11.17
C ASP A 94 -1.58 7.80 11.53
N LYS A 95 -0.81 8.16 10.52
CA LYS A 95 0.32 9.06 10.71
C LYS A 95 1.29 8.45 11.73
N ALA A 96 1.25 7.13 11.82
CA ALA A 96 2.12 6.42 12.74
C ALA A 96 1.46 6.38 14.12
N ILE A 97 0.97 7.55 14.54
CA ILE A 97 0.31 7.65 15.82
C ILE A 97 -0.63 8.86 15.81
N ASP A 98 -0.13 9.96 15.27
CA ASP A 98 -0.91 11.18 15.19
C ASP A 98 -0.90 11.88 16.55
N ASN A 99 0.17 11.63 17.29
CA ASN A 99 0.31 12.24 18.61
C ASN A 99 1.77 12.16 19.04
N ALA A 100 1.97 12.11 20.35
CA ALA A 100 3.32 12.03 20.90
C ALA A 100 3.48 10.69 21.64
N MET A 101 2.70 10.53 22.70
CA MET A 101 2.76 9.32 23.49
C MET A 101 1.72 9.36 24.61
N LYS A 6 -13.11 10.35 -7.95
CA LYS A 6 -12.37 11.61 -7.85
C LYS A 6 -10.90 11.30 -7.57
N GLU A 7 -10.31 10.51 -8.45
CA GLU A 7 -8.92 10.14 -8.30
C GLU A 7 -8.40 9.49 -9.60
N ARG A 8 -7.81 10.33 -10.44
CA ARG A 8 -7.28 9.85 -11.71
C ARG A 8 -6.17 8.83 -11.46
N LEU A 9 -4.94 9.27 -11.66
CA LEU A 9 -3.79 8.41 -11.47
C LEU A 9 -3.95 7.63 -10.16
N GLU A 10 -4.31 8.37 -9.12
CA GLU A 10 -4.50 7.77 -7.80
C GLU A 10 -5.15 6.39 -7.95
N ASN A 11 -6.40 6.39 -8.37
CA ASN A 11 -7.14 5.16 -8.55
C ASN A 11 -6.26 4.15 -9.29
N ASP A 12 -5.51 4.67 -10.25
CA ASP A 12 -4.63 3.84 -11.05
C ASP A 12 -3.67 3.10 -10.13
N ILE A 13 -3.02 3.87 -9.27
CA ILE A 13 -2.07 3.31 -8.33
C ILE A 13 -2.78 2.29 -7.43
N ILE A 14 -4.03 2.58 -7.13
CA ILE A 14 -4.83 1.71 -6.28
C ILE A 14 -5.01 0.36 -6.99
N ARG A 15 -5.35 0.44 -8.27
CA ARG A 15 -5.55 -0.76 -9.07
C ARG A 15 -4.23 -1.48 -9.29
N LEU A 16 -3.15 -0.73 -9.17
CA LEU A 16 -1.82 -1.28 -9.35
C LEU A 16 -1.54 -2.30 -8.24
N ILE A 17 -1.63 -1.82 -7.01
CA ILE A 17 -1.39 -2.68 -5.85
C ILE A 17 -2.33 -3.88 -5.92
N ASN A 18 -3.52 -3.64 -6.45
CA ASN A 18 -4.52 -4.69 -6.56
C ASN A 18 -4.04 -5.73 -7.57
N ARG A 19 -3.49 -5.23 -8.67
CA ARG A 19 -2.99 -6.10 -9.72
C ARG A 19 -1.99 -7.10 -9.15
N THR A 20 -1.21 -6.62 -8.19
CA THR A 20 -0.21 -7.46 -7.55
C THR A 20 -0.86 -8.39 -6.53
N VAL A 21 -1.85 -7.86 -5.83
CA VAL A 21 -2.57 -8.63 -4.83
C VAL A 21 -3.40 -9.72 -5.52
N ILE A 22 -3.44 -9.63 -6.84
CA ILE A 22 -4.18 -10.59 -7.64
C ILE A 22 -3.86 -12.01 -7.15
N HIS A 23 -2.57 -12.35 -7.26
CA HIS A 23 -2.12 -13.67 -6.84
C HIS A 23 -0.67 -13.58 -6.36
N GLU A 24 -0.31 -12.40 -5.88
CA GLU A 24 1.04 -12.17 -5.40
C GLU A 24 1.01 -11.71 -3.94
N ILE A 25 0.03 -12.22 -3.21
CA ILE A 25 -0.13 -11.88 -1.81
C ILE A 25 -0.63 -13.09 -1.04
N TYR A 26 0.31 -13.80 -0.44
CA TYR A 26 -0.02 -14.99 0.33
C TYR A 26 -1.36 -14.81 1.05
N ASN A 27 -2.41 -15.31 0.42
CA ASN A 27 -3.74 -15.21 0.99
C ASN A 27 -4.33 -13.82 0.69
N GLU A 28 -5.55 -13.83 0.19
CA GLU A 28 -6.23 -12.58 -0.14
C GLU A 28 -6.55 -11.80 1.13
N THR A 29 -5.49 -11.43 1.84
CA THR A 29 -5.63 -10.68 3.07
C THR A 29 -5.67 -9.17 2.78
N VAL A 30 -4.49 -8.63 2.50
CA VAL A 30 -4.38 -7.21 2.19
C VAL A 30 -5.39 -6.85 1.11
N LYS A 31 -5.82 -7.86 0.36
CA LYS A 31 -6.77 -7.65 -0.71
C LYS A 31 -8.06 -7.06 -0.12
N THR A 32 -8.18 -7.15 1.19
CA THR A 32 -9.34 -6.63 1.88
C THR A 32 -9.09 -5.20 2.36
N GLY A 33 -7.84 -4.95 2.71
CA GLY A 33 -7.45 -3.63 3.19
C GLY A 33 -7.70 -2.56 2.12
N HIS A 34 -7.84 -1.33 2.58
CA HIS A 34 -8.08 -0.22 1.68
C HIS A 34 -7.61 1.09 2.34
N VAL A 35 -6.59 1.68 1.74
CA VAL A 35 -6.05 2.93 2.25
C VAL A 35 -7.11 4.02 2.17
N THR A 36 -7.52 4.31 0.94
CA THR A 36 -8.54 5.33 0.71
C THR A 36 -8.01 6.71 1.13
N HIS A 37 -6.72 6.75 1.42
CA HIS A 37 -6.08 7.99 1.84
C HIS A 37 -4.57 7.87 1.64
N VAL A 38 -4.19 7.32 0.51
CA VAL A 38 -2.78 7.15 0.20
C VAL A 38 -2.17 8.50 -0.16
N LYS A 39 -1.14 8.86 0.59
CA LYS A 39 -0.46 10.14 0.36
C LYS A 39 0.61 9.95 -0.71
N LEU A 40 0.25 10.33 -1.93
CA LEU A 40 1.18 10.22 -3.05
C LEU A 40 1.98 11.51 -3.17
N SER A 41 3.30 11.34 -3.25
CA SER A 41 4.19 12.49 -3.38
C SER A 41 5.48 12.07 -4.09
N ASP A 42 6.04 13.02 -4.83
CA ASP A 42 7.27 12.77 -5.55
C ASP A 42 6.93 12.09 -6.89
N ASP A 43 5.66 12.16 -7.25
CA ASP A 43 5.19 11.57 -8.49
C ASP A 43 4.78 10.11 -8.23
N LEU A 44 5.48 9.50 -7.29
CA LEU A 44 5.19 8.11 -6.94
C LEU A 44 6.32 7.57 -6.05
N LEU A 45 7.51 8.11 -6.28
CA LEU A 45 8.67 7.69 -5.51
C LEU A 45 8.24 7.39 -4.06
N HIS A 46 7.32 8.21 -3.58
CA HIS A 46 6.82 8.05 -2.22
C HIS A 46 5.31 7.79 -2.26
N VAL A 47 4.92 6.70 -1.63
CA VAL A 47 3.51 6.33 -1.58
C VAL A 47 3.16 5.86 -0.17
N THR A 48 2.57 6.77 0.59
CA THR A 48 2.18 6.46 1.95
C THR A 48 0.80 5.81 1.98
N VAL A 49 0.80 4.53 2.35
CA VAL A 49 -0.45 3.78 2.42
C VAL A 49 -0.82 3.55 3.88
N TYR A 50 -1.71 4.40 4.39
CA TYR A 50 -2.15 4.29 5.76
C TYR A 50 -2.98 3.02 5.98
N LEU A 51 -3.62 2.59 4.91
CA LEU A 51 -4.45 1.39 4.97
C LEU A 51 -5.68 1.67 5.84
N ASP A 52 -6.81 1.15 5.39
CA ASP A 52 -8.05 1.32 6.12
C ASP A 52 -8.93 0.08 5.94
N CYS A 53 -8.40 -1.05 6.40
CA CYS A 53 -9.12 -2.30 6.29
C CYS A 53 -10.43 -2.18 7.08
N TYR A 54 -10.99 -3.33 7.41
CA TYR A 54 -12.24 -3.36 8.16
C TYR A 54 -12.29 -2.22 9.18
N ASN A 55 -11.45 -2.34 10.20
CA ASN A 55 -11.39 -1.33 11.24
C ASN A 55 -10.14 -1.55 12.08
N ARG A 56 -9.90 -2.81 12.41
CA ARG A 56 -8.74 -3.17 13.21
C ARG A 56 -8.67 -4.69 13.38
N GLU A 57 -9.83 -5.30 13.50
CA GLU A 57 -9.92 -6.75 13.68
C GLU A 57 -9.35 -7.46 12.44
N GLN A 58 -9.20 -6.68 11.37
CA GLN A 58 -8.67 -7.23 10.13
C GLN A 58 -7.27 -6.67 9.86
N ILE A 59 -7.10 -5.40 10.20
CA ILE A 59 -5.82 -4.74 9.99
C ILE A 59 -4.70 -5.69 10.40
N ASP A 60 -4.79 -6.19 11.62
CA ASP A 60 -3.79 -7.10 12.14
C ASP A 60 -3.39 -8.09 11.04
N ARG A 61 -4.39 -8.52 10.29
CA ARG A 61 -4.17 -9.45 9.21
C ARG A 61 -3.59 -8.73 7.99
N VAL A 62 -4.22 -7.62 7.65
CA VAL A 62 -3.78 -6.83 6.51
C VAL A 62 -2.37 -6.29 6.78
N VAL A 63 -2.31 -5.38 7.75
CA VAL A 63 -1.03 -4.78 8.11
C VAL A 63 0.02 -5.88 8.29
N GLY A 64 -0.41 -6.96 8.92
CA GLY A 64 0.48 -8.09 9.15
C GLY A 64 1.01 -8.66 7.83
N ALA A 65 0.14 -8.65 6.83
CA ALA A 65 0.51 -9.16 5.51
C ALA A 65 1.37 -8.12 4.80
N PHE A 66 0.96 -6.87 4.93
CA PHE A 66 1.68 -5.78 4.31
C PHE A 66 3.16 -5.76 4.73
N ASN A 67 3.39 -6.32 5.90
CA ASN A 67 4.74 -6.39 6.44
C ASN A 67 5.52 -7.51 5.74
N GLN A 68 5.35 -7.56 4.42
CA GLN A 68 6.03 -8.57 3.62
C GLN A 68 5.59 -8.47 2.16
N ALA A 69 4.38 -7.97 1.98
CA ALA A 69 3.84 -7.82 0.63
C ALA A 69 4.48 -6.61 -0.04
N LYS A 70 4.96 -5.69 0.79
CA LYS A 70 5.60 -4.49 0.30
C LYS A 70 6.55 -4.85 -0.83
N GLY A 71 7.01 -6.10 -0.80
CA GLY A 71 7.93 -6.59 -1.81
C GLY A 71 7.30 -6.50 -3.21
N VAL A 72 6.08 -7.01 -3.31
CA VAL A 72 5.37 -7.00 -4.58
C VAL A 72 4.88 -5.58 -4.86
N PHE A 73 4.42 -4.92 -3.81
CA PHE A 73 3.92 -3.56 -3.93
C PHE A 73 4.96 -2.64 -4.57
N SER A 74 6.12 -2.57 -3.92
CA SER A 74 7.21 -1.74 -4.40
C SER A 74 7.68 -2.24 -5.77
N ARG A 75 7.52 -3.54 -5.97
CA ARG A 75 7.92 -4.15 -7.23
C ARG A 75 7.00 -3.70 -8.36
N VAL A 76 5.82 -3.23 -7.98
CA VAL A 76 4.83 -2.76 -8.94
C VAL A 76 5.35 -1.48 -9.59
N LEU A 77 5.53 -0.46 -8.76
CA LEU A 77 6.01 0.82 -9.24
C LEU A 77 7.41 0.65 -9.84
N ALA A 78 8.08 -0.42 -9.41
CA ALA A 78 9.42 -0.71 -9.89
C ALA A 78 9.35 -1.08 -11.37
N HIS A 79 8.50 -2.05 -11.67
CA HIS A 79 8.34 -2.50 -13.04
C HIS A 79 8.30 -1.29 -13.98
N ASN A 80 7.83 -0.18 -13.43
CA ASN A 80 7.74 1.05 -14.20
C ASN A 80 9.12 1.68 -14.33
N LEU A 81 9.75 1.89 -13.19
CA LEU A 81 11.07 2.49 -13.15
C LEU A 81 12.06 1.50 -12.52
N TYR A 82 11.78 1.16 -11.26
CA TYR A 82 12.63 0.23 -10.53
C TYR A 82 14.07 0.72 -10.49
N LEU A 83 14.51 1.07 -9.29
CA LEU A 83 15.87 1.57 -9.10
C LEU A 83 16.21 1.51 -7.61
N ALA A 84 17.50 1.69 -7.34
CA ALA A 84 17.97 1.67 -5.96
C ALA A 84 16.94 2.33 -5.06
N LYS A 85 16.34 3.40 -5.57
CA LYS A 85 15.34 4.13 -4.81
C LYS A 85 14.45 4.92 -5.78
N ALA A 86 13.84 4.19 -6.71
CA ALA A 86 12.98 4.82 -7.69
C ALA A 86 11.54 4.84 -7.17
N VAL A 87 11.21 3.81 -6.40
CA VAL A 87 9.88 3.70 -5.83
C VAL A 87 9.94 2.82 -4.58
N GLN A 88 8.82 2.79 -3.86
CA GLN A 88 8.74 2.00 -2.65
C GLN A 88 7.52 2.43 -1.82
N ILE A 89 6.55 1.52 -1.75
CA ILE A 89 5.33 1.79 -1.01
C ILE A 89 5.63 1.70 0.49
N HIS A 90 5.35 2.80 1.19
CA HIS A 90 5.59 2.86 2.62
C HIS A 90 4.27 2.62 3.36
N PHE A 91 4.33 1.69 4.31
CA PHE A 91 3.16 1.34 5.09
C PHE A 91 2.94 2.37 6.22
N VAL A 92 1.68 2.73 6.41
CA VAL A 92 1.33 3.69 7.44
C VAL A 92 0.04 3.23 8.13
N LYS A 93 -0.21 3.82 9.29
CA LYS A 93 -1.39 3.49 10.06
C LYS A 93 -1.84 4.72 10.86
N ASP A 94 -0.87 5.34 11.52
CA ASP A 94 -1.15 6.52 12.31
C ASP A 94 0.17 7.20 12.69
N LYS A 95 0.93 7.56 11.65
CA LYS A 95 2.21 8.22 11.86
C LYS A 95 2.00 9.73 11.91
N ALA A 96 0.74 10.12 12.10
CA ALA A 96 0.39 11.53 12.16
C ALA A 96 0.70 12.06 13.57
N ILE A 97 0.31 11.26 14.56
CA ILE A 97 0.53 11.64 15.94
C ILE A 97 1.94 11.20 16.36
N ASP A 98 2.90 11.55 15.54
CA ASP A 98 4.29 11.20 15.80
C ASP A 98 4.86 12.16 16.85
N ASN A 99 4.06 12.42 17.87
CA ASN A 99 4.47 13.31 18.94
C ASN A 99 4.10 12.70 20.29
N ALA A 100 2.89 12.18 20.35
CA ALA A 100 2.40 11.56 21.57
C ALA A 100 1.49 10.37 21.21
N MET A 101 1.26 9.52 22.20
CA MET A 101 0.43 8.35 22.00
C MET A 101 0.33 7.53 23.29
N LYS A 6 -12.50 8.36 -10.84
CA LYS A 6 -11.46 7.35 -10.77
C LYS A 6 -10.24 7.93 -10.03
N GLU A 7 -10.54 8.79 -9.08
CA GLU A 7 -9.50 9.42 -8.29
C GLU A 7 -8.23 9.60 -9.13
N ARG A 8 -8.44 9.97 -10.38
CA ARG A 8 -7.33 10.18 -11.30
C ARG A 8 -6.25 9.12 -11.08
N LEU A 9 -5.01 9.52 -11.30
CA LEU A 9 -3.88 8.61 -11.12
C LEU A 9 -3.95 7.99 -9.73
N GLU A 10 -4.29 8.81 -8.75
CA GLU A 10 -4.40 8.35 -7.39
C GLU A 10 -5.01 6.95 -7.34
N ASN A 11 -6.24 6.85 -7.82
CA ASN A 11 -6.93 5.58 -7.85
C ASN A 11 -6.10 4.56 -8.62
N ASP A 12 -5.76 4.92 -9.85
CA ASP A 12 -4.97 4.05 -10.69
C ASP A 12 -3.93 3.33 -9.84
N ILE A 13 -3.23 4.11 -9.03
CA ILE A 13 -2.21 3.56 -8.16
C ILE A 13 -2.84 2.58 -7.18
N ILE A 14 -3.88 3.06 -6.51
CA ILE A 14 -4.60 2.25 -5.54
C ILE A 14 -4.94 0.89 -6.17
N ARG A 15 -5.70 0.96 -7.25
CA ARG A 15 -6.11 -0.25 -7.95
C ARG A 15 -4.87 -1.01 -8.45
N LEU A 16 -3.75 -0.30 -8.46
CA LEU A 16 -2.51 -0.90 -8.92
C LEU A 16 -2.10 -2.02 -7.96
N ILE A 17 -1.76 -1.62 -6.74
CA ILE A 17 -1.36 -2.57 -5.73
C ILE A 17 -2.41 -3.67 -5.61
N ASN A 18 -3.65 -3.28 -5.86
CA ASN A 18 -4.76 -4.24 -5.79
C ASN A 18 -4.59 -5.29 -6.89
N ARG A 19 -4.42 -4.81 -8.11
CA ARG A 19 -4.23 -5.70 -9.25
C ARG A 19 -3.21 -6.78 -8.92
N THR A 20 -2.21 -6.39 -8.14
CA THR A 20 -1.16 -7.32 -7.76
C THR A 20 -1.66 -8.24 -6.63
N VAL A 21 -2.09 -7.62 -5.55
CA VAL A 21 -2.60 -8.39 -4.41
C VAL A 21 -3.34 -9.61 -4.91
N ILE A 22 -3.88 -9.49 -6.12
CA ILE A 22 -4.62 -10.58 -6.73
C ILE A 22 -3.85 -11.89 -6.54
N HIS A 23 -3.06 -12.23 -7.54
CA HIS A 23 -2.28 -13.45 -7.50
C HIS A 23 -0.86 -13.12 -7.04
N GLU A 24 -0.78 -12.32 -5.99
CA GLU A 24 0.51 -11.92 -5.43
C GLU A 24 0.51 -12.11 -3.92
N ILE A 25 -0.34 -11.33 -3.25
CA ILE A 25 -0.43 -11.41 -1.81
C ILE A 25 -1.17 -12.68 -1.41
N TYR A 26 -0.57 -13.81 -1.74
CA TYR A 26 -1.16 -15.10 -1.44
C TYR A 26 -1.68 -15.13 0.01
N ASN A 27 -2.98 -14.93 0.14
CA ASN A 27 -3.60 -14.94 1.45
C ASN A 27 -4.86 -14.08 1.42
N GLU A 28 -4.96 -13.26 0.37
CA GLU A 28 -6.11 -12.38 0.20
C GLU A 28 -6.36 -11.59 1.49
N THR A 29 -5.28 -11.30 2.19
CA THR A 29 -5.38 -10.55 3.43
C THR A 29 -5.51 -9.05 3.15
N VAL A 30 -4.41 -8.48 2.70
CA VAL A 30 -4.38 -7.06 2.39
C VAL A 30 -5.46 -6.75 1.35
N LYS A 31 -6.00 -7.81 0.76
CA LYS A 31 -7.02 -7.67 -0.24
C LYS A 31 -8.29 -7.07 0.40
N THR A 32 -8.22 -6.92 1.72
CA THR A 32 -9.34 -6.36 2.47
C THR A 32 -9.10 -4.88 2.75
N GLY A 33 -7.84 -4.54 2.95
CA GLY A 33 -7.47 -3.16 3.24
C GLY A 33 -8.01 -2.22 2.16
N HIS A 34 -7.09 -1.72 1.34
CA HIS A 34 -7.46 -0.81 0.27
C HIS A 34 -7.50 0.63 0.81
N VAL A 35 -6.51 1.41 0.38
CA VAL A 35 -6.41 2.79 0.79
C VAL A 35 -7.68 3.54 0.37
N THR A 36 -7.99 4.58 1.12
CA THR A 36 -9.16 5.39 0.82
C THR A 36 -8.75 6.82 0.47
N HIS A 37 -7.45 7.06 0.56
CA HIS A 37 -6.91 8.38 0.26
C HIS A 37 -5.54 8.24 -0.40
N VAL A 38 -4.60 7.71 0.37
CA VAL A 38 -3.26 7.51 -0.12
C VAL A 38 -2.56 8.86 -0.23
N LYS A 39 -1.44 8.98 0.49
CA LYS A 39 -0.68 10.21 0.50
C LYS A 39 0.57 10.04 -0.38
N LEU A 40 0.47 10.52 -1.60
CA LEU A 40 1.57 10.42 -2.55
C LEU A 40 2.70 11.35 -2.10
N SER A 41 3.89 11.06 -2.59
CA SER A 41 5.06 11.86 -2.26
C SER A 41 6.10 11.78 -3.38
N ASP A 42 6.48 12.96 -3.87
CA ASP A 42 7.46 13.03 -4.93
C ASP A 42 6.76 12.77 -6.28
N ASP A 43 6.40 11.51 -6.48
CA ASP A 43 5.73 11.12 -7.71
C ASP A 43 5.21 9.69 -7.57
N LEU A 44 6.13 8.79 -7.26
CA LEU A 44 5.78 7.39 -7.10
C LEU A 44 6.83 6.71 -6.21
N LEU A 45 7.56 7.53 -5.47
CA LEU A 45 8.59 7.02 -4.59
C LEU A 45 7.97 6.69 -3.23
N HIS A 46 7.41 7.73 -2.61
CA HIS A 46 6.78 7.56 -1.30
C HIS A 46 5.26 7.53 -1.47
N VAL A 47 4.69 6.38 -1.14
CA VAL A 47 3.25 6.20 -1.25
C VAL A 47 2.69 5.78 0.11
N THR A 48 2.09 6.75 0.80
CA THR A 48 1.52 6.49 2.11
C THR A 48 0.15 5.82 1.97
N VAL A 49 0.19 4.50 1.98
CA VAL A 49 -1.04 3.72 1.85
C VAL A 49 -1.61 3.44 3.24
N TYR A 50 -2.83 3.93 3.45
CA TYR A 50 -3.50 3.74 4.73
C TYR A 50 -4.05 2.33 4.85
N LEU A 51 -4.49 1.79 3.73
CA LEU A 51 -5.04 0.45 3.70
C LEU A 51 -6.52 0.50 4.12
N ASP A 52 -6.76 1.19 5.22
CA ASP A 52 -8.11 1.32 5.74
C ASP A 52 -8.80 -0.04 5.72
N CYS A 53 -8.21 -0.98 6.46
CA CYS A 53 -8.76 -2.32 6.53
C CYS A 53 -9.85 -2.34 7.61
N TYR A 54 -11.02 -1.86 7.22
CA TYR A 54 -12.15 -1.81 8.13
C TYR A 54 -11.70 -1.43 9.55
N ASN A 55 -11.35 -0.17 9.69
CA ASN A 55 -10.90 0.34 10.98
C ASN A 55 -9.52 -0.24 11.29
N ARG A 56 -9.55 -1.44 11.85
CA ARG A 56 -8.31 -2.12 12.21
C ARG A 56 -8.62 -3.47 12.88
N GLU A 57 -9.67 -4.11 12.39
CA GLU A 57 -10.08 -5.40 12.92
C GLU A 57 -9.25 -6.52 12.29
N GLN A 58 -8.67 -6.20 11.15
CA GLN A 58 -7.84 -7.17 10.43
C GLN A 58 -6.49 -6.55 10.07
N ILE A 59 -6.30 -5.32 10.52
CA ILE A 59 -5.06 -4.61 10.25
C ILE A 59 -3.87 -5.53 10.53
N ASP A 60 -3.87 -6.08 11.74
CA ASP A 60 -2.80 -6.99 12.14
C ASP A 60 -2.48 -7.94 10.99
N ARG A 61 -3.53 -8.34 10.29
CA ARG A 61 -3.38 -9.25 9.17
C ARG A 61 -2.91 -8.49 7.93
N VAL A 62 -3.59 -7.39 7.66
CA VAL A 62 -3.25 -6.57 6.51
C VAL A 62 -1.85 -6.01 6.68
N VAL A 63 -1.71 -5.13 7.66
CA VAL A 63 -0.43 -4.51 7.95
C VAL A 63 0.66 -5.59 7.99
N GLY A 64 0.34 -6.67 8.70
CA GLY A 64 1.27 -7.78 8.82
C GLY A 64 1.63 -8.35 7.46
N ALA A 65 0.64 -8.40 6.59
CA ALA A 65 0.83 -8.92 5.25
C ALA A 65 1.55 -7.86 4.39
N PHE A 66 1.15 -6.62 4.59
CA PHE A 66 1.74 -5.52 3.85
C PHE A 66 3.26 -5.49 4.04
N ASN A 67 3.70 -6.07 5.14
CA ASN A 67 5.12 -6.11 5.44
C ASN A 67 5.85 -6.89 4.35
N GLN A 68 5.50 -8.16 4.23
CA GLN A 68 6.11 -9.02 3.24
C GLN A 68 5.59 -8.66 1.84
N ALA A 69 4.67 -7.72 1.82
CA ALA A 69 4.08 -7.28 0.55
C ALA A 69 5.04 -6.27 -0.11
N LYS A 70 5.78 -5.57 0.71
CA LYS A 70 6.72 -4.58 0.22
C LYS A 70 7.43 -5.13 -1.02
N GLY A 71 7.52 -6.45 -1.06
CA GLY A 71 8.17 -7.11 -2.17
C GLY A 71 7.36 -6.94 -3.47
N VAL A 72 6.13 -7.45 -3.42
CA VAL A 72 5.25 -7.37 -4.57
C VAL A 72 4.96 -5.89 -4.88
N PHE A 73 4.61 -5.16 -3.83
CA PHE A 73 4.32 -3.75 -3.97
C PHE A 73 5.50 -2.99 -4.60
N SER A 74 6.63 -3.07 -3.91
CA SER A 74 7.83 -2.40 -4.39
C SER A 74 8.19 -2.90 -5.78
N ARG A 75 7.73 -4.11 -6.08
CA ARG A 75 8.00 -4.71 -7.38
C ARG A 75 7.09 -4.09 -8.45
N VAL A 76 5.90 -3.68 -8.01
CA VAL A 76 4.94 -3.08 -8.91
C VAL A 76 5.58 -1.87 -9.59
N LEU A 77 6.09 -0.97 -8.77
CA LEU A 77 6.72 0.23 -9.29
C LEU A 77 8.05 -0.14 -9.94
N ALA A 78 8.67 -1.18 -9.41
CA ALA A 78 9.94 -1.64 -9.94
C ALA A 78 9.78 -1.99 -11.42
N HIS A 79 8.65 -2.59 -11.74
CA HIS A 79 8.36 -2.97 -13.12
C HIS A 79 8.86 -1.87 -14.05
N ASN A 80 8.84 -0.65 -13.55
CA ASN A 80 9.28 0.50 -14.34
C ASN A 80 10.66 0.94 -13.86
N LEU A 81 10.67 1.62 -12.73
CA LEU A 81 11.91 2.11 -12.15
C LEU A 81 12.78 0.91 -11.76
N TYR A 82 14.09 1.12 -11.85
CA TYR A 82 15.04 0.07 -11.51
C TYR A 82 16.23 0.64 -10.74
N LEU A 83 15.93 1.65 -9.92
CA LEU A 83 16.97 2.28 -9.13
C LEU A 83 16.72 1.99 -7.65
N ALA A 84 17.77 2.14 -6.85
CA ALA A 84 17.68 1.90 -5.43
C ALA A 84 16.41 2.56 -4.88
N LYS A 85 16.54 3.84 -4.55
CA LYS A 85 15.41 4.59 -4.02
C LYS A 85 14.56 5.10 -5.18
N ALA A 86 14.18 4.17 -6.04
CA ALA A 86 13.37 4.51 -7.20
C ALA A 86 11.89 4.36 -6.83
N VAL A 87 11.63 3.43 -5.92
CA VAL A 87 10.27 3.18 -5.47
C VAL A 87 10.30 2.68 -4.02
N GLN A 88 9.11 2.62 -3.42
CA GLN A 88 8.99 2.16 -2.06
C GLN A 88 7.64 2.60 -1.47
N ILE A 89 6.71 1.66 -1.46
CA ILE A 89 5.38 1.92 -0.93
C ILE A 89 5.45 1.98 0.59
N HIS A 90 4.91 3.07 1.13
CA HIS A 90 4.90 3.27 2.57
C HIS A 90 3.58 2.75 3.15
N PHE A 91 3.70 2.05 4.27
CA PHE A 91 2.53 1.50 4.93
C PHE A 91 2.09 2.39 6.10
N VAL A 92 0.79 2.63 6.16
CA VAL A 92 0.23 3.47 7.20
C VAL A 92 -1.17 2.95 7.56
N LYS A 93 -1.67 3.43 8.68
CA LYS A 93 -2.99 3.03 9.15
C LYS A 93 -3.73 4.26 9.69
N ASP A 94 -3.01 5.02 10.51
CA ASP A 94 -3.58 6.22 11.11
C ASP A 94 -2.48 6.99 11.84
N LYS A 95 -1.33 7.05 11.19
CA LYS A 95 -0.20 7.76 11.76
C LYS A 95 -0.52 9.24 11.87
N ALA A 96 -1.44 9.68 11.02
CA ALA A 96 -1.86 11.07 11.00
C ALA A 96 -2.87 11.31 12.11
N ILE A 97 -2.98 10.33 12.99
CA ILE A 97 -3.91 10.42 14.11
C ILE A 97 -5.29 10.81 13.57
N ASP A 98 -5.69 10.13 12.51
CA ASP A 98 -6.99 10.40 11.90
C ASP A 98 -8.07 9.61 12.65
N ASN A 99 -7.96 9.65 13.97
CA ASN A 99 -8.92 8.96 14.81
C ASN A 99 -8.82 9.49 16.24
N ALA A 100 -7.58 9.66 16.69
CA ALA A 100 -7.33 10.16 18.03
C ALA A 100 -7.49 9.02 19.03
N MET A 101 -6.87 9.20 20.19
CA MET A 101 -6.93 8.20 21.24
C MET A 101 -8.31 8.18 21.90
N LYS A 6 -10.17 9.61 -6.83
CA LYS A 6 -10.19 10.63 -7.85
C LYS A 6 -8.83 10.66 -8.56
N GLU A 7 -8.87 11.13 -9.81
CA GLU A 7 -7.65 11.22 -10.60
C GLU A 7 -7.45 9.92 -11.39
N ARG A 8 -6.88 10.08 -12.58
CA ARG A 8 -6.62 8.93 -13.44
C ARG A 8 -5.39 8.16 -12.95
N LEU A 9 -4.25 8.81 -13.06
CA LEU A 9 -3.00 8.20 -12.64
C LEU A 9 -3.15 7.68 -11.20
N GLU A 10 -3.46 8.60 -10.30
CA GLU A 10 -3.64 8.25 -8.91
C GLU A 10 -4.47 6.97 -8.78
N ASN A 11 -5.65 7.01 -9.38
CA ASN A 11 -6.55 5.87 -9.35
C ASN A 11 -5.84 4.66 -9.95
N ASP A 12 -4.93 4.93 -10.85
CA ASP A 12 -4.17 3.87 -11.50
C ASP A 12 -3.22 3.23 -10.50
N ILE A 13 -2.69 4.06 -9.62
CA ILE A 13 -1.76 3.59 -8.60
C ILE A 13 -2.53 2.78 -7.56
N ILE A 14 -3.60 3.38 -7.04
CA ILE A 14 -4.43 2.73 -6.04
C ILE A 14 -4.94 1.40 -6.61
N ARG A 15 -5.45 1.46 -7.83
CA ARG A 15 -5.97 0.28 -8.49
C ARG A 15 -4.84 -0.68 -8.82
N LEU A 16 -3.63 -0.13 -8.88
CA LEU A 16 -2.46 -0.93 -9.19
C LEU A 16 -2.26 -1.99 -8.11
N ILE A 17 -2.16 -1.51 -6.88
CA ILE A 17 -1.97 -2.40 -5.75
C ILE A 17 -3.13 -3.41 -5.70
N ASN A 18 -4.32 -2.90 -5.94
CA ASN A 18 -5.51 -3.74 -5.93
C ASN A 18 -5.33 -4.89 -6.93
N ARG A 19 -5.31 -4.52 -8.21
CA ARG A 19 -5.14 -5.49 -9.27
C ARG A 19 -4.08 -6.54 -8.88
N THR A 20 -3.16 -6.10 -8.02
CA THR A 20 -2.11 -6.98 -7.56
C THR A 20 -2.65 -7.96 -6.51
N VAL A 21 -3.07 -7.40 -5.39
CA VAL A 21 -3.61 -8.20 -4.31
C VAL A 21 -4.55 -9.27 -4.89
N ILE A 22 -5.11 -8.95 -6.04
CA ILE A 22 -6.02 -9.88 -6.71
C ILE A 22 -5.28 -11.18 -7.02
N HIS A 23 -4.48 -11.14 -8.07
CA HIS A 23 -3.71 -12.30 -8.48
C HIS A 23 -2.32 -12.25 -7.86
N GLU A 24 -2.26 -11.76 -6.63
CA GLU A 24 -1.00 -11.64 -5.92
C GLU A 24 -1.19 -11.99 -4.44
N ILE A 25 -2.03 -11.20 -3.79
CA ILE A 25 -2.31 -11.41 -2.38
C ILE A 25 -3.68 -12.07 -2.21
N TYR A 26 -4.00 -12.92 -3.18
CA TYR A 26 -5.26 -13.63 -3.17
C TYR A 26 -5.52 -14.27 -1.81
N ASN A 27 -6.76 -14.17 -1.36
CA ASN A 27 -7.15 -14.73 -0.08
C ASN A 27 -5.93 -14.76 0.84
N GLU A 28 -5.46 -13.57 1.19
CA GLU A 28 -4.31 -13.45 2.08
C GLU A 28 -4.68 -12.66 3.33
N THR A 29 -4.81 -11.35 3.15
CA THR A 29 -5.16 -10.48 4.26
C THR A 29 -5.33 -9.04 3.77
N VAL A 30 -4.22 -8.47 3.32
CA VAL A 30 -4.23 -7.10 2.83
C VAL A 30 -5.44 -6.90 1.91
N LYS A 31 -5.91 -8.02 1.35
CA LYS A 31 -7.05 -7.98 0.45
C LYS A 31 -8.27 -7.47 1.22
N THR A 32 -8.06 -7.19 2.50
CA THR A 32 -9.13 -6.69 3.34
C THR A 32 -8.92 -5.21 3.66
N GLY A 33 -7.66 -4.81 3.66
CA GLY A 33 -7.31 -3.43 3.94
C GLY A 33 -7.67 -2.52 2.75
N HIS A 34 -6.68 -2.29 1.91
CA HIS A 34 -6.87 -1.44 0.74
C HIS A 34 -6.56 0.01 1.10
N VAL A 35 -5.83 0.66 0.22
CA VAL A 35 -5.45 2.06 0.43
C VAL A 35 -6.72 2.90 0.56
N THR A 36 -7.56 2.81 -0.45
CA THR A 36 -8.81 3.56 -0.45
C THR A 36 -8.53 5.06 -0.66
N HIS A 37 -7.30 5.45 -0.35
CA HIS A 37 -6.89 6.83 -0.49
C HIS A 37 -5.41 6.96 -0.17
N VAL A 38 -4.58 6.75 -1.18
CA VAL A 38 -3.15 6.85 -1.02
C VAL A 38 -2.74 8.32 -0.91
N LYS A 39 -1.75 8.56 -0.07
CA LYS A 39 -1.27 9.92 0.15
C LYS A 39 0.18 10.02 -0.34
N LEU A 40 0.33 10.42 -1.60
CA LEU A 40 1.65 10.56 -2.18
C LEU A 40 2.53 11.42 -1.27
N SER A 41 3.80 11.06 -1.23
CA SER A 41 4.75 11.78 -0.39
C SER A 41 6.16 11.63 -0.96
N ASP A 42 6.79 12.77 -1.20
CA ASP A 42 8.14 12.79 -1.75
C ASP A 42 8.08 12.50 -3.25
N ASP A 43 6.90 12.70 -3.81
CA ASP A 43 6.70 12.47 -5.23
C ASP A 43 6.27 11.01 -5.45
N LEU A 44 6.80 10.14 -4.60
CA LEU A 44 6.49 8.73 -4.70
C LEU A 44 7.39 7.95 -3.75
N LEU A 45 8.62 8.45 -3.62
CA LEU A 45 9.60 7.81 -2.74
C LEU A 45 8.90 7.32 -1.48
N HIS A 46 7.85 8.04 -1.09
CA HIS A 46 7.09 7.68 0.10
C HIS A 46 5.60 7.65 -0.24
N VAL A 47 5.10 6.45 -0.51
CA VAL A 47 3.70 6.28 -0.84
C VAL A 47 2.93 5.86 0.41
N THR A 48 2.16 6.80 0.94
CA THR A 48 1.37 6.55 2.12
C THR A 48 0.10 5.79 1.77
N VAL A 49 0.16 4.47 1.97
CA VAL A 49 -0.97 3.62 1.67
C VAL A 49 -1.89 3.53 2.90
N TYR A 50 -3.16 3.78 2.66
CA TYR A 50 -4.14 3.75 3.73
C TYR A 50 -4.91 2.43 3.73
N LEU A 51 -4.18 1.34 3.99
CA LEU A 51 -4.79 0.02 4.01
C LEU A 51 -6.18 0.12 4.63
N ASP A 52 -6.30 1.01 5.60
CA ASP A 52 -7.57 1.20 6.28
C ASP A 52 -8.23 -0.16 6.52
N CYS A 53 -7.53 -0.99 7.28
CA CYS A 53 -8.03 -2.31 7.59
C CYS A 53 -9.42 -2.17 8.21
N TYR A 54 -10.00 -3.31 8.58
CA TYR A 54 -11.32 -3.32 9.18
C TYR A 54 -11.52 -2.11 10.10
N ASN A 55 -10.58 -1.95 11.02
CA ASN A 55 -10.64 -0.85 11.96
C ASN A 55 -9.22 -0.52 12.45
N ARG A 56 -8.57 -1.54 13.01
CA ARG A 56 -7.22 -1.38 13.51
C ARG A 56 -6.71 -2.70 14.09
N GLU A 57 -7.63 -3.42 14.72
CA GLU A 57 -7.28 -4.71 15.32
C GLU A 57 -6.91 -5.72 14.23
N GLN A 58 -7.16 -5.32 13.00
CA GLN A 58 -6.86 -6.18 11.86
C GLN A 58 -5.57 -5.73 11.18
N ILE A 59 -5.22 -4.48 11.42
CA ILE A 59 -4.01 -3.90 10.84
C ILE A 59 -2.85 -4.89 11.04
N ASP A 60 -2.67 -5.29 12.29
CA ASP A 60 -1.59 -6.21 12.63
C ASP A 60 -1.51 -7.29 11.54
N ARG A 61 -2.67 -7.67 11.04
CA ARG A 61 -2.73 -8.70 10.01
C ARG A 61 -2.38 -8.09 8.64
N VAL A 62 -3.09 -7.02 8.30
CA VAL A 62 -2.86 -6.34 7.04
C VAL A 62 -1.42 -5.83 6.99
N VAL A 63 -1.13 -4.88 7.87
CA VAL A 63 0.20 -4.30 7.93
C VAL A 63 1.24 -5.43 8.01
N GLY A 64 0.94 -6.41 8.84
CA GLY A 64 1.84 -7.54 9.01
C GLY A 64 1.99 -8.32 7.69
N ALA A 65 0.92 -8.33 6.93
CA ALA A 65 0.92 -9.03 5.64
C ALA A 65 1.67 -8.19 4.61
N PHE A 66 1.40 -6.89 4.64
CA PHE A 66 2.04 -5.97 3.72
C PHE A 66 3.57 -6.07 3.82
N ASN A 67 4.03 -6.48 4.99
CA ASN A 67 5.45 -6.62 5.22
C ASN A 67 6.02 -7.66 4.26
N GLN A 68 5.43 -8.84 4.30
CA GLN A 68 5.88 -9.94 3.44
C GLN A 68 5.38 -9.71 2.01
N ALA A 69 4.46 -8.77 1.88
CA ALA A 69 3.89 -8.46 0.59
C ALA A 69 4.48 -7.14 0.07
N LYS A 70 5.51 -6.69 0.77
CA LYS A 70 6.18 -5.45 0.40
C LYS A 70 6.94 -5.65 -0.91
N GLY A 71 6.98 -6.90 -1.34
CA GLY A 71 7.67 -7.25 -2.57
C GLY A 71 6.81 -6.89 -3.80
N VAL A 72 5.64 -7.49 -3.87
CA VAL A 72 4.74 -7.25 -4.98
C VAL A 72 4.44 -5.75 -5.06
N PHE A 73 3.89 -5.23 -3.98
CA PHE A 73 3.54 -3.82 -3.91
C PHE A 73 4.71 -2.95 -4.39
N SER A 74 5.86 -3.19 -3.78
CA SER A 74 7.06 -2.45 -4.14
C SER A 74 7.37 -2.62 -5.62
N ARG A 75 7.05 -3.80 -6.13
CA ARG A 75 7.29 -4.10 -7.53
C ARG A 75 6.48 -3.16 -8.42
N VAL A 76 5.30 -2.79 -7.93
CA VAL A 76 4.44 -1.90 -8.68
C VAL A 76 5.24 -0.68 -9.14
N LEU A 77 5.86 -0.02 -8.17
CA LEU A 77 6.66 1.16 -8.47
C LEU A 77 7.94 0.74 -9.20
N ALA A 78 8.46 -0.42 -8.80
CA ALA A 78 9.66 -0.95 -9.40
C ALA A 78 9.55 -0.87 -10.93
N HIS A 79 8.39 -1.29 -11.42
CA HIS A 79 8.15 -1.27 -12.85
C HIS A 79 8.55 0.09 -13.42
N ASN A 80 8.49 1.10 -12.57
CA ASN A 80 8.85 2.44 -12.98
C ASN A 80 10.34 2.67 -12.72
N LEU A 81 10.70 2.60 -11.44
CA LEU A 81 12.09 2.79 -11.06
C LEU A 81 12.81 1.44 -11.07
N TYR A 82 13.04 0.91 -9.88
CA TYR A 82 13.72 -0.37 -9.75
C TYR A 82 14.11 -0.64 -8.30
N LEU A 83 14.92 0.26 -7.75
CA LEU A 83 15.37 0.13 -6.38
C LEU A 83 14.19 0.42 -5.44
N ALA A 84 14.27 -0.18 -4.26
CA ALA A 84 13.23 0.00 -3.25
C ALA A 84 13.43 1.34 -2.55
N LYS A 85 14.68 1.57 -2.16
CA LYS A 85 15.04 2.81 -1.47
C LYS A 85 14.71 4.00 -2.38
N ALA A 86 14.67 3.73 -3.66
CA ALA A 86 14.38 4.77 -4.65
C ALA A 86 12.85 4.95 -4.75
N VAL A 87 12.14 3.93 -4.31
CA VAL A 87 10.69 3.95 -4.35
C VAL A 87 10.14 2.67 -3.71
N GLN A 88 9.04 2.85 -2.99
CA GLN A 88 8.41 1.72 -2.31
C GLN A 88 7.11 2.16 -1.63
N ILE A 89 6.19 1.22 -1.50
CA ILE A 89 4.91 1.51 -0.87
C ILE A 89 5.10 1.49 0.65
N HIS A 90 4.83 2.63 1.26
CA HIS A 90 4.95 2.76 2.70
C HIS A 90 3.59 2.51 3.36
N PHE A 91 3.62 1.66 4.38
CA PHE A 91 2.40 1.33 5.10
C PHE A 91 2.08 2.39 6.15
N VAL A 92 0.81 2.78 6.20
CA VAL A 92 0.37 3.78 7.15
C VAL A 92 -0.95 3.32 7.78
N LYS A 93 -1.22 3.87 8.96
CA LYS A 93 -2.43 3.52 9.68
C LYS A 93 -2.89 4.72 10.51
N ASP A 94 -1.93 5.31 11.22
CA ASP A 94 -2.23 6.46 12.05
C ASP A 94 -2.41 7.70 11.16
N LYS A 95 -1.93 7.58 9.93
CA LYS A 95 -2.03 8.67 8.98
C LYS A 95 -1.07 9.79 9.38
N ALA A 96 -1.18 10.20 10.63
CA ALA A 96 -0.33 11.25 11.15
C ALA A 96 -0.30 11.17 12.68
N ILE A 97 0.14 10.03 13.18
CA ILE A 97 0.22 9.81 14.61
C ILE A 97 -1.19 9.86 15.21
N ASP A 98 -2.16 9.53 14.38
CA ASP A 98 -3.56 9.54 14.81
C ASP A 98 -3.85 10.85 15.53
N ASN A 99 -3.48 11.95 14.88
CA ASN A 99 -3.71 13.27 15.45
C ASN A 99 -3.21 14.33 14.47
N ALA A 100 -1.88 14.42 14.36
CA ALA A 100 -1.26 15.38 13.46
C ALA A 100 0.16 14.94 13.15
N MET A 101 0.74 15.57 12.14
CA MET A 101 2.09 15.25 11.73
C MET A 101 2.55 16.16 10.58
N LYS A 6 -13.53 8.08 -10.16
CA LYS A 6 -12.22 7.51 -9.89
C LYS A 6 -11.36 8.53 -9.16
N GLU A 7 -10.11 8.61 -9.58
CA GLU A 7 -9.17 9.54 -8.97
C GLU A 7 -7.91 9.66 -9.82
N ARG A 8 -8.13 9.91 -11.11
CA ARG A 8 -7.02 10.05 -12.03
C ARG A 8 -5.92 9.04 -11.72
N LEU A 9 -4.69 9.44 -12.01
CA LEU A 9 -3.54 8.60 -11.74
C LEU A 9 -3.70 7.92 -10.38
N GLU A 10 -4.08 8.74 -9.41
CA GLU A 10 -4.28 8.24 -8.05
C GLU A 10 -4.96 6.88 -8.08
N ASN A 11 -6.22 6.89 -8.51
CA ASN A 11 -6.99 5.66 -8.58
C ASN A 11 -6.16 4.58 -9.28
N ASP A 12 -5.33 5.03 -10.21
CA ASP A 12 -4.47 4.12 -10.94
C ASP A 12 -3.50 3.43 -9.98
N ILE A 13 -2.85 4.25 -9.16
CA ILE A 13 -1.91 3.74 -8.19
C ILE A 13 -2.60 2.74 -7.27
N ILE A 14 -3.83 3.08 -6.90
CA ILE A 14 -4.61 2.22 -6.03
C ILE A 14 -4.90 0.90 -6.75
N ARG A 15 -5.24 1.01 -8.02
CA ARG A 15 -5.54 -0.16 -8.83
C ARG A 15 -4.27 -0.98 -9.06
N LEU A 16 -3.14 -0.32 -8.91
CA LEU A 16 -1.85 -0.97 -9.10
C LEU A 16 -1.65 -2.02 -8.00
N ILE A 17 -1.55 -1.53 -6.77
CA ILE A 17 -1.35 -2.42 -5.64
C ILE A 17 -2.49 -3.45 -5.60
N ASN A 18 -3.61 -3.06 -6.18
CA ASN A 18 -4.77 -3.93 -6.22
C ASN A 18 -4.53 -5.05 -7.24
N ARG A 19 -3.87 -4.68 -8.33
CA ARG A 19 -3.58 -5.63 -9.38
C ARG A 19 -2.57 -6.68 -8.88
N THR A 20 -1.83 -6.29 -7.86
CA THR A 20 -0.83 -7.18 -7.28
C THR A 20 -1.51 -8.26 -6.44
N VAL A 21 -2.28 -7.81 -5.47
CA VAL A 21 -2.99 -8.73 -4.59
C VAL A 21 -3.76 -9.75 -5.43
N ILE A 22 -4.23 -9.29 -6.58
CA ILE A 22 -4.98 -10.15 -7.48
C ILE A 22 -5.14 -11.53 -6.85
N HIS A 23 -4.04 -12.27 -6.85
CA HIS A 23 -4.03 -13.61 -6.28
C HIS A 23 -2.74 -13.83 -5.51
N GLU A 24 -2.03 -12.74 -5.27
CA GLU A 24 -0.77 -12.81 -4.55
C GLU A 24 -0.99 -12.53 -3.06
N ILE A 25 0.09 -12.18 -2.37
CA ILE A 25 0.02 -11.89 -0.96
C ILE A 25 -0.46 -13.14 -0.21
N TYR A 26 0.50 -13.96 0.17
CA TYR A 26 0.19 -15.18 0.89
C TYR A 26 -1.08 -15.01 1.75
N ASN A 27 -2.04 -15.88 1.51
CA ASN A 27 -3.29 -15.83 2.25
C ASN A 27 -4.01 -14.51 1.95
N GLU A 28 -3.88 -14.08 0.70
CA GLU A 28 -4.51 -12.84 0.27
C GLU A 28 -5.14 -12.12 1.47
N THR A 29 -4.28 -11.55 2.30
CA THR A 29 -4.74 -10.84 3.48
C THR A 29 -5.02 -9.37 3.13
N VAL A 30 -3.96 -8.67 2.78
CA VAL A 30 -4.07 -7.27 2.43
C VAL A 30 -5.30 -7.07 1.53
N LYS A 31 -5.65 -8.14 0.83
CA LYS A 31 -6.79 -8.11 -0.07
C LYS A 31 -7.97 -7.42 0.63
N THR A 32 -7.93 -7.47 1.95
CA THR A 32 -8.98 -6.86 2.75
C THR A 32 -8.68 -5.39 3.01
N GLY A 33 -7.40 -5.11 3.23
CA GLY A 33 -6.95 -3.76 3.49
C GLY A 33 -7.82 -2.74 2.75
N HIS A 34 -7.39 -2.43 1.53
CA HIS A 34 -8.11 -1.48 0.69
C HIS A 34 -7.97 -0.07 1.28
N VAL A 35 -7.07 0.69 0.67
CA VAL A 35 -6.84 2.05 1.12
C VAL A 35 -8.01 2.94 0.71
N THR A 36 -8.22 4.00 1.48
CA THR A 36 -9.30 4.92 1.21
C THR A 36 -8.78 6.36 1.16
N HIS A 37 -7.45 6.47 1.18
CA HIS A 37 -6.81 7.77 1.12
C HIS A 37 -5.51 7.67 0.33
N VAL A 38 -4.48 7.22 1.02
CA VAL A 38 -3.17 7.07 0.40
C VAL A 38 -2.68 8.43 -0.08
N LYS A 39 -1.39 8.68 0.13
CA LYS A 39 -0.79 9.93 -0.28
C LYS A 39 0.48 9.66 -1.06
N LEU A 40 0.71 10.49 -2.07
CA LEU A 40 1.89 10.35 -2.91
C LEU A 40 2.86 11.49 -2.63
N SER A 41 4.13 11.23 -2.92
CA SER A 41 5.18 12.22 -2.69
C SER A 41 6.36 11.96 -3.62
N ASP A 42 7.19 12.97 -3.77
CA ASP A 42 8.36 12.86 -4.62
C ASP A 42 7.92 12.63 -6.07
N ASP A 43 7.77 11.36 -6.42
CA ASP A 43 7.36 10.99 -7.75
C ASP A 43 7.03 9.50 -7.79
N LEU A 44 6.07 9.12 -6.97
CA LEU A 44 5.65 7.73 -6.91
C LEU A 44 6.63 6.94 -6.03
N LEU A 45 7.66 7.65 -5.57
CA LEU A 45 8.66 7.04 -4.73
C LEU A 45 8.14 6.93 -3.30
N HIS A 46 7.31 7.90 -2.93
CA HIS A 46 6.74 7.91 -1.59
C HIS A 46 5.23 7.63 -1.68
N VAL A 47 4.85 6.50 -1.11
CA VAL A 47 3.45 6.10 -1.12
C VAL A 47 3.05 5.65 0.29
N THR A 48 2.24 6.48 0.92
CA THR A 48 1.77 6.19 2.27
C THR A 48 0.37 5.57 2.22
N VAL A 49 0.33 4.28 2.48
CA VAL A 49 -0.93 3.56 2.47
C VAL A 49 -1.50 3.51 3.90
N TYR A 50 -2.66 4.15 4.05
CA TYR A 50 -3.31 4.20 5.35
C TYR A 50 -4.02 2.88 5.65
N LEU A 51 -4.54 2.26 4.59
CA LEU A 51 -5.23 1.00 4.73
C LEU A 51 -6.47 1.20 5.61
N ASP A 52 -7.59 0.65 5.15
CA ASP A 52 -8.84 0.76 5.88
C ASP A 52 -9.30 -0.63 6.30
N CYS A 53 -8.76 -1.64 5.63
CA CYS A 53 -9.11 -3.02 5.92
C CYS A 53 -10.59 -3.07 6.30
N TYR A 54 -10.83 -3.43 7.55
CA TYR A 54 -12.20 -3.52 8.05
C TYR A 54 -12.40 -2.59 9.25
N ASN A 55 -12.33 -1.30 8.98
CA ASN A 55 -12.50 -0.31 10.03
C ASN A 55 -11.19 -0.15 10.81
N ARG A 56 -10.95 -1.10 11.69
CA ARG A 56 -9.74 -1.09 12.51
C ARG A 56 -9.75 -2.27 13.48
N GLU A 57 -9.83 -3.46 12.91
CA GLU A 57 -9.84 -4.67 13.72
C GLU A 57 -9.29 -5.85 12.91
N GLN A 58 -8.68 -5.51 11.79
CA GLN A 58 -8.11 -6.53 10.92
C GLN A 58 -6.78 -6.04 10.32
N ILE A 59 -6.68 -4.73 10.19
CA ILE A 59 -5.48 -4.11 9.64
C ILE A 59 -4.25 -4.85 10.18
N ASP A 60 -4.25 -5.06 11.49
CA ASP A 60 -3.14 -5.75 12.13
C ASP A 60 -2.65 -6.88 11.23
N ARG A 61 -3.61 -7.56 10.61
CA ARG A 61 -3.29 -8.66 9.72
C ARG A 61 -2.90 -8.13 8.34
N VAL A 62 -3.63 -7.11 7.90
CA VAL A 62 -3.36 -6.50 6.60
C VAL A 62 -1.97 -5.87 6.62
N VAL A 63 -1.82 -4.87 7.47
CA VAL A 63 -0.55 -4.17 7.59
C VAL A 63 0.57 -5.20 7.75
N GLY A 64 0.32 -6.17 8.62
CA GLY A 64 1.31 -7.21 8.87
C GLY A 64 1.69 -7.93 7.57
N ALA A 65 0.72 -8.06 6.69
CA ALA A 65 0.93 -8.72 5.42
C ALA A 65 1.67 -7.76 4.47
N PHE A 66 1.27 -6.50 4.53
CA PHE A 66 1.89 -5.49 3.69
C PHE A 66 3.40 -5.44 3.91
N ASN A 67 3.81 -5.90 5.08
CA ASN A 67 5.23 -5.91 5.41
C ASN A 67 5.97 -6.87 4.48
N GLN A 68 5.50 -8.11 4.46
CA GLN A 68 6.10 -9.13 3.62
C GLN A 68 5.66 -8.94 2.17
N ALA A 69 4.50 -8.33 2.01
CA ALA A 69 3.94 -8.09 0.68
C ALA A 69 4.65 -6.89 0.06
N LYS A 70 5.45 -6.21 0.88
CA LYS A 70 6.19 -5.05 0.42
C LYS A 70 7.00 -5.42 -0.83
N GLY A 71 7.20 -6.72 -1.00
CA GLY A 71 7.94 -7.22 -2.13
C GLY A 71 7.17 -7.00 -3.44
N VAL A 72 5.99 -7.60 -3.49
CA VAL A 72 5.13 -7.48 -4.67
C VAL A 72 4.86 -6.00 -4.94
N PHE A 73 4.60 -5.27 -3.87
CA PHE A 73 4.32 -3.84 -4.00
C PHE A 73 5.48 -3.12 -4.69
N SER A 74 6.66 -3.24 -4.09
CA SER A 74 7.84 -2.60 -4.65
C SER A 74 8.03 -3.01 -6.11
N ARG A 75 7.64 -4.25 -6.39
CA ARG A 75 7.75 -4.78 -7.74
C ARG A 75 6.89 -3.95 -8.70
N VAL A 76 5.76 -3.49 -8.19
CA VAL A 76 4.84 -2.70 -8.99
C VAL A 76 5.58 -1.47 -9.54
N LEU A 77 5.99 -0.60 -8.62
CA LEU A 77 6.70 0.60 -9.00
C LEU A 77 7.95 0.23 -9.79
N ALA A 78 8.45 -0.97 -9.53
CA ALA A 78 9.64 -1.46 -10.20
C ALA A 78 9.39 -1.47 -11.71
N HIS A 79 8.20 -1.96 -12.08
CA HIS A 79 7.83 -2.02 -13.48
C HIS A 79 7.99 -0.66 -14.13
N ASN A 80 8.00 0.37 -13.28
CA ASN A 80 8.16 1.73 -13.76
C ASN A 80 9.60 2.18 -13.53
N LEU A 81 9.85 2.68 -12.33
CA LEU A 81 11.18 3.15 -11.98
C LEU A 81 12.08 1.95 -11.69
N TYR A 82 13.33 2.26 -11.34
CA TYR A 82 14.29 1.22 -11.03
C TYR A 82 15.56 1.82 -10.43
N LEU A 83 15.67 1.71 -9.12
CA LEU A 83 16.82 2.22 -8.41
C LEU A 83 17.11 1.34 -7.19
N ALA A 84 18.30 1.52 -6.64
CA ALA A 84 18.71 0.75 -5.48
C ALA A 84 17.53 0.62 -4.52
N LYS A 85 16.86 1.74 -4.28
CA LYS A 85 15.71 1.76 -3.39
C LYS A 85 15.04 3.14 -3.47
N ALA A 86 14.58 3.46 -4.66
CA ALA A 86 13.91 4.74 -4.89
C ALA A 86 12.41 4.57 -4.66
N VAL A 87 11.85 3.56 -5.32
CA VAL A 87 10.44 3.27 -5.20
C VAL A 87 10.22 2.23 -4.09
N GLN A 88 9.23 2.51 -3.26
CA GLN A 88 8.91 1.62 -2.16
C GLN A 88 7.67 2.10 -1.41
N ILE A 89 6.67 1.24 -1.37
CA ILE A 89 5.42 1.58 -0.69
C ILE A 89 5.63 1.51 0.82
N HIS A 90 5.11 2.51 1.50
CA HIS A 90 5.22 2.58 2.95
C HIS A 90 3.88 2.24 3.59
N PHE A 91 3.95 1.50 4.68
CA PHE A 91 2.75 1.10 5.40
C PHE A 91 2.39 2.13 6.47
N VAL A 92 1.11 2.48 6.50
CA VAL A 92 0.63 3.45 7.47
C VAL A 92 -0.75 3.01 7.98
N LYS A 93 -1.08 3.49 9.17
CA LYS A 93 -2.36 3.14 9.79
C LYS A 93 -3.03 4.42 10.29
N ASP A 94 -2.31 5.14 11.14
CA ASP A 94 -2.82 6.37 11.70
C ASP A 94 -1.69 7.39 11.81
N LYS A 95 -0.61 7.10 11.10
CA LYS A 95 0.55 7.98 11.11
C LYS A 95 1.46 7.61 12.28
N ALA A 96 0.84 7.48 13.45
CA ALA A 96 1.58 7.14 14.65
C ALA A 96 0.62 7.17 15.85
N ILE A 97 -0.39 6.32 15.77
CA ILE A 97 -1.38 6.24 16.84
C ILE A 97 -2.00 7.62 17.07
N ASP A 98 -1.91 8.46 16.04
CA ASP A 98 -2.45 9.81 16.12
C ASP A 98 -3.96 9.72 16.34
N ASN A 99 -4.50 8.53 16.14
CA ASN A 99 -5.93 8.32 16.32
C ASN A 99 -6.25 8.31 17.81
N ALA A 100 -5.39 7.65 18.58
CA ALA A 100 -5.58 7.58 20.02
C ALA A 100 -4.28 7.10 20.67
N MET A 101 -4.23 7.25 21.98
CA MET A 101 -3.06 6.83 22.74
C MET A 101 -3.32 6.93 24.25
N LYS A 6 -15.03 10.07 -9.92
CA LYS A 6 -13.69 10.48 -9.51
C LYS A 6 -12.79 9.26 -9.40
N GLU A 7 -11.57 9.41 -9.90
CA GLU A 7 -10.60 8.33 -9.86
C GLU A 7 -9.21 8.85 -10.22
N ARG A 8 -9.04 9.15 -11.50
CA ARG A 8 -7.77 9.66 -11.98
C ARG A 8 -6.66 8.65 -11.70
N LEU A 9 -5.43 9.07 -12.00
CA LEU A 9 -4.28 8.22 -11.79
C LEU A 9 -4.34 7.62 -10.38
N GLU A 10 -4.94 8.39 -9.47
CA GLU A 10 -5.07 7.95 -8.10
C GLU A 10 -5.61 6.51 -8.04
N ASN A 11 -6.82 6.35 -8.56
CA ASN A 11 -7.46 5.05 -8.56
C ASN A 11 -6.58 4.06 -9.33
N ASP A 12 -5.87 4.59 -10.31
CA ASP A 12 -4.98 3.76 -11.12
C ASP A 12 -3.93 3.11 -10.21
N ILE A 13 -3.27 3.96 -9.43
CA ILE A 13 -2.25 3.48 -8.52
C ILE A 13 -2.84 2.42 -7.59
N ILE A 14 -3.95 2.80 -6.95
CA ILE A 14 -4.63 1.90 -6.03
C ILE A 14 -4.84 0.55 -6.72
N ARG A 15 -5.32 0.62 -7.95
CA ARG A 15 -5.58 -0.59 -8.72
C ARG A 15 -4.27 -1.31 -9.03
N LEU A 16 -3.19 -0.55 -8.99
CA LEU A 16 -1.87 -1.10 -9.26
C LEU A 16 -1.53 -2.15 -8.19
N ILE A 17 -1.43 -1.67 -6.96
CA ILE A 17 -1.12 -2.55 -5.85
C ILE A 17 -2.07 -3.75 -5.86
N ASN A 18 -3.30 -3.48 -6.29
CA ASN A 18 -4.31 -4.52 -6.35
C ASN A 18 -3.90 -5.56 -7.40
N ARG A 19 -3.43 -5.06 -8.53
CA ARG A 19 -3.00 -5.93 -9.62
C ARG A 19 -2.00 -6.97 -9.10
N THR A 20 -1.12 -6.50 -8.23
CA THR A 20 -0.10 -7.37 -7.65
C THR A 20 -0.71 -8.25 -6.57
N VAL A 21 -1.65 -7.67 -5.84
CA VAL A 21 -2.33 -8.39 -4.77
C VAL A 21 -3.25 -9.45 -5.38
N ILE A 22 -3.34 -9.44 -6.69
CA ILE A 22 -4.18 -10.39 -7.40
C ILE A 22 -3.93 -11.79 -6.84
N HIS A 23 -2.66 -12.17 -6.83
CA HIS A 23 -2.27 -13.48 -6.33
C HIS A 23 -0.79 -13.48 -5.98
N GLU A 24 -0.31 -12.32 -5.58
CA GLU A 24 1.10 -12.16 -5.22
C GLU A 24 1.21 -11.57 -3.82
N ILE A 25 0.44 -12.14 -2.90
CA ILE A 25 0.45 -11.68 -1.52
C ILE A 25 0.37 -12.88 -0.58
N TYR A 26 1.11 -13.93 -0.94
CA TYR A 26 1.13 -15.14 -0.14
C TYR A 26 -0.29 -15.67 0.08
N ASN A 27 -0.92 -15.14 1.12
CA ASN A 27 -2.27 -15.55 1.46
C ASN A 27 -3.21 -14.34 1.34
N GLU A 28 -4.13 -14.43 0.38
CA GLU A 28 -5.08 -13.37 0.16
C GLU A 28 -5.51 -12.75 1.48
N THR A 29 -5.03 -11.53 1.71
CA THR A 29 -5.35 -10.82 2.94
C THR A 29 -5.44 -9.31 2.68
N VAL A 30 -4.28 -8.73 2.38
CA VAL A 30 -4.21 -7.31 2.11
C VAL A 30 -5.16 -6.96 0.96
N LYS A 31 -5.59 -8.00 0.26
CA LYS A 31 -6.50 -7.82 -0.85
C LYS A 31 -7.62 -6.86 -0.44
N THR A 32 -7.87 -6.80 0.86
CA THR A 32 -8.90 -5.93 1.39
C THR A 32 -8.40 -4.48 1.44
N GLY A 33 -7.14 -4.33 1.82
CA GLY A 33 -6.53 -3.02 1.92
C GLY A 33 -7.04 -2.10 0.81
N HIS A 34 -7.43 -0.90 1.21
CA HIS A 34 -7.93 0.07 0.25
C HIS A 34 -7.17 1.39 0.43
N VAL A 35 -6.35 1.43 1.46
CA VAL A 35 -5.56 2.62 1.75
C VAL A 35 -6.50 3.74 2.23
N THR A 36 -7.44 4.08 1.36
CA THR A 36 -8.40 5.13 1.67
C THR A 36 -7.71 6.49 1.71
N HIS A 37 -6.51 6.50 2.27
CA HIS A 37 -5.74 7.73 2.37
C HIS A 37 -4.82 7.86 1.16
N VAL A 38 -3.71 7.12 1.23
CA VAL A 38 -2.75 7.14 0.14
C VAL A 38 -2.29 8.58 -0.10
N LYS A 39 -1.03 8.84 0.26
CA LYS A 39 -0.47 10.17 0.09
C LYS A 39 0.65 10.11 -0.96
N LEU A 40 0.30 10.54 -2.16
CA LEU A 40 1.26 10.54 -3.26
C LEU A 40 2.39 11.53 -2.94
N SER A 41 3.46 10.99 -2.36
CA SER A 41 4.60 11.82 -2.02
C SER A 41 5.55 11.93 -3.21
N ASP A 42 5.98 13.16 -3.47
CA ASP A 42 6.89 13.41 -4.58
C ASP A 42 6.19 13.10 -5.90
N ASP A 43 6.31 11.86 -6.33
CA ASP A 43 5.69 11.42 -7.57
C ASP A 43 5.78 9.90 -7.68
N LEU A 44 5.17 9.24 -6.71
CA LEU A 44 5.17 7.79 -6.68
C LEU A 44 6.43 7.29 -5.97
N LEU A 45 7.33 8.23 -5.72
CA LEU A 45 8.58 7.91 -5.06
C LEU A 45 8.29 7.35 -3.67
N HIS A 46 7.29 7.95 -3.02
CA HIS A 46 6.90 7.52 -1.69
C HIS A 46 5.38 7.52 -1.58
N VAL A 47 4.80 6.34 -1.73
CA VAL A 47 3.36 6.20 -1.66
C VAL A 47 2.97 5.82 -0.22
N THR A 48 2.60 6.84 0.54
CA THR A 48 2.20 6.63 1.92
C THR A 48 0.76 6.12 2.00
N VAL A 49 0.64 4.80 2.08
CA VAL A 49 -0.67 4.18 2.14
C VAL A 49 -1.05 3.98 3.61
N TYR A 50 -2.18 4.58 3.99
CA TYR A 50 -2.66 4.47 5.35
C TYR A 50 -3.48 3.20 5.55
N LEU A 51 -3.62 2.45 4.46
CA LEU A 51 -4.37 1.21 4.50
C LEU A 51 -5.77 1.48 5.07
N ASP A 52 -5.87 1.36 6.39
CA ASP A 52 -7.14 1.59 7.06
C ASP A 52 -8.06 0.39 6.80
N CYS A 53 -7.54 -0.59 6.10
CA CYS A 53 -8.30 -1.78 5.79
C CYS A 53 -9.76 -1.38 5.58
N TYR A 54 -10.65 -2.27 5.99
CA TYR A 54 -12.07 -2.02 5.86
C TYR A 54 -12.63 -1.32 7.11
N ASN A 55 -12.14 -1.77 8.25
CA ASN A 55 -12.58 -1.21 9.52
C ASN A 55 -11.35 -0.92 10.39
N ARG A 56 -10.84 -1.98 11.00
CA ARG A 56 -9.67 -1.84 11.86
C ARG A 56 -9.30 -3.20 12.47
N GLU A 57 -10.32 -3.98 12.75
CA GLU A 57 -10.12 -5.30 13.32
C GLU A 57 -9.57 -6.27 12.28
N GLN A 58 -9.42 -5.74 11.07
CA GLN A 58 -8.90 -6.54 9.97
C GLN A 58 -7.46 -6.16 9.66
N ILE A 59 -7.10 -4.95 10.08
CA ILE A 59 -5.76 -4.46 9.86
C ILE A 59 -4.75 -5.50 10.33
N ASP A 60 -4.91 -5.93 11.58
CA ASP A 60 -4.03 -6.93 12.16
C ASP A 60 -3.71 -7.99 11.10
N ARG A 61 -4.72 -8.32 10.31
CA ARG A 61 -4.56 -9.32 9.27
C ARG A 61 -3.81 -8.72 8.07
N VAL A 62 -4.30 -7.56 7.63
CA VAL A 62 -3.69 -6.88 6.51
C VAL A 62 -2.27 -6.45 6.88
N VAL A 63 -2.19 -5.53 7.82
CA VAL A 63 -0.91 -5.03 8.27
C VAL A 63 0.06 -6.20 8.42
N GLY A 64 -0.42 -7.26 9.04
CA GLY A 64 0.39 -8.45 9.25
C GLY A 64 0.92 -9.00 7.93
N ALA A 65 0.06 -8.93 6.91
CA ALA A 65 0.43 -9.41 5.59
C ALA A 65 1.33 -8.38 4.91
N PHE A 66 0.98 -7.12 5.08
CA PHE A 66 1.76 -6.05 4.50
C PHE A 66 3.22 -6.12 4.93
N ASN A 67 3.43 -6.78 6.05
CA ASN A 67 4.78 -6.93 6.59
C ASN A 67 5.52 -8.02 5.80
N GLN A 68 5.36 -7.97 4.49
CA GLN A 68 6.00 -8.94 3.61
C GLN A 68 5.57 -8.70 2.17
N ALA A 69 4.38 -8.16 2.02
CA ALA A 69 3.84 -7.88 0.69
C ALA A 69 4.53 -6.64 0.12
N LYS A 70 4.99 -5.78 1.02
CA LYS A 70 5.67 -4.56 0.63
C LYS A 70 6.58 -4.85 -0.56
N GLY A 71 7.05 -6.09 -0.61
CA GLY A 71 7.94 -6.51 -1.68
C GLY A 71 7.25 -6.38 -3.05
N VAL A 72 6.15 -7.11 -3.19
CA VAL A 72 5.39 -7.09 -4.43
C VAL A 72 4.98 -5.66 -4.75
N PHE A 73 4.64 -4.92 -3.70
CA PHE A 73 4.23 -3.54 -3.85
C PHE A 73 5.36 -2.70 -4.47
N SER A 74 6.54 -2.85 -3.90
CA SER A 74 7.70 -2.11 -4.38
C SER A 74 7.99 -2.49 -5.84
N ARG A 75 7.63 -3.72 -6.18
CA ARG A 75 7.85 -4.22 -7.53
C ARG A 75 6.88 -3.52 -8.50
N VAL A 76 5.68 -3.28 -8.02
CA VAL A 76 4.66 -2.64 -8.83
C VAL A 76 5.25 -1.40 -9.49
N LEU A 77 5.64 -0.45 -8.65
CA LEU A 77 6.23 0.79 -9.13
C LEU A 77 7.49 0.48 -9.94
N ALA A 78 8.14 -0.61 -9.55
CA ALA A 78 9.36 -1.03 -10.23
C ALA A 78 9.06 -1.23 -11.72
N HIS A 79 7.99 -1.95 -11.98
CA HIS A 79 7.60 -2.21 -13.36
C HIS A 79 7.76 -0.94 -14.20
N ASN A 80 7.56 0.19 -13.54
CA ASN A 80 7.69 1.48 -14.21
C ASN A 80 9.07 2.06 -13.92
N LEU A 81 9.16 2.77 -12.80
CA LEU A 81 10.41 3.38 -12.41
C LEU A 81 11.09 2.53 -11.35
N TYR A 82 12.40 2.41 -11.47
CA TYR A 82 13.18 1.62 -10.53
C TYR A 82 14.64 2.09 -10.49
N LEU A 83 15.42 1.57 -11.44
CA LEU A 83 16.82 1.92 -11.51
C LEU A 83 17.57 1.30 -10.34
N ALA A 84 17.10 1.62 -9.15
CA ALA A 84 17.72 1.09 -7.94
C ALA A 84 16.76 1.30 -6.76
N LYS A 85 16.13 2.46 -6.73
CA LYS A 85 15.19 2.79 -5.68
C LYS A 85 14.14 3.76 -6.21
N ALA A 86 13.95 4.84 -5.47
CA ALA A 86 12.97 5.86 -5.86
C ALA A 86 11.59 5.45 -5.36
N VAL A 87 11.25 4.19 -5.63
CA VAL A 87 9.96 3.66 -5.21
C VAL A 87 10.18 2.49 -4.24
N GLN A 88 9.11 2.11 -3.57
CA GLN A 88 9.16 1.03 -2.62
C GLN A 88 7.82 0.87 -1.91
N ILE A 89 7.10 1.98 -1.82
CA ILE A 89 5.80 1.97 -1.17
C ILE A 89 5.99 1.92 0.35
N HIS A 90 5.19 2.70 1.05
CA HIS A 90 5.26 2.75 2.50
C HIS A 90 3.86 2.70 3.09
N PHE A 91 3.77 2.19 4.31
CA PHE A 91 2.50 2.07 4.99
C PHE A 91 2.40 3.08 6.14
N VAL A 92 1.17 3.29 6.59
CA VAL A 92 0.93 4.23 7.68
C VAL A 92 -0.15 3.66 8.60
N LYS A 93 -0.51 2.41 8.34
CA LYS A 93 -1.53 1.73 9.13
C LYS A 93 -1.06 1.64 10.58
N ASP A 94 0.22 1.90 10.78
CA ASP A 94 0.81 1.86 12.11
C ASP A 94 1.30 3.25 12.50
N LYS A 95 1.82 3.96 11.51
CA LYS A 95 2.34 5.31 11.73
C LYS A 95 1.20 6.19 12.24
N ALA A 96 -0.02 5.78 11.92
CA ALA A 96 -1.19 6.54 12.33
C ALA A 96 -1.52 6.19 13.78
N ILE A 97 -0.70 5.32 14.36
CA ILE A 97 -0.90 4.91 15.74
C ILE A 97 -1.87 3.72 15.78
N ASP A 98 -2.29 3.30 14.60
CA ASP A 98 -3.22 2.19 14.47
C ASP A 98 -4.62 2.65 14.89
N ASN A 99 -4.94 3.88 14.50
CA ASN A 99 -6.23 4.45 14.83
C ASN A 99 -6.61 4.08 16.26
N ALA A 100 -5.78 4.55 17.20
CA ALA A 100 -6.01 4.28 18.60
C ALA A 100 -5.27 5.32 19.44
N MET A 101 -4.81 4.88 20.60
CA MET A 101 -4.09 5.76 21.50
C MET A 101 -3.76 5.05 22.82
N LYS A 6 -11.06 13.48 -12.20
CA LYS A 6 -11.41 12.43 -11.25
C LYS A 6 -10.14 11.97 -10.53
N GLU A 7 -9.46 11.02 -11.14
CA GLU A 7 -8.23 10.48 -10.58
C GLU A 7 -7.53 9.57 -11.58
N ARG A 8 -6.96 10.20 -12.59
CA ARG A 8 -6.26 9.45 -13.63
C ARG A 8 -5.14 8.60 -13.01
N LEU A 9 -3.92 9.13 -13.08
CA LEU A 9 -2.78 8.43 -12.54
C LEU A 9 -3.13 7.85 -11.16
N GLU A 10 -3.79 8.69 -10.37
CA GLU A 10 -4.20 8.28 -9.04
C GLU A 10 -4.80 6.87 -9.07
N ASN A 11 -5.95 6.78 -9.72
CA ASN A 11 -6.64 5.50 -9.83
C ASN A 11 -5.67 4.45 -10.39
N ASP A 12 -4.63 4.94 -11.05
CA ASP A 12 -3.63 4.06 -11.64
C ASP A 12 -2.76 3.47 -10.52
N ILE A 13 -2.34 4.35 -9.62
CA ILE A 13 -1.52 3.93 -8.50
C ILE A 13 -2.35 3.09 -7.53
N ILE A 14 -3.58 3.54 -7.32
CA ILE A 14 -4.49 2.83 -6.42
C ILE A 14 -4.77 1.44 -6.99
N ARG A 15 -5.22 1.41 -8.23
CA ARG A 15 -5.53 0.16 -8.90
C ARG A 15 -4.25 -0.65 -9.12
N LEU A 16 -3.12 0.02 -8.95
CA LEU A 16 -1.84 -0.62 -9.13
C LEU A 16 -1.64 -1.66 -8.03
N ILE A 17 -1.47 -1.16 -6.81
CA ILE A 17 -1.26 -2.04 -5.66
C ILE A 17 -2.41 -3.05 -5.58
N ASN A 18 -3.56 -2.62 -6.10
CA ASN A 18 -4.74 -3.48 -6.09
C ASN A 18 -4.52 -4.66 -7.03
N ARG A 19 -4.48 -4.35 -8.32
CA ARG A 19 -4.27 -5.37 -9.34
C ARG A 19 -3.19 -6.35 -8.88
N THR A 20 -2.32 -5.86 -8.02
CA THR A 20 -1.24 -6.68 -7.50
C THR A 20 -1.76 -7.69 -6.48
N VAL A 21 -2.59 -7.20 -5.58
CA VAL A 21 -3.18 -8.04 -4.55
C VAL A 21 -4.22 -8.96 -5.18
N ILE A 22 -4.79 -8.48 -6.29
CA ILE A 22 -5.81 -9.24 -6.99
C ILE A 22 -5.13 -10.31 -7.85
N HIS A 23 -4.04 -9.90 -8.50
CA HIS A 23 -3.29 -10.81 -9.35
C HIS A 23 -2.14 -11.43 -8.56
N GLU A 24 -2.06 -11.04 -7.29
CA GLU A 24 -1.02 -11.54 -6.42
C GLU A 24 -1.48 -11.51 -4.96
N ILE A 25 -0.52 -11.71 -4.07
CA ILE A 25 -0.82 -11.70 -2.65
C ILE A 25 -1.72 -12.88 -2.31
N TYR A 26 -1.94 -13.73 -3.31
CA TYR A 26 -2.78 -14.90 -3.14
C TYR A 26 -3.88 -14.64 -2.09
N ASN A 27 -4.61 -13.57 -2.31
CA ASN A 27 -5.68 -13.20 -1.40
C ASN A 27 -5.25 -13.49 0.03
N GLU A 28 -4.06 -13.02 0.38
CA GLU A 28 -3.52 -13.22 1.71
C GLU A 28 -4.45 -12.61 2.75
N THR A 29 -4.42 -11.28 2.81
CA THR A 29 -5.26 -10.55 3.75
C THR A 29 -5.29 -9.07 3.40
N VAL A 30 -4.12 -8.54 3.08
CA VAL A 30 -4.00 -7.14 2.71
C VAL A 30 -5.17 -6.75 1.81
N LYS A 31 -5.69 -7.74 1.11
CA LYS A 31 -6.80 -7.53 0.20
C LYS A 31 -7.94 -6.83 0.96
N THR A 32 -7.87 -6.92 2.27
CA THR A 32 -8.88 -6.30 3.12
C THR A 32 -8.54 -4.84 3.38
N GLY A 33 -7.25 -4.57 3.47
CA GLY A 33 -6.78 -3.21 3.71
C GLY A 33 -7.75 -2.19 3.13
N HIS A 34 -7.63 -1.97 1.82
CA HIS A 34 -8.48 -1.02 1.14
C HIS A 34 -7.86 0.37 1.21
N VAL A 35 -7.15 0.62 2.30
CA VAL A 35 -6.50 1.90 2.50
C VAL A 35 -7.56 2.99 2.69
N THR A 36 -8.40 3.13 1.67
CA THR A 36 -9.46 4.12 1.71
C THR A 36 -8.87 5.53 1.89
N HIS A 37 -7.63 5.68 1.45
CA HIS A 37 -6.95 6.95 1.55
C HIS A 37 -5.84 7.03 0.49
N VAL A 38 -4.68 6.50 0.85
CA VAL A 38 -3.55 6.50 -0.07
C VAL A 38 -3.19 7.94 -0.42
N LYS A 39 -1.90 8.24 -0.31
CA LYS A 39 -1.42 9.58 -0.63
C LYS A 39 -0.01 9.48 -1.22
N LEU A 40 0.04 9.55 -2.54
CA LEU A 40 1.31 9.47 -3.24
C LEU A 40 1.94 10.87 -3.31
N SER A 41 3.22 10.91 -2.99
CA SER A 41 3.96 12.17 -3.01
C SER A 41 5.43 11.92 -3.31
N ASP A 42 6.19 13.00 -3.37
CA ASP A 42 7.61 12.91 -3.65
C ASP A 42 7.81 12.36 -5.06
N ASP A 43 6.84 12.65 -5.92
CA ASP A 43 6.90 12.19 -7.30
C ASP A 43 6.89 10.66 -7.32
N LEU A 44 5.72 10.10 -7.03
CA LEU A 44 5.57 8.66 -7.02
C LEU A 44 6.83 8.02 -6.45
N LEU A 45 7.23 8.51 -5.28
CA LEU A 45 8.42 8.00 -4.62
C LEU A 45 8.01 7.22 -3.38
N HIS A 46 6.92 7.67 -2.76
CA HIS A 46 6.40 7.01 -1.58
C HIS A 46 4.89 7.23 -1.47
N VAL A 47 4.16 6.12 -1.49
CA VAL A 47 2.72 6.20 -1.40
C VAL A 47 2.29 5.90 0.05
N THR A 48 1.69 6.92 0.66
CA THR A 48 1.22 6.79 2.04
C THR A 48 -0.10 6.02 2.08
N VAL A 49 0.01 4.71 2.25
CA VAL A 49 -1.16 3.86 2.31
C VAL A 49 -1.66 3.80 3.76
N TYR A 50 -2.90 4.22 3.94
CA TYR A 50 -3.51 4.21 5.27
C TYR A 50 -4.40 3.00 5.45
N LEU A 51 -3.78 1.83 5.43
CA LEU A 51 -4.51 0.57 5.60
C LEU A 51 -5.63 0.78 6.62
N ASP A 52 -6.85 0.51 6.17
CA ASP A 52 -8.02 0.65 7.03
C ASP A 52 -8.72 -0.70 7.15
N CYS A 53 -8.22 -1.67 6.41
CA CYS A 53 -8.79 -3.00 6.42
C CYS A 53 -10.27 -2.88 6.81
N TYR A 54 -10.68 -3.74 7.73
CA TYR A 54 -12.06 -3.74 8.19
C TYR A 54 -12.24 -2.76 9.36
N ASN A 55 -11.65 -1.59 9.21
CA ASN A 55 -11.75 -0.57 10.24
C ASN A 55 -10.64 -0.78 11.26
N ARG A 56 -9.46 -1.15 10.76
CA ARG A 56 -8.32 -1.37 11.60
C ARG A 56 -8.55 -2.59 12.50
N GLU A 57 -9.66 -3.27 12.24
CA GLU A 57 -10.02 -4.45 13.01
C GLU A 57 -9.29 -5.67 12.47
N GLN A 58 -8.82 -5.55 11.24
CA GLN A 58 -8.10 -6.63 10.59
C GLN A 58 -6.69 -6.18 10.19
N ILE A 59 -6.36 -4.96 10.62
CA ILE A 59 -5.05 -4.41 10.32
C ILE A 59 -3.96 -5.37 10.78
N ASP A 60 -4.05 -5.76 12.05
CA ASP A 60 -3.09 -6.68 12.62
C ASP A 60 -2.74 -7.75 11.59
N ARG A 61 -3.75 -8.18 10.86
CA ARG A 61 -3.57 -9.20 9.84
C ARG A 61 -3.00 -8.58 8.56
N VAL A 62 -3.56 -7.42 8.21
CA VAL A 62 -3.11 -6.71 7.02
C VAL A 62 -1.65 -6.29 7.18
N VAL A 63 -1.43 -5.45 8.19
CA VAL A 63 -0.09 -4.96 8.47
C VAL A 63 0.88 -6.15 8.52
N GLY A 64 0.45 -7.20 9.20
CA GLY A 64 1.27 -8.40 9.33
C GLY A 64 1.53 -9.03 7.97
N ALA A 65 0.54 -8.89 7.09
CA ALA A 65 0.65 -9.45 5.75
C ALA A 65 1.56 -8.55 4.90
N PHE A 66 1.35 -7.25 5.05
CA PHE A 66 2.14 -6.28 4.31
C PHE A 66 3.63 -6.44 4.61
N ASN A 67 3.91 -7.05 5.75
CA ASN A 67 5.29 -7.27 6.17
C ASN A 67 5.87 -8.44 5.37
N GLN A 68 5.58 -8.44 4.08
CA GLN A 68 6.07 -9.49 3.20
C GLN A 68 5.57 -9.27 1.77
N ALA A 69 4.39 -8.67 1.69
CA ALA A 69 3.78 -8.40 0.39
C ALA A 69 4.47 -7.18 -0.24
N LYS A 70 5.14 -6.42 0.60
CA LYS A 70 5.85 -5.23 0.14
C LYS A 70 6.70 -5.59 -1.08
N GLY A 71 6.99 -6.87 -1.20
CA GLY A 71 7.78 -7.37 -2.31
C GLY A 71 7.12 -7.03 -3.65
N VAL A 72 5.83 -7.34 -3.73
CA VAL A 72 5.08 -7.07 -4.94
C VAL A 72 4.75 -5.58 -5.02
N PHE A 73 4.42 -5.02 -3.87
CA PHE A 73 4.09 -3.60 -3.79
C PHE A 73 5.23 -2.75 -4.35
N SER A 74 6.44 -3.10 -3.95
CA SER A 74 7.62 -2.37 -4.40
C SER A 74 7.90 -2.69 -5.86
N ARG A 75 7.52 -3.89 -6.27
CA ARG A 75 7.73 -4.34 -7.63
C ARG A 75 6.79 -3.58 -8.58
N VAL A 76 5.62 -3.26 -8.07
CA VAL A 76 4.62 -2.55 -8.85
C VAL A 76 5.28 -1.34 -9.52
N LEU A 77 5.82 -0.45 -8.68
CA LEU A 77 6.48 0.73 -9.18
C LEU A 77 7.80 0.34 -9.84
N ALA A 78 8.41 -0.70 -9.30
CA ALA A 78 9.68 -1.18 -9.83
C ALA A 78 9.59 -1.25 -11.36
N HIS A 79 8.46 -1.75 -11.83
CA HIS A 79 8.23 -1.87 -13.27
C HIS A 79 8.82 -0.65 -13.98
N ASN A 80 8.80 0.47 -13.29
CA ASN A 80 9.32 1.70 -13.84
C ASN A 80 10.67 2.02 -13.18
N LEU A 81 10.59 2.49 -11.94
CA LEU A 81 11.79 2.83 -11.20
C LEU A 81 12.62 1.57 -10.97
N TYR A 82 13.58 1.70 -10.07
CA TYR A 82 14.45 0.58 -9.74
C TYR A 82 15.24 0.86 -8.45
N LEU A 83 15.85 -0.21 -7.93
CA LEU A 83 16.63 -0.09 -6.71
C LEU A 83 15.72 -0.29 -5.51
N ALA A 84 15.06 0.80 -5.12
CA ALA A 84 14.16 0.76 -3.98
C ALA A 84 13.84 2.20 -3.54
N LYS A 85 14.89 2.92 -3.19
CA LYS A 85 14.75 4.30 -2.74
C LYS A 85 13.96 5.07 -3.80
N ALA A 86 14.07 4.63 -5.04
CA ALA A 86 13.37 5.27 -6.13
C ALA A 86 11.87 5.13 -5.93
N VAL A 87 11.50 4.20 -5.04
CA VAL A 87 10.10 3.96 -4.74
C VAL A 87 9.96 2.60 -4.05
N GLN A 88 9.29 2.62 -2.92
CA GLN A 88 9.08 1.41 -2.15
C GLN A 88 7.73 1.47 -1.42
N ILE A 89 6.90 2.40 -1.85
CA ILE A 89 5.59 2.57 -1.25
C ILE A 89 5.76 2.89 0.24
N HIS A 90 4.88 3.75 0.73
CA HIS A 90 4.92 4.15 2.13
C HIS A 90 3.78 3.45 2.89
N PHE A 91 4.16 2.78 3.96
CA PHE A 91 3.19 2.07 4.78
C PHE A 91 2.78 2.91 6.00
N VAL A 92 1.49 3.18 6.08
CA VAL A 92 0.95 3.97 7.19
C VAL A 92 -0.08 3.14 7.93
N LYS A 93 -0.26 3.47 9.21
CA LYS A 93 -1.21 2.77 10.04
C LYS A 93 -1.64 3.68 11.19
N ASP A 94 -0.66 4.33 11.79
CA ASP A 94 -0.92 5.23 12.91
C ASP A 94 0.22 6.25 13.01
N LYS A 95 0.56 6.83 11.86
CA LYS A 95 1.62 7.81 11.82
C LYS A 95 1.04 9.20 12.12
N ALA A 96 0.25 9.25 13.18
CA ALA A 96 -0.37 10.51 13.59
C ALA A 96 -0.79 10.40 15.06
N ILE A 97 -1.86 9.65 15.28
CA ILE A 97 -2.38 9.47 16.61
C ILE A 97 -3.52 8.43 16.58
N ASP A 98 -3.33 7.43 15.75
CA ASP A 98 -4.33 6.38 15.60
C ASP A 98 -5.72 7.01 15.50
N ASN A 99 -5.74 8.24 14.99
CA ASN A 99 -6.98 8.95 14.84
C ASN A 99 -7.87 8.71 16.05
N ALA A 100 -7.33 9.02 17.22
CA ALA A 100 -8.05 8.84 18.46
C ALA A 100 -7.67 9.96 19.44
N MET A 101 -6.45 9.88 19.93
CA MET A 101 -5.96 10.87 20.87
C MET A 101 -6.36 10.52 22.30
N LYS A 6 -13.60 11.23 -6.28
CA LYS A 6 -12.39 11.51 -7.04
C LYS A 6 -11.76 10.18 -7.47
N GLU A 7 -10.57 10.29 -8.05
CA GLU A 7 -9.85 9.12 -8.50
C GLU A 7 -8.41 9.49 -8.90
N ARG A 8 -8.31 10.14 -10.05
CA ARG A 8 -7.01 10.56 -10.55
C ARG A 8 -5.97 9.45 -10.34
N LEU A 9 -4.72 9.81 -10.58
CA LEU A 9 -3.64 8.86 -10.42
C LEU A 9 -3.83 8.09 -9.11
N GLU A 10 -4.27 8.81 -8.09
CA GLU A 10 -4.51 8.21 -6.79
C GLU A 10 -5.14 6.82 -6.95
N ASN A 11 -6.40 6.82 -7.36
CA ASN A 11 -7.11 5.57 -7.56
C ASN A 11 -6.24 4.61 -8.37
N ASP A 12 -5.53 5.18 -9.34
CA ASP A 12 -4.67 4.38 -10.19
C ASP A 12 -3.70 3.57 -9.33
N ILE A 13 -2.86 4.30 -8.60
CA ILE A 13 -1.88 3.66 -7.73
C ILE A 13 -2.57 2.57 -6.91
N ILE A 14 -3.81 2.86 -6.51
CA ILE A 14 -4.59 1.91 -5.73
C ILE A 14 -4.84 0.65 -6.57
N ARG A 15 -5.13 0.88 -7.84
CA ARG A 15 -5.39 -0.21 -8.76
C ARG A 15 -4.12 -1.03 -9.01
N LEU A 16 -2.99 -0.36 -8.80
CA LEU A 16 -1.70 -1.00 -9.00
C LEU A 16 -1.52 -2.11 -7.96
N ILE A 17 -1.36 -1.68 -6.71
CA ILE A 17 -1.17 -2.63 -5.62
C ILE A 17 -2.34 -3.62 -5.61
N ASN A 18 -3.44 -3.19 -6.21
CA ASN A 18 -4.62 -4.03 -6.27
C ASN A 18 -4.41 -5.15 -7.30
N ARG A 19 -3.87 -4.76 -8.44
CA ARG A 19 -3.61 -5.71 -9.51
C ARG A 19 -2.70 -6.83 -9.00
N THR A 20 -1.89 -6.50 -8.00
CA THR A 20 -0.98 -7.46 -7.43
C THR A 20 -1.75 -8.49 -6.58
N VAL A 21 -2.34 -7.99 -5.51
CA VAL A 21 -3.11 -8.85 -4.62
C VAL A 21 -4.17 -9.59 -5.42
N ILE A 22 -4.48 -9.04 -6.58
CA ILE A 22 -5.48 -9.64 -7.46
C ILE A 22 -5.10 -11.10 -7.73
N HIS A 23 -3.81 -11.31 -7.94
CA HIS A 23 -3.31 -12.65 -8.21
C HIS A 23 -1.97 -12.85 -7.49
N GLU A 24 -1.83 -12.17 -6.36
CA GLU A 24 -0.61 -12.27 -5.58
C GLU A 24 -0.93 -12.18 -4.09
N ILE A 25 0.12 -12.26 -3.29
CA ILE A 25 -0.03 -12.20 -1.84
C ILE A 25 -0.76 -13.44 -1.35
N TYR A 26 -0.94 -14.39 -2.26
CA TYR A 26 -1.62 -15.62 -1.93
C TYR A 26 -2.86 -15.36 -1.08
N ASN A 27 -3.60 -14.33 -1.47
CA ASN A 27 -4.81 -13.96 -0.76
C ASN A 27 -4.57 -14.07 0.74
N GLU A 28 -3.40 -13.60 1.17
CA GLU A 28 -3.03 -13.65 2.57
C GLU A 28 -4.11 -12.98 3.42
N THR A 29 -4.14 -11.65 3.34
CA THR A 29 -5.12 -10.89 4.09
C THR A 29 -5.32 -9.51 3.44
N VAL A 30 -4.21 -8.88 3.11
CA VAL A 30 -4.26 -7.56 2.49
C VAL A 30 -5.43 -7.52 1.50
N LYS A 31 -5.76 -8.68 0.96
CA LYS A 31 -6.84 -8.78 0.01
C LYS A 31 -8.05 -7.99 0.53
N THR A 32 -8.10 -7.85 1.83
CA THR A 32 -9.19 -7.12 2.47
C THR A 32 -8.84 -5.64 2.59
N GLY A 33 -7.56 -5.37 2.80
CA GLY A 33 -7.08 -4.01 2.92
C GLY A 33 -7.63 -3.13 1.80
N HIS A 34 -7.79 -1.85 2.13
CA HIS A 34 -8.30 -0.89 1.16
C HIS A 34 -7.98 0.53 1.62
N VAL A 35 -6.83 1.02 1.18
CA VAL A 35 -6.39 2.36 1.53
C VAL A 35 -7.61 3.28 1.60
N THR A 36 -8.26 3.43 0.45
CA THR A 36 -9.43 4.29 0.36
C THR A 36 -9.02 5.76 0.35
N HIS A 37 -7.72 5.98 0.50
CA HIS A 37 -7.18 7.33 0.52
C HIS A 37 -5.81 7.35 -0.14
N VAL A 38 -4.80 7.10 0.67
CA VAL A 38 -3.42 7.07 0.19
C VAL A 38 -2.96 8.52 -0.07
N LYS A 39 -1.66 8.72 0.08
CA LYS A 39 -1.07 10.03 -0.11
C LYS A 39 0.12 9.91 -1.07
N LEU A 40 -0.13 10.30 -2.32
CA LEU A 40 0.92 10.24 -3.33
C LEU A 40 1.91 11.38 -3.10
N SER A 41 3.18 11.07 -3.34
CA SER A 41 4.23 12.05 -3.16
C SER A 41 5.50 11.59 -3.87
N ASP A 42 6.23 12.56 -4.40
CA ASP A 42 7.47 12.26 -5.11
C ASP A 42 7.14 11.59 -6.45
N ASP A 43 5.85 11.51 -6.73
CA ASP A 43 5.39 10.89 -7.96
C ASP A 43 5.55 9.37 -7.86
N LEU A 44 4.84 8.80 -6.90
CA LEU A 44 4.90 7.36 -6.69
C LEU A 44 6.06 7.03 -5.75
N LEU A 45 7.17 7.73 -5.97
CA LEU A 45 8.35 7.52 -5.16
C LEU A 45 7.94 7.26 -3.71
N HIS A 46 6.84 7.90 -3.32
CA HIS A 46 6.32 7.74 -1.97
C HIS A 46 4.83 7.44 -2.02
N VAL A 47 4.49 6.22 -1.62
CA VAL A 47 3.11 5.79 -1.62
C VAL A 47 2.67 5.50 -0.18
N THR A 48 2.11 6.52 0.46
CA THR A 48 1.65 6.39 1.82
C THR A 48 0.30 5.66 1.87
N VAL A 49 0.37 4.35 2.00
CA VAL A 49 -0.84 3.54 2.05
C VAL A 49 -1.29 3.39 3.51
N TYR A 50 -2.31 4.15 3.86
CA TYR A 50 -2.85 4.12 5.21
C TYR A 50 -3.56 2.79 5.48
N LEU A 51 -4.11 2.22 4.42
CA LEU A 51 -4.82 0.96 4.53
C LEU A 51 -5.92 1.08 5.59
N ASP A 52 -7.14 1.25 5.13
CA ASP A 52 -8.28 1.39 6.02
C ASP A 52 -9.08 0.09 6.02
N CYS A 53 -8.58 -0.87 5.25
CA CYS A 53 -9.23 -2.17 5.16
C CYS A 53 -10.74 -1.96 5.38
N TYR A 54 -11.32 -2.88 6.14
CA TYR A 54 -12.74 -2.81 6.44
C TYR A 54 -13.04 -1.68 7.43
N ASN A 55 -12.17 -1.57 8.41
CA ASN A 55 -12.33 -0.54 9.43
C ASN A 55 -10.97 -0.21 10.05
N ARG A 56 -10.41 -1.20 10.73
CA ARG A 56 -9.12 -1.03 11.37
C ARG A 56 -8.73 -2.31 12.12
N GLU A 57 -9.73 -2.96 12.68
CA GLU A 57 -9.51 -4.18 13.43
C GLU A 57 -8.91 -5.26 12.51
N GLN A 58 -8.95 -4.97 11.21
CA GLN A 58 -8.41 -5.90 10.24
C GLN A 58 -7.10 -5.37 9.66
N ILE A 59 -6.86 -4.09 9.90
CA ILE A 59 -5.65 -3.46 9.41
C ILE A 59 -4.43 -4.18 10.00
N ASP A 60 -4.43 -4.29 11.33
CA ASP A 60 -3.34 -4.94 12.02
C ASP A 60 -2.91 -6.19 11.25
N ARG A 61 -3.92 -6.87 10.70
CA ARG A 61 -3.66 -8.08 9.93
C ARG A 61 -3.21 -7.73 8.52
N VAL A 62 -3.84 -6.70 7.96
CA VAL A 62 -3.51 -6.25 6.62
C VAL A 62 -2.07 -5.71 6.61
N VAL A 63 -1.89 -4.63 7.35
CA VAL A 63 -0.57 -4.00 7.43
C VAL A 63 0.48 -5.08 7.70
N GLY A 64 0.15 -5.95 8.65
CA GLY A 64 1.06 -7.02 9.02
C GLY A 64 1.37 -7.92 7.82
N ALA A 65 0.36 -8.09 6.98
CA ALA A 65 0.52 -8.92 5.79
C ALA A 65 1.29 -8.14 4.73
N PHE A 66 0.98 -6.86 4.63
CA PHE A 66 1.65 -6.00 3.66
C PHE A 66 3.16 -6.03 3.86
N ASN A 67 3.57 -6.39 5.07
CA ASN A 67 4.98 -6.46 5.40
C ASN A 67 5.64 -7.59 4.60
N GLN A 68 4.90 -8.69 4.51
CA GLN A 68 5.39 -9.86 3.79
C GLN A 68 5.25 -9.63 2.27
N ALA A 69 4.52 -8.59 1.93
CA ALA A 69 4.32 -8.26 0.53
C ALA A 69 5.58 -7.61 -0.03
N LYS A 70 5.79 -6.37 0.37
CA LYS A 70 6.96 -5.62 -0.08
C LYS A 70 7.29 -6.03 -1.52
N GLY A 71 7.99 -7.15 -1.64
CA GLY A 71 8.38 -7.66 -2.94
C GLY A 71 7.43 -7.14 -4.04
N VAL A 72 6.18 -7.56 -3.93
CA VAL A 72 5.18 -7.15 -4.89
C VAL A 72 4.85 -5.67 -4.69
N PHE A 73 4.79 -5.28 -3.42
CA PHE A 73 4.49 -3.90 -3.09
C PHE A 73 5.74 -3.02 -3.22
N SER A 74 6.52 -3.31 -4.25
CA SER A 74 7.74 -2.56 -4.51
C SER A 74 8.23 -2.82 -5.93
N ARG A 75 8.08 -4.07 -6.35
CA ARG A 75 8.50 -4.46 -7.68
C ARG A 75 7.52 -3.92 -8.73
N VAL A 76 6.29 -3.69 -8.30
CA VAL A 76 5.26 -3.18 -9.18
C VAL A 76 5.74 -1.87 -9.82
N LEU A 77 6.14 -0.95 -8.96
CA LEU A 77 6.64 0.34 -9.42
C LEU A 77 8.00 0.15 -10.08
N ALA A 78 8.74 -0.82 -9.58
CA ALA A 78 10.06 -1.11 -10.10
C ALA A 78 10.00 -1.13 -11.63
N HIS A 79 8.95 -1.75 -12.14
CA HIS A 79 8.77 -1.84 -13.57
C HIS A 79 9.19 -0.53 -14.24
N ASN A 80 9.03 0.55 -13.49
CA ASN A 80 9.40 1.87 -14.00
C ASN A 80 10.59 2.40 -13.19
N LEU A 81 10.31 2.77 -11.95
CA LEU A 81 11.35 3.29 -11.08
C LEU A 81 11.78 2.21 -10.09
N TYR A 82 13.03 1.79 -10.23
CA TYR A 82 13.58 0.77 -9.36
C TYR A 82 14.67 1.34 -8.46
N LEU A 83 14.99 0.58 -7.41
CA LEU A 83 16.02 0.99 -6.48
C LEU A 83 15.37 1.79 -5.33
N ALA A 84 15.93 1.63 -4.15
CA ALA A 84 15.42 2.33 -2.98
C ALA A 84 15.01 3.75 -3.38
N LYS A 85 15.99 4.50 -3.86
CA LYS A 85 15.75 5.87 -4.29
C LYS A 85 14.93 5.87 -5.57
N ALA A 86 13.76 5.24 -5.50
CA ALA A 86 12.88 5.16 -6.64
C ALA A 86 11.45 4.86 -6.17
N VAL A 87 11.32 3.75 -5.46
CA VAL A 87 10.03 3.34 -4.94
C VAL A 87 10.23 2.37 -3.78
N GLN A 88 9.13 1.82 -3.30
CA GLN A 88 9.17 0.87 -2.20
C GLN A 88 7.81 0.79 -1.50
N ILE A 89 7.03 1.85 -1.70
CA ILE A 89 5.70 1.93 -1.10
C ILE A 89 5.84 2.09 0.41
N HIS A 90 5.18 3.13 0.92
CA HIS A 90 5.21 3.41 2.35
C HIS A 90 3.96 2.84 3.02
N PHE A 91 4.15 2.34 4.22
CA PHE A 91 3.05 1.77 4.97
C PHE A 91 2.58 2.73 6.07
N VAL A 92 1.27 2.92 6.11
CA VAL A 92 0.67 3.81 7.10
C VAL A 92 -0.52 3.12 7.74
N LYS A 93 -0.95 3.67 8.88
CA LYS A 93 -2.08 3.12 9.60
C LYS A 93 -2.64 4.19 10.53
N ASP A 94 -1.75 4.75 11.35
CA ASP A 94 -2.16 5.77 12.30
C ASP A 94 -1.51 7.10 11.90
N LYS A 95 -0.54 7.01 11.01
CA LYS A 95 0.16 8.19 10.54
C LYS A 95 0.41 9.13 11.71
N ALA A 96 0.99 8.57 12.77
CA ALA A 96 1.29 9.35 13.95
C ALA A 96 2.44 8.68 14.72
N ILE A 97 2.07 7.68 15.52
CA ILE A 97 3.05 6.96 16.31
C ILE A 97 3.66 5.84 15.45
N ASP A 98 4.05 6.21 14.24
CA ASP A 98 4.64 5.25 13.33
C ASP A 98 6.11 5.01 13.72
N ASN A 99 6.52 5.70 14.77
CA ASN A 99 7.88 5.58 15.26
C ASN A 99 7.91 5.83 16.77
N ALA A 100 7.14 5.02 17.48
CA ALA A 100 7.07 5.13 18.92
C ALA A 100 6.64 3.80 19.52
N MET A 101 5.34 3.66 19.73
CA MET A 101 4.79 2.44 20.29
C MET A 101 4.84 2.48 21.83
N LYS A 6 -12.19 8.43 -10.31
CA LYS A 6 -10.86 8.08 -10.81
C LYS A 6 -9.92 9.26 -10.60
N GLU A 7 -9.23 9.23 -9.47
CA GLU A 7 -8.29 10.29 -9.13
C GLU A 7 -7.08 10.24 -10.07
N ARG A 8 -7.37 10.39 -11.36
CA ARG A 8 -6.32 10.37 -12.37
C ARG A 8 -5.30 9.28 -12.06
N LEU A 9 -4.05 9.55 -12.40
CA LEU A 9 -2.99 8.59 -12.17
C LEU A 9 -3.16 7.97 -10.78
N GLU A 10 -3.51 8.81 -9.83
CA GLU A 10 -3.72 8.37 -8.46
C GLU A 10 -4.50 7.06 -8.44
N ASN A 11 -5.68 7.10 -9.05
CA ASN A 11 -6.54 5.93 -9.11
C ASN A 11 -5.78 4.78 -9.78
N ASP A 12 -4.89 5.16 -10.70
CA ASP A 12 -4.10 4.17 -11.42
C ASP A 12 -3.18 3.44 -10.43
N ILE A 13 -2.55 4.23 -9.57
CA ILE A 13 -1.65 3.67 -8.57
C ILE A 13 -2.44 2.76 -7.63
N ILE A 14 -3.57 3.27 -7.17
CA ILE A 14 -4.42 2.50 -6.27
C ILE A 14 -4.81 1.19 -6.94
N ARG A 15 -5.15 1.29 -8.22
CA ARG A 15 -5.55 0.12 -8.98
C ARG A 15 -4.33 -0.78 -9.23
N LEU A 16 -3.16 -0.20 -9.05
CA LEU A 16 -1.92 -0.94 -9.27
C LEU A 16 -1.77 -2.00 -8.17
N ILE A 17 -1.63 -1.53 -6.95
CA ILE A 17 -1.48 -2.42 -5.81
C ILE A 17 -2.70 -3.35 -5.73
N ASN A 18 -3.80 -2.88 -6.29
CA ASN A 18 -5.03 -3.66 -6.30
C ASN A 18 -4.91 -4.79 -7.32
N ARG A 19 -4.35 -4.44 -8.47
CA ARG A 19 -4.18 -5.42 -9.53
C ARG A 19 -3.24 -6.54 -9.07
N THR A 20 -2.42 -6.22 -8.07
CA THR A 20 -1.48 -7.19 -7.54
C THR A 20 -2.19 -8.18 -6.61
N VAL A 21 -2.88 -7.61 -5.63
CA VAL A 21 -3.62 -8.44 -4.68
C VAL A 21 -4.80 -9.10 -5.39
N ILE A 22 -4.98 -8.73 -6.64
CA ILE A 22 -6.07 -9.28 -7.43
C ILE A 22 -5.80 -10.77 -7.67
N HIS A 23 -4.61 -11.05 -8.16
CA HIS A 23 -4.22 -12.43 -8.44
C HIS A 23 -2.76 -12.65 -8.06
N GLU A 24 -2.41 -12.15 -6.88
CA GLU A 24 -1.06 -12.28 -6.38
C GLU A 24 -1.06 -12.38 -4.86
N ILE A 25 -1.91 -11.57 -4.24
CA ILE A 25 -2.01 -11.57 -2.79
C ILE A 25 -3.35 -12.20 -2.37
N TYR A 26 -4.07 -12.67 -3.38
CA TYR A 26 -5.36 -13.30 -3.13
C TYR A 26 -5.35 -14.09 -1.83
N ASN A 27 -4.37 -14.97 -1.72
CA ASN A 27 -4.23 -15.79 -0.52
C ASN A 27 -3.24 -15.13 0.44
N GLU A 28 -3.75 -14.16 1.18
CA GLU A 28 -2.93 -13.44 2.13
C GLU A 28 -3.79 -12.79 3.21
N THR A 29 -3.99 -11.49 3.05
CA THR A 29 -4.80 -10.74 4.00
C THR A 29 -4.98 -9.30 3.52
N VAL A 30 -3.86 -8.67 3.24
CA VAL A 30 -3.88 -7.28 2.76
C VAL A 30 -5.04 -7.10 1.79
N LYS A 31 -5.39 -8.18 1.12
CA LYS A 31 -6.48 -8.16 0.16
C LYS A 31 -7.69 -7.48 0.79
N THR A 32 -7.71 -7.48 2.11
CA THR A 32 -8.80 -6.87 2.85
C THR A 32 -8.50 -5.41 3.16
N GLY A 33 -7.20 -5.13 3.28
CA GLY A 33 -6.76 -3.78 3.58
C GLY A 33 -7.62 -2.75 2.86
N HIS A 34 -7.27 -2.49 1.62
CA HIS A 34 -8.01 -1.53 0.81
C HIS A 34 -7.82 -0.12 1.38
N VAL A 35 -6.97 0.64 0.72
CA VAL A 35 -6.69 2.00 1.16
C VAL A 35 -7.92 2.88 0.88
N THR A 36 -8.10 3.86 1.75
CA THR A 36 -9.23 4.77 1.61
C THR A 36 -8.76 6.12 1.04
N HIS A 37 -7.51 6.44 1.34
CA HIS A 37 -6.94 7.69 0.87
C HIS A 37 -5.42 7.63 1.00
N VAL A 38 -4.80 6.94 0.04
CA VAL A 38 -3.36 6.80 0.03
C VAL A 38 -2.72 8.12 -0.39
N LYS A 39 -1.77 8.57 0.42
CA LYS A 39 -1.09 9.82 0.15
C LYS A 39 0.20 9.53 -0.63
N LEU A 40 0.07 9.63 -1.96
CA LEU A 40 1.21 9.38 -2.83
C LEU A 40 1.68 10.70 -3.44
N SER A 41 2.99 10.87 -3.48
CA SER A 41 3.59 12.08 -4.04
C SER A 41 5.06 11.84 -4.36
N ASP A 42 5.68 12.88 -4.89
CA ASP A 42 7.09 12.79 -5.27
C ASP A 42 7.26 11.78 -6.39
N ASP A 43 6.67 12.12 -7.54
CA ASP A 43 6.76 11.25 -8.70
C ASP A 43 6.45 9.81 -8.28
N LEU A 44 5.29 9.63 -7.67
CA LEU A 44 4.88 8.32 -7.21
C LEU A 44 6.09 7.58 -6.64
N LEU A 45 6.70 8.19 -5.65
CA LEU A 45 7.87 7.59 -5.00
C LEU A 45 7.49 7.10 -3.61
N HIS A 46 6.75 7.95 -2.90
CA HIS A 46 6.31 7.61 -1.56
C HIS A 46 4.79 7.43 -1.54
N VAL A 47 4.38 6.19 -1.33
CA VAL A 47 2.95 5.88 -1.29
C VAL A 47 2.54 5.60 0.16
N THR A 48 1.98 6.63 0.79
CA THR A 48 1.53 6.51 2.16
C THR A 48 0.17 5.83 2.23
N VAL A 49 0.20 4.51 2.31
CA VAL A 49 -1.01 3.73 2.38
C VAL A 49 -1.58 3.79 3.81
N TYR A 50 -2.86 4.08 3.88
CA TYR A 50 -3.53 4.16 5.18
C TYR A 50 -4.03 2.80 5.64
N LEU A 51 -4.31 1.95 4.66
CA LEU A 51 -4.79 0.60 4.94
C LEU A 51 -6.06 0.69 5.79
N ASP A 52 -7.17 0.35 5.16
CA ASP A 52 -8.46 0.38 5.84
C ASP A 52 -9.19 -0.95 5.62
N CYS A 53 -8.74 -1.96 6.35
CA CYS A 53 -9.34 -3.28 6.24
C CYS A 53 -10.74 -3.23 6.86
N TYR A 54 -10.93 -4.05 7.89
CA TYR A 54 -12.22 -4.10 8.57
C TYR A 54 -12.32 -2.99 9.62
N ASN A 55 -11.89 -1.80 9.22
CA ASN A 55 -11.93 -0.66 10.11
C ASN A 55 -10.77 -0.76 11.11
N ARG A 56 -9.60 -1.08 10.58
CA ARG A 56 -8.41 -1.21 11.41
C ARG A 56 -8.57 -2.36 12.40
N GLU A 57 -9.65 -3.11 12.22
CA GLU A 57 -9.94 -4.23 13.10
C GLU A 57 -9.14 -5.46 12.65
N GLN A 58 -8.57 -5.35 11.46
CA GLN A 58 -7.78 -6.45 10.91
C GLN A 58 -6.43 -5.92 10.41
N ILE A 59 -6.19 -4.65 10.69
CA ILE A 59 -4.94 -4.02 10.26
C ILE A 59 -3.76 -4.88 10.73
N ASP A 60 -3.74 -5.17 12.02
CA ASP A 60 -2.69 -5.98 12.60
C ASP A 60 -2.33 -7.10 11.64
N ARG A 61 -3.35 -7.64 10.99
CA ARG A 61 -3.16 -8.72 10.04
C ARG A 61 -2.69 -8.18 8.70
N VAL A 62 -3.35 -7.12 8.26
CA VAL A 62 -3.01 -6.49 6.99
C VAL A 62 -1.57 -5.97 7.07
N VAL A 63 -1.37 -5.00 7.94
CA VAL A 63 -0.06 -4.39 8.11
C VAL A 63 0.98 -5.51 8.27
N GLY A 64 0.63 -6.50 9.08
CA GLY A 64 1.53 -7.62 9.32
C GLY A 64 1.78 -8.40 8.03
N ALA A 65 0.80 -8.36 7.14
CA ALA A 65 0.91 -9.05 5.87
C ALA A 65 1.81 -8.25 4.94
N PHE A 66 1.58 -6.95 4.90
CA PHE A 66 2.37 -6.07 4.06
C PHE A 66 3.86 -6.18 4.37
N ASN A 67 4.13 -6.61 5.60
CA ASN A 67 5.51 -6.78 6.04
C ASN A 67 6.10 -8.05 5.43
N GLN A 68 5.78 -8.25 4.16
CA GLN A 68 6.26 -9.42 3.44
C GLN A 68 5.77 -9.40 1.99
N ALA A 69 4.61 -8.79 1.81
CA ALA A 69 4.02 -8.70 0.49
C ALA A 69 4.75 -7.63 -0.32
N LYS A 70 5.47 -6.78 0.40
CA LYS A 70 6.23 -5.71 -0.24
C LYS A 70 6.64 -6.14 -1.65
N GLY A 71 7.16 -7.35 -1.73
CA GLY A 71 7.59 -7.89 -3.01
C GLY A 71 6.76 -7.30 -4.16
N VAL A 72 5.46 -7.45 -4.04
CA VAL A 72 4.55 -6.94 -5.05
C VAL A 72 4.34 -5.44 -4.83
N PHE A 73 4.20 -5.08 -3.57
CA PHE A 73 3.99 -3.68 -3.20
C PHE A 73 5.31 -2.90 -3.22
N SER A 74 6.12 -3.21 -4.23
CA SER A 74 7.41 -2.55 -4.37
C SER A 74 7.96 -2.78 -5.77
N ARG A 75 7.75 -3.99 -6.28
CA ARG A 75 8.22 -4.35 -7.60
C ARG A 75 7.31 -3.74 -8.67
N VAL A 76 6.09 -3.44 -8.25
CA VAL A 76 5.11 -2.86 -9.16
C VAL A 76 5.67 -1.54 -9.71
N LEU A 77 5.94 -0.62 -8.81
CA LEU A 77 6.48 0.67 -9.20
C LEU A 77 7.93 0.50 -9.67
N ALA A 78 8.55 -0.56 -9.18
CA ALA A 78 9.93 -0.84 -9.54
C ALA A 78 10.07 -0.84 -11.06
N HIS A 79 9.25 -1.66 -11.71
CA HIS A 79 9.27 -1.76 -13.15
C HIS A 79 9.17 -0.36 -13.76
N ASN A 80 8.66 0.57 -12.97
CA ASN A 80 8.50 1.94 -13.41
C ASN A 80 9.81 2.69 -13.21
N LEU A 81 10.23 2.75 -11.95
CA LEU A 81 11.47 3.43 -11.61
C LEU A 81 12.52 2.40 -11.23
N TYR A 82 12.18 1.57 -10.26
CA TYR A 82 13.09 0.53 -9.79
C TYR A 82 14.19 1.13 -8.92
N LEU A 83 15.31 0.41 -8.87
CA LEU A 83 16.44 0.86 -8.07
C LEU A 83 16.04 0.91 -6.60
N ALA A 84 16.99 0.55 -5.74
CA ALA A 84 16.75 0.56 -4.31
C ALA A 84 15.66 1.58 -3.99
N LYS A 85 16.10 2.78 -3.64
CA LYS A 85 15.19 3.86 -3.31
C LYS A 85 14.20 4.06 -4.46
N ALA A 86 13.43 5.13 -4.35
CA ALA A 86 12.44 5.43 -5.37
C ALA A 86 11.38 4.35 -5.40
N VAL A 87 10.21 4.69 -4.87
CA VAL A 87 9.11 3.75 -4.82
C VAL A 87 9.41 2.64 -3.80
N GLN A 88 8.36 2.01 -3.32
CA GLN A 88 8.51 0.95 -2.34
C GLN A 88 7.21 0.78 -1.55
N ILE A 89 6.42 1.84 -1.53
CA ILE A 89 5.15 1.81 -0.82
C ILE A 89 5.43 1.72 0.69
N HIS A 90 4.81 2.63 1.42
CA HIS A 90 4.97 2.66 2.87
C HIS A 90 3.61 2.80 3.54
N PHE A 91 3.49 2.20 4.71
CA PHE A 91 2.25 2.26 5.46
C PHE A 91 2.23 3.46 6.42
N VAL A 92 1.06 3.71 6.98
CA VAL A 92 0.91 4.82 7.90
C VAL A 92 -0.28 4.54 8.83
N LYS A 93 -1.48 4.73 8.29
CA LYS A 93 -2.69 4.51 9.06
C LYS A 93 -3.01 5.75 9.88
N ASP A 94 -1.97 6.32 10.46
CA ASP A 94 -2.12 7.51 11.28
C ASP A 94 -0.84 8.35 11.21
N LYS A 95 0.29 7.65 11.31
CA LYS A 95 1.58 8.32 11.25
C LYS A 95 1.49 9.66 11.98
N ALA A 96 0.81 9.64 13.12
CA ALA A 96 0.65 10.84 13.92
C ALA A 96 1.91 11.07 14.76
N ILE A 97 2.11 10.18 15.71
CA ILE A 97 3.26 10.27 16.58
C ILE A 97 4.46 9.58 15.92
N ASP A 98 4.16 8.51 15.20
CA ASP A 98 5.19 7.76 14.52
C ASP A 98 6.41 7.63 15.43
N ASN A 99 6.14 7.34 16.70
CA ASN A 99 7.20 7.19 17.68
C ASN A 99 6.87 6.02 18.60
N ALA A 100 6.11 6.33 19.64
CA ALA A 100 5.72 5.30 20.60
C ALA A 100 4.22 5.44 20.90
N MET A 101 3.93 6.12 22.01
CA MET A 101 2.55 6.33 22.41
C MET A 101 2.48 6.99 23.79
N LYS A 6 -5.68 15.17 -7.33
CA LYS A 6 -5.89 14.66 -8.67
C LYS A 6 -6.20 13.17 -8.61
N GLU A 7 -5.91 12.47 -9.69
CA GLU A 7 -6.16 11.04 -9.77
C GLU A 7 -5.51 10.46 -11.03
N ARG A 8 -6.34 10.27 -12.05
CA ARG A 8 -5.87 9.73 -13.31
C ARG A 8 -4.74 8.72 -13.05
N LEU A 9 -3.51 9.24 -13.07
CA LEU A 9 -2.34 8.41 -12.85
C LEU A 9 -2.47 7.72 -11.48
N GLU A 10 -2.64 8.54 -10.46
CA GLU A 10 -2.78 8.02 -9.11
C GLU A 10 -3.86 6.95 -9.05
N ASN A 11 -4.94 7.20 -9.79
CA ASN A 11 -6.05 6.27 -9.84
C ASN A 11 -5.54 4.90 -10.29
N ASP A 12 -4.66 4.93 -11.28
CA ASP A 12 -4.09 3.70 -11.80
C ASP A 12 -3.19 3.06 -10.74
N ILE A 13 -2.49 3.91 -10.01
CA ILE A 13 -1.59 3.45 -8.97
C ILE A 13 -2.39 2.68 -7.92
N ILE A 14 -3.44 3.34 -7.44
CA ILE A 14 -4.29 2.74 -6.42
C ILE A 14 -4.77 1.36 -6.91
N ARG A 15 -5.34 1.36 -8.10
CA ARG A 15 -5.85 0.13 -8.69
C ARG A 15 -4.68 -0.84 -8.97
N LEU A 16 -3.48 -0.28 -8.91
CA LEU A 16 -2.29 -1.08 -9.16
C LEU A 16 -2.09 -2.07 -8.01
N ILE A 17 -1.95 -1.51 -6.82
CA ILE A 17 -1.76 -2.33 -5.63
C ILE A 17 -2.92 -3.32 -5.50
N ASN A 18 -4.09 -2.87 -5.92
CA ASN A 18 -5.28 -3.70 -5.86
C ASN A 18 -5.13 -4.86 -6.83
N ARG A 19 -4.77 -4.52 -8.07
CA ARG A 19 -4.58 -5.53 -9.10
C ARG A 19 -3.48 -6.51 -8.70
N THR A 20 -2.70 -6.09 -7.71
CA THR A 20 -1.60 -6.92 -7.23
C THR A 20 -2.14 -8.07 -6.38
N VAL A 21 -2.69 -7.70 -5.23
CA VAL A 21 -3.24 -8.68 -4.32
C VAL A 21 -4.00 -9.75 -5.12
N ILE A 22 -4.84 -9.28 -6.03
CA ILE A 22 -5.62 -10.18 -6.85
C ILE A 22 -5.36 -11.62 -6.42
N HIS A 23 -4.27 -12.17 -6.92
CA HIS A 23 -3.89 -13.53 -6.59
C HIS A 23 -2.38 -13.63 -6.42
N GLU A 24 -1.76 -12.48 -6.20
CA GLU A 24 -0.33 -12.41 -6.02
C GLU A 24 0.03 -12.48 -4.53
N ILE A 25 -0.88 -11.94 -3.72
CA ILE A 25 -0.67 -11.93 -2.27
C ILE A 25 -1.25 -13.21 -1.68
N TYR A 26 -1.56 -14.15 -2.55
CA TYR A 26 -2.12 -15.42 -2.13
C TYR A 26 -3.23 -15.21 -1.09
N ASN A 27 -4.11 -14.28 -1.40
CA ASN A 27 -5.22 -13.97 -0.51
C ASN A 27 -4.72 -14.01 0.94
N GLU A 28 -3.45 -13.67 1.11
CA GLU A 28 -2.85 -13.65 2.42
C GLU A 28 -3.79 -13.00 3.43
N THR A 29 -3.84 -11.68 3.37
CA THR A 29 -4.70 -10.92 4.27
C THR A 29 -4.93 -9.51 3.73
N VAL A 30 -3.84 -8.89 3.30
CA VAL A 30 -3.91 -7.54 2.76
C VAL A 30 -5.15 -7.41 1.88
N LYS A 31 -5.61 -8.55 1.37
CA LYS A 31 -6.79 -8.57 0.52
C LYS A 31 -8.02 -8.20 1.36
N THR A 32 -7.83 -7.23 2.24
CA THR A 32 -8.91 -6.77 3.09
C THR A 32 -8.73 -5.28 3.43
N GLY A 33 -7.48 -4.90 3.61
CA GLY A 33 -7.15 -3.52 3.94
C GLY A 33 -8.09 -2.55 3.21
N HIS A 34 -7.85 -2.42 1.91
CA HIS A 34 -8.65 -1.53 1.09
C HIS A 34 -8.39 -0.08 1.50
N VAL A 35 -7.41 0.53 0.82
CA VAL A 35 -7.06 1.90 1.10
C VAL A 35 -8.22 2.82 0.70
N THR A 36 -8.31 3.94 1.39
CA THR A 36 -9.37 4.90 1.13
C THR A 36 -8.80 6.32 1.07
N HIS A 37 -7.51 6.40 0.75
CA HIS A 37 -6.82 7.68 0.67
C HIS A 37 -5.61 7.55 -0.24
N VAL A 38 -4.58 6.89 0.29
CA VAL A 38 -3.35 6.70 -0.45
C VAL A 38 -2.76 8.06 -0.81
N LYS A 39 -1.57 8.31 -0.27
CA LYS A 39 -0.89 9.57 -0.52
C LYS A 39 0.56 9.28 -0.92
N LEU A 40 0.93 9.77 -2.09
CA LEU A 40 2.28 9.57 -2.59
C LEU A 40 3.14 10.78 -2.22
N SER A 41 4.43 10.53 -2.11
CA SER A 41 5.38 11.59 -1.76
C SER A 41 6.76 11.26 -2.31
N ASP A 42 7.45 12.31 -2.76
CA ASP A 42 8.78 12.15 -3.31
C ASP A 42 8.70 11.28 -4.58
N ASP A 43 8.41 11.95 -5.69
CA ASP A 43 8.31 11.25 -6.96
C ASP A 43 7.63 9.89 -6.75
N LEU A 44 6.44 9.95 -6.16
CA LEU A 44 5.69 8.74 -5.89
C LEU A 44 6.65 7.61 -5.50
N LEU A 45 7.58 7.96 -4.63
CA LEU A 45 8.57 6.99 -4.17
C LEU A 45 8.00 6.23 -2.98
N HIS A 46 7.19 6.93 -2.19
CA HIS A 46 6.58 6.33 -1.01
C HIS A 46 5.06 6.36 -1.16
N VAL A 47 4.46 5.20 -1.04
CA VAL A 47 3.01 5.08 -1.15
C VAL A 47 2.41 4.96 0.26
N THR A 48 1.89 6.08 0.74
CA THR A 48 1.28 6.10 2.06
C THR A 48 -0.14 5.53 2.01
N VAL A 49 -0.22 4.21 2.16
CA VAL A 49 -1.49 3.53 2.13
C VAL A 49 -2.14 3.63 3.51
N TYR A 50 -3.38 4.12 3.52
CA TYR A 50 -4.11 4.27 4.77
C TYR A 50 -5.00 3.04 5.02
N LEU A 51 -4.33 1.89 5.11
CA LEU A 51 -5.05 0.65 5.36
C LEU A 51 -6.19 0.90 6.33
N ASP A 52 -7.38 0.51 5.91
CA ASP A 52 -8.57 0.69 6.73
C ASP A 52 -9.21 -0.68 6.99
N CYS A 53 -8.66 -1.69 6.36
CA CYS A 53 -9.16 -3.05 6.51
C CYS A 53 -10.57 -2.97 7.09
N TYR A 54 -10.67 -3.25 8.37
CA TYR A 54 -11.97 -3.21 9.04
C TYR A 54 -11.85 -2.56 10.43
N ASN A 55 -11.74 -1.24 10.41
CA ASN A 55 -11.62 -0.49 11.65
C ASN A 55 -10.27 -0.79 12.30
N ARG A 56 -9.26 -0.90 11.46
CA ARG A 56 -7.92 -1.19 11.93
C ARG A 56 -7.95 -2.30 12.98
N GLU A 57 -8.99 -3.12 12.89
CA GLU A 57 -9.16 -4.23 13.82
C GLU A 57 -8.31 -5.43 13.37
N GLN A 58 -8.02 -5.45 12.08
CA GLN A 58 -7.22 -6.53 11.51
C GLN A 58 -5.96 -5.98 10.84
N ILE A 59 -5.90 -4.65 10.79
CA ILE A 59 -4.76 -3.98 10.17
C ILE A 59 -3.48 -4.69 10.61
N ASP A 60 -3.35 -4.88 11.91
CA ASP A 60 -2.17 -5.54 12.46
C ASP A 60 -1.78 -6.71 11.56
N ARG A 61 -2.80 -7.38 11.04
CA ARG A 61 -2.58 -8.52 10.17
C ARG A 61 -2.27 -8.04 8.75
N VAL A 62 -3.04 -7.06 8.30
CA VAL A 62 -2.85 -6.51 6.97
C VAL A 62 -1.44 -5.90 6.86
N VAL A 63 -1.21 -4.90 7.69
CA VAL A 63 0.08 -4.22 7.70
C VAL A 63 1.19 -5.26 7.86
N GLY A 64 0.94 -6.21 8.74
CA GLY A 64 1.92 -7.26 8.99
C GLY A 64 2.18 -8.08 7.72
N ALA A 65 1.11 -8.31 6.97
CA ALA A 65 1.22 -9.08 5.74
C ALA A 65 1.85 -8.20 4.66
N PHE A 66 1.47 -6.93 4.68
CA PHE A 66 1.99 -5.98 3.71
C PHE A 66 3.52 -5.96 3.73
N ASN A 67 4.07 -6.29 4.89
CA ASN A 67 5.51 -6.31 5.06
C ASN A 67 6.12 -7.36 4.13
N GLN A 68 5.59 -8.57 4.23
CA GLN A 68 6.09 -9.66 3.40
C GLN A 68 5.53 -9.54 1.98
N ALA A 69 4.72 -8.50 1.78
CA ALA A 69 4.13 -8.25 0.48
C ALA A 69 4.69 -6.96 -0.10
N LYS A 70 5.62 -6.37 0.64
CA LYS A 70 6.25 -5.13 0.21
C LYS A 70 6.98 -5.37 -1.12
N GLY A 71 7.12 -6.64 -1.46
CA GLY A 71 7.79 -7.02 -2.69
C GLY A 71 6.94 -6.67 -3.91
N VAL A 72 5.77 -7.28 -3.97
CA VAL A 72 4.86 -7.04 -5.08
C VAL A 72 4.50 -5.56 -5.13
N PHE A 73 4.24 -5.00 -3.96
CA PHE A 73 3.89 -3.59 -3.86
C PHE A 73 5.03 -2.70 -4.35
N SER A 74 6.22 -3.00 -3.84
CA SER A 74 7.41 -2.24 -4.21
C SER A 74 7.67 -2.39 -5.71
N ARG A 75 7.31 -3.56 -6.23
CA ARG A 75 7.50 -3.83 -7.65
C ARG A 75 6.67 -2.87 -8.49
N VAL A 76 5.50 -2.55 -7.99
CA VAL A 76 4.60 -1.64 -8.68
C VAL A 76 5.37 -0.38 -9.09
N LEU A 77 5.98 0.25 -8.10
CA LEU A 77 6.75 1.46 -8.36
C LEU A 77 8.01 1.10 -9.16
N ALA A 78 8.37 -0.17 -9.10
CA ALA A 78 9.54 -0.65 -9.82
C ALA A 78 9.27 -0.59 -11.32
N HIS A 79 8.07 -1.01 -11.70
CA HIS A 79 7.67 -1.01 -13.09
C HIS A 79 7.61 0.43 -13.61
N ASN A 80 7.59 1.36 -12.66
CA ASN A 80 7.53 2.78 -13.00
C ASN A 80 8.95 3.31 -13.16
N LEU A 81 9.61 3.50 -12.03
CA LEU A 81 10.97 4.01 -12.03
C LEU A 81 11.95 2.84 -11.89
N TYR A 82 12.49 2.70 -10.69
CA TYR A 82 13.44 1.64 -10.41
C TYR A 82 13.95 1.72 -8.97
N LEU A 83 15.00 0.95 -8.71
CA LEU A 83 15.58 0.92 -7.38
C LEU A 83 14.55 0.38 -6.38
N ALA A 84 15.05 0.03 -5.20
CA ALA A 84 14.19 -0.51 -4.16
C ALA A 84 14.06 0.53 -3.04
N LYS A 85 15.20 1.10 -2.67
CA LYS A 85 15.22 2.10 -1.61
C LYS A 85 14.47 3.35 -2.09
N ALA A 86 14.67 3.67 -3.36
CA ALA A 86 14.01 4.84 -3.94
C ALA A 86 12.50 4.64 -3.90
N VAL A 87 12.02 3.83 -4.82
CA VAL A 87 10.59 3.55 -4.91
C VAL A 87 10.25 2.39 -3.98
N GLN A 88 9.18 2.58 -3.21
CA GLN A 88 8.74 1.56 -2.28
C GLN A 88 7.47 2.01 -1.55
N ILE A 89 6.51 1.10 -1.48
CA ILE A 89 5.25 1.40 -0.82
C ILE A 89 5.45 1.35 0.70
N HIS A 90 4.73 2.22 1.39
CA HIS A 90 4.82 2.28 2.83
C HIS A 90 3.42 2.19 3.44
N PHE A 91 3.28 1.32 4.42
CA PHE A 91 2.01 1.13 5.09
C PHE A 91 1.79 2.19 6.18
N VAL A 92 0.57 2.68 6.25
CA VAL A 92 0.22 3.69 7.24
C VAL A 92 -1.06 3.27 7.97
N LYS A 93 -1.18 3.74 9.20
CA LYS A 93 -2.35 3.43 10.01
C LYS A 93 -3.42 4.50 9.79
N ASP A 94 -3.49 4.98 8.55
CA ASP A 94 -4.46 6.00 8.20
C ASP A 94 -4.20 7.25 9.05
N LYS A 95 -2.95 7.69 9.02
CA LYS A 95 -2.57 8.88 9.77
C LYS A 95 -3.17 8.80 11.18
N ALA A 96 -3.42 7.58 11.61
CA ALA A 96 -3.99 7.35 12.93
C ALA A 96 -5.50 7.63 12.88
N ILE A 97 -5.84 8.77 12.30
CA ILE A 97 -7.24 9.16 12.18
C ILE A 97 -7.32 10.49 11.43
N ASP A 98 -6.34 11.34 11.68
CA ASP A 98 -6.29 12.64 11.03
C ASP A 98 -7.66 13.32 11.17
N ASN A 99 -7.99 13.66 12.41
CA ASN A 99 -9.25 14.33 12.69
C ASN A 99 -9.43 14.45 14.21
N ALA A 100 -9.74 13.32 14.82
CA ALA A 100 -9.94 13.28 16.26
C ALA A 100 -10.38 11.88 16.68
N MET A 101 -11.63 11.57 16.39
CA MET A 101 -12.18 10.26 16.72
C MET A 101 -13.64 10.16 16.29
N LYS A 6 -12.18 12.14 -9.39
CA LYS A 6 -10.99 12.94 -9.12
C LYS A 6 -9.87 12.01 -8.62
N GLU A 7 -9.48 11.09 -9.48
CA GLU A 7 -8.42 10.15 -9.14
C GLU A 7 -7.97 9.39 -10.39
N ARG A 8 -7.42 10.15 -11.32
CA ARG A 8 -6.94 9.57 -12.57
C ARG A 8 -5.88 8.50 -12.28
N LEU A 9 -4.62 8.94 -12.34
CA LEU A 9 -3.51 8.05 -12.09
C LEU A 9 -3.66 7.41 -10.71
N GLU A 10 -4.01 8.26 -9.74
CA GLU A 10 -4.19 7.81 -8.37
C GLU A 10 -4.87 6.44 -8.36
N ASN A 11 -6.12 6.43 -8.80
CA ASN A 11 -6.88 5.20 -8.84
C ASN A 11 -6.09 4.12 -9.59
N ASP A 12 -5.62 4.51 -10.76
CA ASP A 12 -4.84 3.60 -11.59
C ASP A 12 -3.86 2.83 -10.72
N ILE A 13 -3.19 3.57 -9.84
CA ILE A 13 -2.21 2.96 -8.94
C ILE A 13 -2.94 2.05 -7.96
N ILE A 14 -3.95 2.61 -7.31
CA ILE A 14 -4.73 1.85 -6.34
C ILE A 14 -5.07 0.48 -6.93
N ARG A 15 -5.62 0.50 -8.14
CA ARG A 15 -6.00 -0.72 -8.81
C ARG A 15 -4.76 -1.58 -9.09
N LEU A 16 -3.62 -0.90 -9.20
CA LEU A 16 -2.36 -1.57 -9.46
C LEU A 16 -2.09 -2.59 -8.35
N ILE A 17 -1.85 -2.06 -7.16
CA ILE A 17 -1.58 -2.90 -6.01
C ILE A 17 -2.64 -4.00 -5.92
N ASN A 18 -3.85 -3.63 -6.29
CA ASN A 18 -4.96 -4.56 -6.26
C ASN A 18 -4.66 -5.75 -7.18
N ARG A 19 -4.30 -5.42 -8.41
CA ARG A 19 -3.97 -6.45 -9.40
C ARG A 19 -3.02 -7.47 -8.79
N THR A 20 -2.09 -6.97 -7.98
CA THR A 20 -1.12 -7.83 -7.35
C THR A 20 -1.75 -8.56 -6.16
N VAL A 21 -2.64 -7.86 -5.47
CA VAL A 21 -3.32 -8.42 -4.32
C VAL A 21 -4.33 -9.48 -4.79
N ILE A 22 -4.43 -9.59 -6.11
CA ILE A 22 -5.34 -10.56 -6.70
C ILE A 22 -5.19 -11.91 -5.99
N HIS A 23 -3.97 -12.41 -6.02
CA HIS A 23 -3.68 -13.69 -5.39
C HIS A 23 -2.17 -13.81 -5.16
N GLU A 24 -1.54 -12.68 -4.88
CA GLU A 24 -0.12 -12.64 -4.63
C GLU A 24 0.18 -11.93 -3.31
N ILE A 25 -0.67 -12.20 -2.33
CA ILE A 25 -0.52 -11.59 -1.01
C ILE A 25 -0.92 -12.62 0.06
N TYR A 26 -0.17 -13.70 0.10
CA TYR A 26 -0.42 -14.76 1.07
C TYR A 26 -1.75 -15.46 0.77
N ASN A 27 -2.82 -14.70 0.86
CA ASN A 27 -4.15 -15.22 0.60
C ASN A 27 -5.17 -14.08 0.58
N GLU A 28 -4.95 -13.16 -0.35
CA GLU A 28 -5.84 -12.02 -0.49
C GLU A 28 -6.26 -11.52 0.89
N THR A 29 -5.27 -11.23 1.71
CA THR A 29 -5.53 -10.74 3.06
C THR A 29 -5.67 -9.22 3.05
N VAL A 30 -4.63 -8.56 2.56
CA VAL A 30 -4.63 -7.11 2.48
C VAL A 30 -5.77 -6.64 1.58
N LYS A 31 -6.33 -7.60 0.85
CA LYS A 31 -7.43 -7.30 -0.06
C LYS A 31 -8.48 -6.48 0.68
N THR A 32 -8.47 -6.61 2.00
CA THR A 32 -9.43 -5.88 2.82
C THR A 32 -8.84 -4.53 3.25
N GLY A 33 -7.52 -4.48 3.29
CA GLY A 33 -6.82 -3.26 3.68
C GLY A 33 -7.61 -2.03 3.26
N HIS A 34 -7.29 -1.53 2.08
CA HIS A 34 -7.95 -0.36 1.54
C HIS A 34 -7.32 0.90 2.13
N VAL A 35 -6.57 1.60 1.31
CA VAL A 35 -5.91 2.82 1.74
C VAL A 35 -6.96 3.86 2.12
N THR A 36 -7.90 4.06 1.20
CA THR A 36 -8.97 5.02 1.43
C THR A 36 -8.40 6.43 1.52
N HIS A 37 -7.13 6.55 1.20
CA HIS A 37 -6.45 7.84 1.24
C HIS A 37 -5.26 7.83 0.28
N VAL A 38 -4.16 7.27 0.76
CA VAL A 38 -2.95 7.19 -0.04
C VAL A 38 -2.41 8.60 -0.28
N LYS A 39 -1.11 8.73 -0.14
CA LYS A 39 -0.45 10.02 -0.35
C LYS A 39 0.72 9.84 -1.31
N LEU A 40 0.59 10.46 -2.47
CA LEU A 40 1.62 10.37 -3.48
C LEU A 40 2.67 11.46 -3.22
N SER A 41 3.80 11.03 -2.70
CA SER A 41 4.89 11.96 -2.40
C SER A 41 5.78 12.14 -3.63
N ASP A 42 5.81 13.39 -4.11
CA ASP A 42 6.61 13.72 -5.27
C ASP A 42 5.82 13.37 -6.54
N ASP A 43 5.65 12.08 -6.77
CA ASP A 43 4.92 11.61 -7.93
C ASP A 43 4.67 10.11 -7.80
N LEU A 44 5.74 9.39 -7.48
CA LEU A 44 5.65 7.94 -7.32
C LEU A 44 6.88 7.44 -6.57
N LEU A 45 7.43 8.33 -5.75
CA LEU A 45 8.62 7.98 -4.97
C LEU A 45 8.18 7.38 -3.63
N HIS A 46 7.31 8.12 -2.95
CA HIS A 46 6.81 7.67 -1.66
C HIS A 46 5.29 7.52 -1.72
N VAL A 47 4.83 6.31 -1.46
CA VAL A 47 3.40 6.03 -1.49
C VAL A 47 2.91 5.74 -0.07
N THR A 48 2.44 6.80 0.58
CA THR A 48 1.95 6.68 1.94
C THR A 48 0.53 6.12 1.95
N VAL A 49 0.44 4.81 2.14
CA VAL A 49 -0.85 4.15 2.16
C VAL A 49 -1.31 3.99 3.62
N TYR A 50 -2.49 4.55 3.89
CA TYR A 50 -3.05 4.49 5.22
C TYR A 50 -4.07 3.36 5.34
N LEU A 51 -3.58 2.14 5.21
CA LEU A 51 -4.44 0.96 5.28
C LEU A 51 -5.47 1.17 6.40
N ASP A 52 -6.67 0.66 6.16
CA ASP A 52 -7.75 0.77 7.12
C ASP A 52 -8.53 -0.53 7.16
N CYS A 53 -8.03 -1.52 6.44
CA CYS A 53 -8.67 -2.82 6.39
C CYS A 53 -10.15 -2.63 6.71
N TYR A 54 -10.64 -3.51 7.59
CA TYR A 54 -12.03 -3.45 7.99
C TYR A 54 -12.31 -2.24 8.89
N ASN A 55 -11.62 -2.22 10.02
CA ASN A 55 -11.77 -1.12 10.97
C ASN A 55 -10.59 -1.13 11.93
N ARG A 56 -9.43 -1.51 11.41
CA ARG A 56 -8.22 -1.56 12.22
C ARG A 56 -8.18 -2.87 13.01
N GLU A 57 -9.31 -3.57 13.02
CA GLU A 57 -9.40 -4.82 13.73
C GLU A 57 -8.84 -5.96 12.89
N GLN A 58 -8.66 -5.67 11.61
CA GLN A 58 -8.12 -6.65 10.68
C GLN A 58 -6.74 -6.21 10.18
N ILE A 59 -6.38 -4.99 10.54
CA ILE A 59 -5.10 -4.44 10.13
C ILE A 59 -3.99 -5.43 10.45
N ASP A 60 -3.97 -5.86 11.71
CA ASP A 60 -2.97 -6.80 12.17
C ASP A 60 -2.73 -7.86 11.08
N ARG A 61 -3.83 -8.25 10.44
CA ARG A 61 -3.75 -9.25 9.39
C ARG A 61 -3.21 -8.61 8.10
N VAL A 62 -3.79 -7.47 7.76
CA VAL A 62 -3.39 -6.76 6.56
C VAL A 62 -1.93 -6.31 6.71
N VAL A 63 -1.72 -5.41 7.66
CA VAL A 63 -0.39 -4.88 7.91
C VAL A 63 0.61 -6.03 7.92
N GLY A 64 0.19 -7.13 8.53
CA GLY A 64 1.04 -8.31 8.62
C GLY A 64 1.34 -8.88 7.23
N ALA A 65 0.32 -8.81 6.37
CA ALA A 65 0.46 -9.30 5.01
C ALA A 65 1.27 -8.30 4.18
N PHE A 66 0.97 -7.03 4.39
CA PHE A 66 1.66 -5.97 3.68
C PHE A 66 3.17 -6.07 3.87
N ASN A 67 3.56 -6.63 5.01
CA ASN A 67 4.97 -6.78 5.33
C ASN A 67 5.65 -7.59 4.22
N GLN A 68 5.22 -8.84 4.08
CA GLN A 68 5.77 -9.73 3.07
C GLN A 68 5.27 -9.33 1.69
N ALA A 69 4.38 -8.34 1.68
CA ALA A 69 3.82 -7.85 0.42
C ALA A 69 4.83 -6.94 -0.25
N LYS A 70 5.68 -6.34 0.56
CA LYS A 70 6.71 -5.44 0.04
C LYS A 70 7.04 -5.82 -1.40
N GLY A 71 7.47 -7.06 -1.56
CA GLY A 71 7.82 -7.57 -2.88
C GLY A 71 6.98 -6.89 -3.97
N VAL A 72 5.67 -7.13 -3.89
CA VAL A 72 4.75 -6.57 -4.85
C VAL A 72 4.58 -5.07 -4.57
N PHE A 73 4.54 -4.74 -3.29
CA PHE A 73 4.38 -3.36 -2.87
C PHE A 73 5.71 -2.61 -2.94
N SER A 74 6.49 -2.93 -3.96
CA SER A 74 7.79 -2.31 -4.16
C SER A 74 8.28 -2.55 -5.58
N ARG A 75 8.04 -3.76 -6.06
CA ARG A 75 8.45 -4.13 -7.40
C ARG A 75 7.56 -3.45 -8.45
N VAL A 76 6.34 -3.16 -8.03
CA VAL A 76 5.39 -2.51 -8.91
C VAL A 76 5.96 -1.17 -9.38
N LEU A 77 6.05 -0.24 -8.44
CA LEU A 77 6.58 1.09 -8.73
C LEU A 77 7.97 0.94 -9.37
N ALA A 78 8.70 -0.06 -8.91
CA ALA A 78 10.03 -0.32 -9.43
C ALA A 78 10.01 -0.21 -10.96
N HIS A 79 9.01 -0.84 -11.55
CA HIS A 79 8.87 -0.82 -12.99
C HIS A 79 9.19 0.57 -13.52
N ASN A 80 8.94 1.56 -12.68
CA ASN A 80 9.20 2.94 -13.04
C ASN A 80 10.60 3.33 -12.58
N LEU A 81 10.76 3.43 -11.27
CA LEU A 81 12.03 3.80 -10.70
C LEU A 81 12.97 2.58 -10.71
N TYR A 82 13.84 2.52 -9.72
CA TYR A 82 14.79 1.43 -9.62
C TYR A 82 14.30 0.38 -8.62
N LEU A 83 15.21 -0.49 -8.23
CA LEU A 83 14.89 -1.55 -7.28
C LEU A 83 14.68 -0.93 -5.90
N ALA A 84 15.14 -1.66 -4.89
CA ALA A 84 15.02 -1.20 -3.52
C ALA A 84 15.18 0.32 -3.47
N LYS A 85 16.37 0.77 -3.86
CA LYS A 85 16.67 2.19 -3.87
C LYS A 85 15.54 2.94 -3.18
N ALA A 86 14.46 3.17 -3.92
CA ALA A 86 13.31 3.87 -3.40
C ALA A 86 12.04 3.28 -3.99
N VAL A 87 11.27 4.15 -4.65
CA VAL A 87 10.03 3.71 -5.26
C VAL A 87 9.48 2.50 -4.52
N GLN A 88 8.69 2.77 -3.50
CA GLN A 88 8.10 1.71 -2.70
C GLN A 88 6.88 2.22 -1.94
N ILE A 89 5.99 1.31 -1.61
CA ILE A 89 4.78 1.66 -0.89
C ILE A 89 5.05 1.59 0.62
N HIS A 90 4.82 2.72 1.28
CA HIS A 90 5.04 2.79 2.71
C HIS A 90 3.69 2.78 3.43
N PHE A 91 3.65 2.03 4.53
CA PHE A 91 2.43 1.93 5.32
C PHE A 91 2.34 3.06 6.33
N VAL A 92 1.10 3.42 6.66
CA VAL A 92 0.86 4.49 7.61
C VAL A 92 -0.37 4.15 8.46
N LYS A 93 -0.18 4.20 9.76
CA LYS A 93 -1.27 3.89 10.69
C LYS A 93 -1.52 5.11 11.59
N ASP A 94 -0.43 5.70 12.04
CA ASP A 94 -0.51 6.86 12.91
C ASP A 94 0.90 7.44 13.11
N LYS A 95 1.69 7.36 12.06
CA LYS A 95 3.05 7.87 12.10
C LYS A 95 3.97 6.81 12.72
N ALA A 96 3.39 5.66 13.01
CA ALA A 96 4.14 4.57 13.61
C ALA A 96 4.99 5.11 14.75
N ILE A 97 4.35 5.90 15.61
CA ILE A 97 5.04 6.49 16.75
C ILE A 97 6.48 6.82 16.36
N ASP A 98 6.62 7.33 15.14
CA ASP A 98 7.93 7.69 14.63
C ASP A 98 8.95 6.64 15.07
N ASN A 99 8.72 5.42 14.62
CA ASN A 99 9.61 4.31 14.96
C ASN A 99 8.97 2.99 14.54
N ALA A 100 8.29 2.37 15.50
CA ALA A 100 7.63 1.11 15.25
C ALA A 100 7.13 0.53 16.58
N MET A 101 6.20 -0.42 16.46
CA MET A 101 5.64 -1.06 17.65
C MET A 101 6.65 -2.02 18.28
N LYS A 6 -11.63 12.76 -10.37
CA LYS A 6 -10.38 13.26 -10.91
C LYS A 6 -9.20 12.54 -10.25
N GLU A 7 -8.78 11.45 -10.87
CA GLU A 7 -7.67 10.66 -10.34
C GLU A 7 -7.18 9.67 -11.40
N ARG A 8 -6.38 10.19 -12.33
CA ARG A 8 -5.84 9.36 -13.39
C ARG A 8 -4.76 8.44 -12.85
N LEU A 9 -3.57 9.01 -12.68
CA LEU A 9 -2.44 8.25 -12.17
C LEU A 9 -2.81 7.65 -10.81
N GLU A 10 -3.44 8.48 -9.98
CA GLU A 10 -3.86 8.05 -8.66
C GLU A 10 -4.53 6.68 -8.73
N ASN A 11 -5.69 6.67 -9.39
CA ASN A 11 -6.45 5.45 -9.55
C ASN A 11 -5.55 4.36 -10.16
N ASP A 12 -4.50 4.82 -10.81
CA ASP A 12 -3.56 3.91 -11.44
C ASP A 12 -2.71 3.22 -10.37
N ILE A 13 -2.24 4.03 -9.44
CA ILE A 13 -1.41 3.51 -8.35
C ILE A 13 -2.29 2.68 -7.42
N ILE A 14 -3.51 3.15 -7.21
CA ILE A 14 -4.45 2.46 -6.35
C ILE A 14 -4.81 1.12 -6.97
N ARG A 15 -5.22 1.18 -8.23
CA ARG A 15 -5.61 -0.03 -8.95
C ARG A 15 -4.39 -0.94 -9.15
N LEU A 16 -3.22 -0.33 -9.06
CA LEU A 16 -1.98 -1.07 -9.23
C LEU A 16 -1.86 -2.11 -8.13
N ILE A 17 -1.67 -1.62 -6.90
CA ILE A 17 -1.53 -2.50 -5.75
C ILE A 17 -2.71 -3.47 -5.71
N ASN A 18 -3.84 -3.01 -6.24
CA ASN A 18 -5.05 -3.82 -6.28
C ASN A 18 -4.85 -4.98 -7.26
N ARG A 19 -4.16 -4.67 -8.35
CA ARG A 19 -3.90 -5.67 -9.37
C ARG A 19 -2.98 -6.76 -8.81
N THR A 20 -2.21 -6.39 -7.80
CA THR A 20 -1.29 -7.32 -7.18
C THR A 20 -2.05 -8.33 -6.33
N VAL A 21 -2.53 -7.86 -5.19
CA VAL A 21 -3.28 -8.71 -4.28
C VAL A 21 -4.30 -9.53 -5.07
N ILE A 22 -4.68 -8.99 -6.23
CA ILE A 22 -5.64 -9.66 -7.09
C ILE A 22 -5.22 -11.12 -7.28
N HIS A 23 -3.94 -11.30 -7.56
CA HIS A 23 -3.40 -12.64 -7.76
C HIS A 23 -2.01 -12.73 -7.14
N GLU A 24 -1.91 -12.19 -5.93
CA GLU A 24 -0.64 -12.21 -5.21
C GLU A 24 -0.89 -12.20 -3.70
N ILE A 25 0.18 -11.95 -2.96
CA ILE A 25 0.10 -11.90 -1.51
C ILE A 25 -0.16 -13.31 -0.98
N TYR A 26 0.94 -14.03 -0.74
CA TYR A 26 0.85 -15.38 -0.23
C TYR A 26 -0.50 -15.63 0.45
N ASN A 27 -0.79 -14.78 1.44
CA ASN A 27 -2.03 -14.89 2.18
C ASN A 27 -3.01 -13.82 1.68
N GLU A 28 -4.26 -14.23 1.55
CA GLU A 28 -5.29 -13.31 1.09
C GLU A 28 -5.82 -12.47 2.26
N THR A 29 -4.87 -11.91 3.00
CA THR A 29 -5.22 -11.08 4.14
C THR A 29 -5.42 -9.63 3.71
N VAL A 30 -4.32 -9.01 3.29
CA VAL A 30 -4.36 -7.63 2.84
C VAL A 30 -5.51 -7.45 1.85
N LYS A 31 -5.91 -8.56 1.25
CA LYS A 31 -6.99 -8.55 0.27
C LYS A 31 -8.10 -7.62 0.78
N THR A 32 -8.18 -7.50 2.10
CA THR A 32 -9.18 -6.65 2.71
C THR A 32 -8.82 -5.18 2.53
N GLY A 33 -7.62 -4.83 2.96
CA GLY A 33 -7.15 -3.47 2.85
C GLY A 33 -7.50 -2.88 1.48
N HIS A 34 -7.73 -1.57 1.48
CA HIS A 34 -8.08 -0.88 0.25
C HIS A 34 -7.64 0.58 0.34
N VAL A 35 -6.76 0.84 1.31
CA VAL A 35 -6.25 2.18 1.52
C VAL A 35 -7.41 3.14 1.79
N THR A 36 -7.30 3.87 2.88
CA THR A 36 -8.33 4.82 3.28
C THR A 36 -7.91 6.24 2.91
N HIS A 37 -7.43 6.40 1.69
CA HIS A 37 -6.99 7.69 1.21
C HIS A 37 -5.47 7.77 1.27
N VAL A 38 -4.83 7.24 0.23
CA VAL A 38 -3.38 7.25 0.15
C VAL A 38 -2.90 8.67 -0.12
N LYS A 39 -1.80 9.03 0.54
CA LYS A 39 -1.23 10.35 0.38
C LYS A 39 -0.04 10.28 -0.58
N LEU A 40 -0.30 10.63 -1.83
CA LEU A 40 0.73 10.60 -2.85
C LEU A 40 1.78 11.65 -2.52
N SER A 41 3.04 11.28 -2.72
CA SER A 41 4.15 12.18 -2.46
C SER A 41 5.33 11.85 -3.37
N ASP A 42 5.90 12.89 -3.95
CA ASP A 42 7.03 12.72 -4.85
C ASP A 42 6.57 11.99 -6.11
N ASP A 43 5.26 11.88 -6.25
CA ASP A 43 4.68 11.20 -7.40
C ASP A 43 4.56 9.71 -7.10
N LEU A 44 5.66 9.14 -6.62
CA LEU A 44 5.68 7.72 -6.30
C LEU A 44 6.74 7.47 -5.21
N LEU A 45 7.86 8.17 -5.35
CA LEU A 45 8.94 8.04 -4.39
C LEU A 45 8.36 7.84 -2.98
N HIS A 46 7.21 8.46 -2.77
CA HIS A 46 6.54 8.37 -1.49
C HIS A 46 5.06 8.06 -1.70
N VAL A 47 4.64 6.90 -1.22
CA VAL A 47 3.26 6.48 -1.35
C VAL A 47 2.74 6.00 0.01
N THR A 48 2.09 6.91 0.71
CA THR A 48 1.55 6.59 2.03
C THR A 48 0.14 6.00 1.90
N VAL A 49 0.08 4.69 2.04
CA VAL A 49 -1.19 3.99 1.94
C VAL A 49 -1.78 3.80 3.34
N TYR A 50 -3.05 4.16 3.47
CA TYR A 50 -3.74 4.04 4.74
C TYR A 50 -4.74 2.87 4.71
N LEU A 51 -4.19 1.68 4.60
CA LEU A 51 -5.03 0.48 4.56
C LEU A 51 -6.26 0.70 5.43
N ASP A 52 -6.05 0.65 6.73
CA ASP A 52 -7.14 0.84 7.68
C ASP A 52 -8.12 -0.32 7.56
N CYS A 53 -7.75 -1.30 6.73
CA CYS A 53 -8.57 -2.47 6.52
C CYS A 53 -10.02 -2.09 6.84
N TYR A 54 -10.47 -2.52 8.01
CA TYR A 54 -11.83 -2.24 8.45
C TYR A 54 -11.85 -1.84 9.93
N ASN A 55 -11.39 -0.62 10.19
CA ASN A 55 -11.36 -0.12 11.56
C ASN A 55 -10.04 -0.53 12.22
N ARG A 56 -9.15 -1.09 11.40
CA ARG A 56 -7.86 -1.53 11.90
C ARG A 56 -8.04 -2.72 12.85
N GLU A 57 -9.22 -3.32 12.77
CA GLU A 57 -9.52 -4.47 13.61
C GLU A 57 -8.76 -5.71 13.12
N GLN A 58 -8.23 -5.60 11.92
CA GLN A 58 -7.48 -6.69 11.32
C GLN A 58 -6.17 -6.17 10.71
N ILE A 59 -5.92 -4.90 10.94
CA ILE A 59 -4.71 -4.27 10.42
C ILE A 59 -3.51 -5.14 10.77
N ASP A 60 -3.39 -5.45 12.05
CA ASP A 60 -2.28 -6.27 12.52
C ASP A 60 -2.02 -7.39 11.51
N ARG A 61 -3.10 -7.91 10.95
CA ARG A 61 -3.00 -8.98 9.97
C ARG A 61 -2.67 -8.41 8.59
N VAL A 62 -3.44 -7.40 8.21
CA VAL A 62 -3.26 -6.75 6.92
C VAL A 62 -1.84 -6.16 6.85
N VAL A 63 -1.60 -5.19 7.71
CA VAL A 63 -0.30 -4.54 7.77
C VAL A 63 0.79 -5.60 7.88
N GLY A 64 0.54 -6.57 8.75
CA GLY A 64 1.50 -7.64 8.96
C GLY A 64 1.80 -8.38 7.66
N ALA A 65 0.76 -8.55 6.85
CA ALA A 65 0.90 -9.22 5.58
C ALA A 65 1.54 -8.28 4.56
N PHE A 66 1.15 -7.02 4.64
CA PHE A 66 1.68 -6.00 3.76
C PHE A 66 3.20 -5.95 3.83
N ASN A 67 3.73 -6.39 4.96
CA ASN A 67 5.16 -6.39 5.18
C ASN A 67 5.81 -7.38 4.21
N GLN A 68 5.19 -8.55 4.10
CA GLN A 68 5.70 -9.59 3.23
C GLN A 68 5.35 -9.26 1.77
N ALA A 69 4.27 -8.51 1.62
CA ALA A 69 3.82 -8.12 0.28
C ALA A 69 4.66 -6.93 -0.21
N LYS A 70 5.44 -6.38 0.70
CA LYS A 70 6.28 -5.24 0.38
C LYS A 70 7.03 -5.55 -0.92
N GLY A 71 7.19 -6.83 -1.20
CA GLY A 71 7.89 -7.26 -2.40
C GLY A 71 7.04 -7.01 -3.65
N VAL A 72 5.88 -7.64 -3.66
CA VAL A 72 4.96 -7.49 -4.78
C VAL A 72 4.62 -6.01 -4.98
N PHE A 73 4.36 -5.34 -3.87
CA PHE A 73 4.03 -3.93 -3.90
C PHE A 73 5.13 -3.13 -4.59
N SER A 74 6.35 -3.34 -4.13
CA SER A 74 7.49 -2.64 -4.69
C SER A 74 7.63 -2.98 -6.18
N ARG A 75 7.29 -4.21 -6.51
CA ARG A 75 7.37 -4.66 -7.89
C ARG A 75 6.54 -3.74 -8.79
N VAL A 76 5.35 -3.43 -8.33
CA VAL A 76 4.45 -2.57 -9.09
C VAL A 76 5.21 -1.33 -9.54
N LEU A 77 5.93 -0.73 -8.59
CA LEU A 77 6.70 0.46 -8.89
C LEU A 77 7.91 0.08 -9.74
N ALA A 78 8.44 -1.10 -9.48
CA ALA A 78 9.59 -1.60 -10.21
C ALA A 78 9.41 -1.30 -11.70
N HIS A 79 8.17 -1.44 -12.15
CA HIS A 79 7.85 -1.19 -13.54
C HIS A 79 8.64 0.01 -14.04
N ASN A 80 8.93 0.92 -13.11
CA ASN A 80 9.67 2.13 -13.45
C ASN A 80 11.06 2.05 -12.81
N LEU A 81 11.06 2.09 -11.48
CA LEU A 81 12.31 2.04 -10.74
C LEU A 81 12.68 0.57 -10.50
N TYR A 82 13.70 0.39 -9.66
CA TYR A 82 14.16 -0.95 -9.34
C TYR A 82 15.65 -0.95 -8.97
N LEU A 83 16.44 -0.29 -9.82
CA LEU A 83 17.87 -0.20 -9.60
C LEU A 83 18.13 0.71 -8.40
N ALA A 84 18.71 1.87 -8.69
CA ALA A 84 19.03 2.82 -7.65
C ALA A 84 17.83 2.96 -6.71
N LYS A 85 16.68 2.55 -7.20
CA LYS A 85 15.45 2.62 -6.42
C LYS A 85 14.77 3.96 -6.66
N ALA A 86 14.34 4.58 -5.56
CA ALA A 86 13.68 5.87 -5.65
C ALA A 86 12.17 5.66 -5.63
N VAL A 87 11.75 4.63 -4.88
CA VAL A 87 10.34 4.31 -4.77
C VAL A 87 10.15 3.25 -3.70
N GLN A 88 8.94 3.20 -3.15
CA GLN A 88 8.62 2.24 -2.12
C GLN A 88 7.31 2.62 -1.43
N ILE A 89 6.39 1.67 -1.40
CA ILE A 89 5.09 1.89 -0.77
C ILE A 89 5.26 1.87 0.74
N HIS A 90 4.62 2.85 1.38
CA HIS A 90 4.69 2.96 2.83
C HIS A 90 3.30 2.73 3.43
N PHE A 91 3.27 1.95 4.50
CA PHE A 91 2.02 1.63 5.17
C PHE A 91 1.72 2.66 6.26
N VAL A 92 0.42 2.87 6.49
CA VAL A 92 -0.01 3.82 7.50
C VAL A 92 -1.26 3.28 8.19
N LYS A 93 -1.36 3.58 9.48
CA LYS A 93 -2.49 3.13 10.27
C LYS A 93 -2.70 4.08 11.45
N ASP A 94 -1.59 4.38 12.12
CA ASP A 94 -1.63 5.27 13.27
C ASP A 94 -0.32 6.07 13.33
N LYS A 95 0.24 6.30 12.16
CA LYS A 95 1.49 7.05 12.07
C LYS A 95 1.25 8.49 12.52
N ALA A 96 -0.03 8.83 12.65
CA ALA A 96 -0.41 10.16 13.08
C ALA A 96 -0.29 10.26 14.61
N ILE A 97 0.82 9.77 15.11
CA ILE A 97 1.07 9.79 16.54
C ILE A 97 -0.24 9.49 17.29
N ASP A 98 -0.72 8.28 17.09
CA ASP A 98 -1.95 7.85 17.73
C ASP A 98 -1.66 7.43 19.17
N ASN A 99 -0.38 7.48 19.52
CA ASN A 99 0.05 7.10 20.86
C ASN A 99 1.56 7.31 20.98
N ALA A 100 1.96 8.57 20.95
CA ALA A 100 3.37 8.91 21.06
C ALA A 100 3.51 10.39 21.45
N MET A 101 4.69 10.73 21.94
CA MET A 101 4.96 12.10 22.35
C MET A 101 6.40 12.24 22.86
N LYS A 6 -13.03 9.79 -9.36
CA LYS A 6 -12.01 10.82 -9.26
C LYS A 6 -10.63 10.15 -9.27
N GLU A 7 -9.64 10.90 -8.78
CA GLU A 7 -8.28 10.40 -8.72
C GLU A 7 -8.02 9.44 -9.88
N ARG A 8 -7.58 10.01 -10.99
CA ARG A 8 -7.29 9.22 -12.18
C ARG A 8 -6.03 8.38 -11.95
N LEU A 9 -4.91 9.06 -11.90
CA LEU A 9 -3.63 8.39 -11.69
C LEU A 9 -3.66 7.64 -10.36
N GLU A 10 -4.06 8.36 -9.32
CA GLU A 10 -4.15 7.78 -7.99
C GLU A 10 -4.85 6.43 -8.04
N ASN A 11 -6.01 6.42 -8.67
CA ASN A 11 -6.79 5.20 -8.81
C ASN A 11 -5.94 4.14 -9.53
N ASP A 12 -5.42 4.53 -10.68
CA ASP A 12 -4.60 3.63 -11.47
C ASP A 12 -3.56 2.96 -10.56
N ILE A 13 -3.06 3.73 -9.60
CA ILE A 13 -2.08 3.23 -8.67
C ILE A 13 -2.74 2.24 -7.71
N ILE A 14 -3.85 2.67 -7.13
CA ILE A 14 -4.59 1.84 -6.20
C ILE A 14 -4.83 0.47 -6.84
N ARG A 15 -5.41 0.50 -8.03
CA ARG A 15 -5.72 -0.72 -8.74
C ARG A 15 -4.42 -1.49 -9.05
N LEU A 16 -3.34 -0.72 -9.18
CA LEU A 16 -2.05 -1.31 -9.48
C LEU A 16 -1.70 -2.34 -8.40
N ILE A 17 -1.57 -1.85 -7.17
CA ILE A 17 -1.24 -2.71 -6.05
C ILE A 17 -2.17 -3.93 -6.07
N ASN A 18 -3.43 -3.66 -6.36
CA ASN A 18 -4.42 -4.72 -6.41
C ASN A 18 -3.93 -5.84 -7.33
N ARG A 19 -3.55 -5.44 -8.53
CA ARG A 19 -3.05 -6.39 -9.52
C ARG A 19 -2.00 -7.31 -8.89
N THR A 20 -1.11 -6.69 -8.11
CA THR A 20 -0.06 -7.43 -7.45
C THR A 20 -0.64 -8.32 -6.35
N VAL A 21 -1.73 -7.85 -5.77
CA VAL A 21 -2.39 -8.59 -4.71
C VAL A 21 -3.09 -9.82 -5.30
N ILE A 22 -3.71 -9.60 -6.45
CA ILE A 22 -4.40 -10.67 -7.13
C ILE A 22 -3.40 -11.56 -7.87
N HIS A 23 -2.30 -10.93 -8.28
CA HIS A 23 -1.25 -11.65 -8.99
C HIS A 23 -0.19 -12.12 -8.00
N GLU A 24 -0.36 -11.70 -6.75
CA GLU A 24 0.58 -12.06 -5.71
C GLU A 24 -0.12 -12.06 -4.34
N ILE A 25 0.67 -11.81 -3.31
CA ILE A 25 0.15 -11.77 -1.95
C ILE A 25 -0.40 -13.15 -1.59
N TYR A 26 0.51 -14.12 -1.56
CA TYR A 26 0.13 -15.48 -1.22
C TYR A 26 -0.98 -15.51 -0.18
N ASN A 27 -0.59 -15.30 1.07
CA ASN A 27 -1.55 -15.29 2.16
C ASN A 27 -2.65 -14.27 1.87
N GLU A 28 -3.68 -14.73 1.17
CA GLU A 28 -4.79 -13.87 0.81
C GLU A 28 -5.00 -12.80 1.88
N THR A 29 -4.32 -11.67 1.68
CA THR A 29 -4.42 -10.56 2.62
C THR A 29 -3.98 -9.26 1.94
N VAL A 30 -4.35 -8.15 2.57
CA VAL A 30 -4.01 -6.84 2.04
C VAL A 30 -5.01 -6.46 0.94
N LYS A 31 -5.58 -7.48 0.32
CA LYS A 31 -6.54 -7.28 -0.74
C LYS A 31 -7.70 -6.43 -0.22
N THR A 32 -7.94 -6.55 1.08
CA THR A 32 -9.01 -5.81 1.72
C THR A 32 -8.59 -4.36 1.94
N GLY A 33 -7.37 -4.19 2.43
CA GLY A 33 -6.85 -2.86 2.69
C GLY A 33 -6.72 -2.06 1.39
N HIS A 34 -7.58 -1.06 1.26
CA HIS A 34 -7.57 -0.22 0.08
C HIS A 34 -7.17 1.21 0.47
N VAL A 35 -6.73 1.35 1.71
CA VAL A 35 -6.31 2.64 2.21
C VAL A 35 -7.55 3.51 2.45
N THR A 36 -7.30 4.68 3.04
CA THR A 36 -8.39 5.60 3.33
C THR A 36 -8.23 6.88 2.50
N HIS A 37 -7.00 7.12 2.06
CA HIS A 37 -6.70 8.29 1.26
C HIS A 37 -5.40 8.09 0.50
N VAL A 38 -4.42 7.53 1.21
CA VAL A 38 -3.12 7.27 0.62
C VAL A 38 -2.56 8.57 0.05
N LYS A 39 -1.38 8.93 0.54
CA LYS A 39 -0.72 10.15 0.09
C LYS A 39 0.31 9.80 -0.98
N LEU A 40 0.26 10.54 -2.08
CA LEU A 40 1.19 10.33 -3.18
C LEU A 40 2.10 11.54 -3.33
N SER A 41 3.40 11.30 -3.19
CA SER A 41 4.38 12.36 -3.32
C SER A 41 5.74 11.77 -3.71
N ASP A 42 6.59 12.65 -4.22
CA ASP A 42 7.91 12.24 -4.65
C ASP A 42 7.82 11.56 -6.02
N ASP A 43 6.62 11.61 -6.59
CA ASP A 43 6.38 11.00 -7.89
C ASP A 43 6.15 9.50 -7.71
N LEU A 44 5.43 9.17 -6.64
CA LEU A 44 5.12 7.78 -6.35
C LEU A 44 6.24 7.19 -5.47
N LEU A 45 7.44 7.70 -5.68
CA LEU A 45 8.59 7.24 -4.92
C LEU A 45 8.22 7.15 -3.45
N HIS A 46 7.23 7.95 -3.07
CA HIS A 46 6.77 7.98 -1.69
C HIS A 46 5.27 7.76 -1.65
N VAL A 47 4.88 6.56 -1.23
CA VAL A 47 3.47 6.22 -1.13
C VAL A 47 3.17 5.69 0.28
N THR A 48 2.45 6.51 1.03
CA THR A 48 2.09 6.14 2.39
C THR A 48 0.64 5.66 2.44
N VAL A 49 0.49 4.34 2.52
CA VAL A 49 -0.83 3.74 2.57
C VAL A 49 -1.25 3.58 4.03
N TYR A 50 -2.32 4.28 4.39
CA TYR A 50 -2.83 4.23 5.75
C TYR A 50 -3.42 2.85 6.06
N LEU A 51 -4.10 2.30 5.07
CA LEU A 51 -4.72 0.99 5.21
C LEU A 51 -5.72 1.04 6.36
N ASP A 52 -6.98 0.81 6.01
CA ASP A 52 -8.05 0.83 6.99
C ASP A 52 -8.86 -0.46 6.88
N CYS A 53 -8.44 -1.32 5.96
CA CYS A 53 -9.11 -2.59 5.73
C CYS A 53 -10.62 -2.35 5.83
N TYR A 54 -11.19 -2.80 6.94
CA TYR A 54 -12.62 -2.64 7.15
C TYR A 54 -12.89 -1.56 8.21
N ASN A 55 -12.24 -1.70 9.34
CA ASN A 55 -12.40 -0.75 10.43
C ASN A 55 -11.16 -0.79 11.33
N ARG A 56 -10.05 -1.22 10.74
CA ARG A 56 -8.80 -1.31 11.48
C ARG A 56 -8.82 -2.53 12.41
N GLU A 57 -9.93 -3.25 12.37
CA GLU A 57 -10.09 -4.43 13.19
C GLU A 57 -9.39 -5.63 12.55
N GLN A 58 -9.07 -5.47 11.27
CA GLN A 58 -8.40 -6.53 10.53
C GLN A 58 -7.03 -6.05 10.04
N ILE A 59 -6.80 -4.76 10.21
CA ILE A 59 -5.54 -4.16 9.80
C ILE A 59 -4.38 -5.07 10.23
N ASP A 60 -4.39 -5.42 11.52
CA ASP A 60 -3.36 -6.28 12.06
C ASP A 60 -3.00 -7.36 11.05
N ARG A 61 -4.03 -7.84 10.37
CA ARG A 61 -3.85 -8.89 9.37
C ARG A 61 -3.41 -8.26 8.03
N VAL A 62 -4.05 -7.15 7.69
CA VAL A 62 -3.74 -6.46 6.46
C VAL A 62 -2.31 -5.92 6.53
N VAL A 63 -2.09 -5.03 7.48
CA VAL A 63 -0.77 -4.43 7.66
C VAL A 63 0.26 -5.54 7.85
N GLY A 64 -0.16 -6.59 8.56
CA GLY A 64 0.72 -7.71 8.82
C GLY A 64 1.15 -8.39 7.52
N ALA A 65 0.20 -8.48 6.59
CA ALA A 65 0.47 -9.09 5.31
C ALA A 65 1.25 -8.11 4.43
N PHE A 66 0.85 -6.85 4.51
CA PHE A 66 1.49 -5.81 3.72
C PHE A 66 3.00 -5.77 4.01
N ASN A 67 3.36 -6.25 5.19
CA ASN A 67 4.76 -6.27 5.58
C ASN A 67 5.49 -7.35 4.78
N GLN A 68 4.88 -8.51 4.71
CA GLN A 68 5.47 -9.63 3.98
C GLN A 68 5.33 -9.39 2.47
N ALA A 69 4.55 -8.39 2.12
CA ALA A 69 4.33 -8.05 0.73
C ALA A 69 5.47 -7.17 0.23
N LYS A 70 5.40 -5.89 0.62
CA LYS A 70 6.42 -4.94 0.21
C LYS A 70 6.95 -5.31 -1.18
N GLY A 71 8.02 -6.07 -1.18
CA GLY A 71 8.63 -6.50 -2.43
C GLY A 71 7.62 -6.46 -3.58
N VAL A 72 6.49 -7.12 -3.35
CA VAL A 72 5.44 -7.17 -4.35
C VAL A 72 5.02 -5.75 -4.72
N PHE A 73 4.47 -5.05 -3.74
CA PHE A 73 4.03 -3.68 -3.95
C PHE A 73 5.11 -2.86 -4.64
N SER A 74 6.32 -2.93 -4.09
CA SER A 74 7.45 -2.20 -4.64
C SER A 74 7.72 -2.66 -6.07
N ARG A 75 7.29 -3.89 -6.35
CA ARG A 75 7.49 -4.46 -7.67
C ARG A 75 6.58 -3.76 -8.69
N VAL A 76 5.38 -3.43 -8.24
CA VAL A 76 4.42 -2.75 -9.09
C VAL A 76 5.04 -1.49 -9.68
N LEU A 77 5.44 -0.59 -8.79
CA LEU A 77 6.06 0.66 -9.22
C LEU A 77 7.35 0.34 -9.97
N ALA A 78 7.97 -0.76 -9.58
CA ALA A 78 9.21 -1.18 -10.22
C ALA A 78 9.04 -1.14 -11.74
N HIS A 79 7.91 -1.67 -12.18
CA HIS A 79 7.62 -1.71 -13.61
C HIS A 79 8.01 -0.38 -14.25
N ASN A 80 7.94 0.68 -13.45
CA ASN A 80 8.29 2.00 -13.92
C ASN A 80 9.68 2.38 -13.40
N LEU A 81 9.69 2.86 -12.16
CA LEU A 81 10.94 3.27 -11.54
C LEU A 81 11.52 2.08 -10.75
N TYR A 82 12.76 1.75 -11.08
CA TYR A 82 13.43 0.64 -10.42
C TYR A 82 14.76 1.09 -9.82
N LEU A 83 14.74 1.36 -8.53
CA LEU A 83 15.94 1.80 -7.83
C LEU A 83 15.74 1.64 -6.32
N ALA A 84 16.86 1.53 -5.62
CA ALA A 84 16.82 1.37 -4.17
C ALA A 84 15.91 2.44 -3.57
N LYS A 85 16.46 3.65 -3.47
CA LYS A 85 15.71 4.75 -2.91
C LYS A 85 14.83 5.37 -4.01
N ALA A 86 13.80 4.63 -4.37
CA ALA A 86 12.88 5.08 -5.39
C ALA A 86 11.61 4.22 -5.36
N VAL A 87 10.73 4.56 -4.43
CA VAL A 87 9.48 3.83 -4.28
C VAL A 87 9.71 2.62 -3.39
N GLN A 88 8.60 1.99 -2.99
CA GLN A 88 8.68 0.82 -2.13
C GLN A 88 7.33 0.59 -1.45
N ILE A 89 6.57 1.66 -1.34
CA ILE A 89 5.26 1.58 -0.71
C ILE A 89 5.43 1.31 0.79
N HIS A 90 4.96 2.26 1.58
CA HIS A 90 5.05 2.14 3.03
C HIS A 90 3.68 2.35 3.66
N PHE A 91 3.41 1.59 4.71
CA PHE A 91 2.14 1.69 5.41
C PHE A 91 2.22 2.68 6.55
N VAL A 92 1.06 3.21 6.93
CA VAL A 92 0.99 4.19 8.01
C VAL A 92 -0.42 4.14 8.63
N LYS A 93 -0.63 3.15 9.47
CA LYS A 93 -1.91 2.98 10.13
C LYS A 93 -2.56 4.36 10.32
N ASP A 94 -1.75 5.29 10.80
CA ASP A 94 -2.22 6.65 11.04
C ASP A 94 -1.29 7.33 12.03
N LYS A 95 -0.01 7.30 11.71
CA LYS A 95 0.99 7.92 12.57
C LYS A 95 1.22 7.04 13.80
N ALA A 96 0.11 6.70 14.46
CA ALA A 96 0.17 5.87 15.65
C ALA A 96 -1.24 5.45 16.04
N ILE A 97 -2.13 6.43 16.08
CA ILE A 97 -3.52 6.18 16.44
C ILE A 97 -4.41 7.25 15.81
N ASP A 98 -3.93 7.78 14.69
CA ASP A 98 -4.67 8.81 13.98
C ASP A 98 -5.17 9.86 14.97
N ASN A 99 -4.41 10.02 16.05
CA ASN A 99 -4.76 10.98 17.08
C ASN A 99 -6.25 10.84 17.41
N ALA A 100 -6.56 9.83 18.20
CA ALA A 100 -7.94 9.59 18.59
C ALA A 100 -7.98 9.20 20.07
N MET A 101 -7.43 8.04 20.36
CA MET A 101 -7.40 7.54 21.73
C MET A 101 -8.69 6.80 22.07
N LYS A 6 -13.15 6.70 -9.99
CA LYS A 6 -11.95 7.16 -10.67
C LYS A 6 -11.29 8.25 -9.83
N GLU A 7 -10.00 8.44 -10.06
CA GLU A 7 -9.24 9.44 -9.34
C GLU A 7 -7.87 9.65 -10.00
N ARG A 8 -7.91 9.95 -11.28
CA ARG A 8 -6.69 10.17 -12.03
C ARG A 8 -5.63 9.14 -11.64
N LEU A 9 -4.37 9.55 -11.77
CA LEU A 9 -3.27 8.68 -11.43
C LEU A 9 -3.56 7.97 -10.10
N GLU A 10 -4.13 8.72 -9.19
CA GLU A 10 -4.47 8.17 -7.88
C GLU A 10 -5.09 6.78 -8.03
N ASN A 11 -6.32 6.76 -8.51
CA ASN A 11 -7.02 5.50 -8.70
C ASN A 11 -6.09 4.50 -9.40
N ASP A 12 -5.21 5.05 -10.22
CA ASP A 12 -4.26 4.21 -10.95
C ASP A 12 -3.36 3.48 -9.95
N ILE A 13 -2.79 4.26 -9.03
CA ILE A 13 -1.92 3.71 -8.02
C ILE A 13 -2.69 2.70 -7.17
N ILE A 14 -3.96 3.01 -6.94
CA ILE A 14 -4.81 2.14 -6.16
C ILE A 14 -4.97 0.80 -6.86
N ARG A 15 -5.29 0.88 -8.15
CA ARG A 15 -5.47 -0.32 -8.95
C ARG A 15 -4.13 -1.02 -9.16
N LEU A 16 -3.06 -0.29 -8.90
CA LEU A 16 -1.72 -0.83 -9.05
C LEU A 16 -1.50 -1.92 -8.00
N ILE A 17 -1.43 -1.50 -6.74
CA ILE A 17 -1.23 -2.43 -5.65
C ILE A 17 -2.31 -3.50 -5.68
N ASN A 18 -3.45 -3.13 -6.24
CA ASN A 18 -4.57 -4.04 -6.35
C ASN A 18 -4.22 -5.16 -7.33
N ARG A 19 -3.81 -4.75 -8.52
CA ARG A 19 -3.44 -5.71 -9.55
C ARG A 19 -2.37 -6.67 -9.03
N THR A 20 -1.67 -6.22 -8.00
CA THR A 20 -0.61 -7.02 -7.41
C THR A 20 -1.21 -8.09 -6.50
N VAL A 21 -1.76 -7.63 -5.38
CA VAL A 21 -2.38 -8.53 -4.41
C VAL A 21 -3.02 -9.71 -5.15
N ILE A 22 -3.80 -9.37 -6.17
CA ILE A 22 -4.47 -10.38 -6.96
C ILE A 22 -3.45 -11.39 -7.48
N HIS A 23 -3.47 -12.57 -6.89
CA HIS A 23 -2.54 -13.63 -7.28
C HIS A 23 -1.29 -13.57 -6.41
N GLU A 24 -1.13 -12.43 -5.74
CA GLU A 24 0.01 -12.22 -4.87
C GLU A 24 -0.44 -12.11 -3.41
N ILE A 25 0.53 -11.97 -2.54
CA ILE A 25 0.25 -11.83 -1.11
C ILE A 25 -0.16 -13.20 -0.55
N TYR A 26 0.85 -13.98 -0.19
CA TYR A 26 0.61 -15.31 0.36
C TYR A 26 -0.63 -15.31 1.24
N ASN A 27 -1.58 -16.17 0.87
CA ASN A 27 -2.82 -16.29 1.62
C ASN A 27 -3.55 -14.94 1.59
N GLU A 28 -4.47 -14.84 0.65
CA GLU A 28 -5.25 -13.61 0.50
C GLU A 28 -5.55 -13.00 1.88
N THR A 29 -5.11 -11.77 2.04
CA THR A 29 -5.31 -11.05 3.29
C THR A 29 -5.51 -9.57 3.03
N VAL A 30 -4.43 -8.92 2.62
CA VAL A 30 -4.47 -7.49 2.34
C VAL A 30 -5.49 -7.23 1.24
N LYS A 31 -5.88 -8.30 0.55
CA LYS A 31 -6.84 -8.19 -0.52
C LYS A 31 -8.08 -7.44 -0.03
N THR A 32 -8.22 -7.39 1.29
CA THR A 32 -9.34 -6.70 1.90
C THR A 32 -9.06 -5.21 1.99
N GLY A 33 -7.92 -4.88 2.57
CA GLY A 33 -7.51 -3.49 2.73
C GLY A 33 -7.48 -2.78 1.37
N HIS A 34 -7.79 -1.49 1.41
CA HIS A 34 -7.79 -0.69 0.20
C HIS A 34 -7.17 0.68 0.49
N VAL A 35 -6.55 0.78 1.66
CA VAL A 35 -5.91 2.01 2.06
C VAL A 35 -6.98 3.05 2.38
N THR A 36 -7.81 3.33 1.37
CA THR A 36 -8.86 4.30 1.52
C THR A 36 -8.28 5.72 1.66
N HIS A 37 -7.08 5.89 1.14
CA HIS A 37 -6.41 7.17 1.20
C HIS A 37 -5.28 7.21 0.17
N VAL A 38 -4.13 6.69 0.58
CA VAL A 38 -2.97 6.66 -0.30
C VAL A 38 -2.57 8.08 -0.65
N LYS A 39 -1.30 8.37 -0.45
CA LYS A 39 -0.77 9.70 -0.75
C LYS A 39 0.33 9.59 -1.79
N LEU A 40 0.44 10.62 -2.61
CA LEU A 40 1.45 10.65 -3.66
C LEU A 40 2.62 11.52 -3.21
N SER A 41 3.69 10.85 -2.80
CA SER A 41 4.88 11.55 -2.34
C SER A 41 5.79 11.85 -3.52
N ASP A 42 5.82 13.12 -3.90
CA ASP A 42 6.65 13.55 -5.02
C ASP A 42 7.03 12.34 -5.88
N ASP A 43 6.45 12.30 -7.06
CA ASP A 43 6.71 11.19 -7.98
C ASP A 43 6.46 9.87 -7.27
N LEU A 44 5.34 9.82 -6.57
CA LEU A 44 4.95 8.62 -5.84
C LEU A 44 6.21 7.98 -5.25
N LEU A 45 7.19 8.82 -4.98
CA LEU A 45 8.44 8.35 -4.40
C LEU A 45 8.16 7.73 -3.03
N HIS A 46 6.96 7.98 -2.53
CA HIS A 46 6.56 7.45 -1.24
C HIS A 46 5.03 7.43 -1.14
N VAL A 47 4.47 6.28 -1.47
CA VAL A 47 3.03 6.11 -1.43
C VAL A 47 2.59 5.87 0.02
N THR A 48 2.02 6.91 0.61
CA THR A 48 1.56 6.82 1.98
C THR A 48 0.21 6.10 2.05
N VAL A 49 0.28 4.80 2.28
CA VAL A 49 -0.92 3.99 2.37
C VAL A 49 -1.42 3.99 3.81
N TYR A 50 -2.61 4.55 3.98
CA TYR A 50 -3.22 4.63 5.30
C TYR A 50 -4.19 3.46 5.52
N LEU A 51 -3.64 2.26 5.43
CA LEU A 51 -4.44 1.05 5.61
C LEU A 51 -5.41 1.27 6.79
N ASP A 52 -6.68 1.08 6.49
CA ASP A 52 -7.71 1.25 7.51
C ASP A 52 -8.64 0.02 7.49
N CYS A 53 -8.25 -0.96 6.69
CA CYS A 53 -9.04 -2.18 6.59
C CYS A 53 -10.36 -1.97 7.32
N TYR A 54 -11.22 -1.17 6.71
CA TYR A 54 -12.52 -0.88 7.28
C TYR A 54 -12.42 -0.74 8.81
N ASN A 55 -11.83 0.37 9.23
CA ASN A 55 -11.66 0.64 10.65
C ASN A 55 -10.38 -0.03 11.14
N ARG A 56 -9.90 -0.98 10.35
CA ARG A 56 -8.68 -1.70 10.70
C ARG A 56 -9.02 -2.95 11.51
N GLU A 57 -10.26 -3.39 11.38
CA GLU A 57 -10.72 -4.57 12.09
C GLU A 57 -9.94 -5.81 11.62
N GLN A 58 -9.31 -5.67 10.46
CA GLN A 58 -8.54 -6.77 9.89
C GLN A 58 -7.12 -6.28 9.55
N ILE A 59 -6.88 -5.02 9.81
CA ILE A 59 -5.59 -4.43 9.54
C ILE A 59 -4.48 -5.34 10.09
N ASP A 60 -4.62 -5.67 11.37
CA ASP A 60 -3.64 -6.52 12.03
C ASP A 60 -3.21 -7.63 11.06
N ARG A 61 -4.18 -8.17 10.34
CA ARG A 61 -3.92 -9.22 9.38
C ARG A 61 -3.39 -8.63 8.07
N VAL A 62 -4.02 -7.54 7.66
CA VAL A 62 -3.63 -6.87 6.44
C VAL A 62 -2.22 -6.31 6.60
N VAL A 63 -2.10 -5.31 7.47
CA VAL A 63 -0.81 -4.69 7.73
C VAL A 63 0.25 -5.77 7.86
N GLY A 64 -0.08 -6.79 8.63
CA GLY A 64 0.84 -7.90 8.86
C GLY A 64 1.30 -8.50 7.53
N ALA A 65 0.36 -8.66 6.63
CA ALA A 65 0.65 -9.23 5.32
C ALA A 65 1.38 -8.19 4.47
N PHE A 66 0.97 -6.94 4.63
CA PHE A 66 1.57 -5.84 3.89
C PHE A 66 3.09 -5.80 4.13
N ASN A 67 3.49 -6.34 5.25
CA ASN A 67 4.90 -6.37 5.62
C ASN A 67 5.64 -7.31 4.67
N GLN A 68 5.18 -8.56 4.64
CA GLN A 68 5.80 -9.57 3.78
C GLN A 68 5.35 -9.37 2.33
N ALA A 69 4.54 -8.34 2.13
CA ALA A 69 4.04 -8.03 0.80
C ALA A 69 4.72 -6.76 0.29
N LYS A 70 5.45 -6.11 1.18
CA LYS A 70 6.15 -4.89 0.84
C LYS A 70 7.01 -5.14 -0.41
N GLY A 71 7.27 -6.41 -0.66
CA GLY A 71 8.08 -6.79 -1.81
C GLY A 71 7.28 -6.67 -3.11
N VAL A 72 6.15 -7.37 -3.13
CA VAL A 72 5.28 -7.35 -4.30
C VAL A 72 4.89 -5.90 -4.62
N PHE A 73 4.58 -5.16 -3.57
CA PHE A 73 4.19 -3.76 -3.72
C PHE A 73 5.30 -2.96 -4.40
N SER A 74 6.50 -3.12 -3.88
CA SER A 74 7.66 -2.42 -4.43
C SER A 74 7.88 -2.83 -5.89
N ARG A 75 7.64 -4.11 -6.15
CA ARG A 75 7.80 -4.65 -7.49
C ARG A 75 6.92 -3.88 -8.48
N VAL A 76 5.77 -3.45 -7.98
CA VAL A 76 4.83 -2.72 -8.81
C VAL A 76 5.50 -1.44 -9.33
N LEU A 77 5.77 -0.53 -8.41
CA LEU A 77 6.41 0.73 -8.78
C LEU A 77 7.69 0.44 -9.55
N ALA A 78 8.21 -0.76 -9.33
CA ALA A 78 9.44 -1.18 -10.00
C ALA A 78 9.17 -1.30 -11.50
N HIS A 79 8.21 -2.14 -11.83
CA HIS A 79 7.85 -2.35 -13.23
C HIS A 79 7.13 -1.12 -13.77
N ASN A 80 6.91 -0.16 -12.88
CA ASN A 80 6.24 1.07 -13.26
C ASN A 80 7.28 2.10 -13.69
N LEU A 81 8.07 2.56 -12.73
CA LEU A 81 9.09 3.54 -13.00
C LEU A 81 10.47 2.93 -12.72
N TYR A 82 11.13 3.48 -11.70
CA TYR A 82 12.45 2.99 -11.32
C TYR A 82 12.49 1.47 -11.31
N LEU A 83 13.69 0.93 -11.13
CA LEU A 83 13.87 -0.51 -11.09
C LEU A 83 13.29 -1.06 -9.79
N ALA A 84 13.44 -0.27 -8.74
CA ALA A 84 12.93 -0.67 -7.44
C ALA A 84 13.14 0.48 -6.44
N LYS A 85 14.35 1.03 -6.48
CA LYS A 85 14.70 2.14 -5.59
C LYS A 85 13.99 3.41 -6.06
N ALA A 86 14.08 4.43 -5.23
CA ALA A 86 13.45 5.71 -5.55
C ALA A 86 11.92 5.56 -5.49
N VAL A 87 11.50 4.40 -5.02
CA VAL A 87 10.07 4.11 -4.91
C VAL A 87 9.88 2.69 -4.40
N GLN A 88 9.45 2.59 -3.15
CA GLN A 88 9.22 1.29 -2.53
C GLN A 88 7.91 1.30 -1.75
N ILE A 89 7.03 2.23 -2.11
CA ILE A 89 5.75 2.35 -1.45
C ILE A 89 5.98 2.69 0.02
N HIS A 90 5.11 3.55 0.54
CA HIS A 90 5.20 3.97 1.93
C HIS A 90 4.10 3.28 2.74
N PHE A 91 4.45 2.93 3.98
CA PHE A 91 3.51 2.28 4.87
C PHE A 91 3.00 3.25 5.94
N VAL A 92 1.68 3.33 6.03
CA VAL A 92 1.06 4.20 7.01
C VAL A 92 -0.15 3.49 7.63
N LYS A 93 -0.42 3.84 8.89
CA LYS A 93 -1.53 3.24 9.60
C LYS A 93 -2.44 4.35 10.14
N ASP A 94 -1.83 5.28 10.85
CA ASP A 94 -2.56 6.39 11.42
C ASP A 94 -1.59 7.47 11.88
N LYS A 95 -0.83 7.99 10.93
CA LYS A 95 0.14 9.01 11.22
C LYS A 95 -0.53 10.38 11.18
N ALA A 96 -1.68 10.46 11.84
CA ALA A 96 -2.43 11.70 11.88
C ALA A 96 -3.40 11.67 13.06
N ILE A 97 -3.02 10.91 14.08
CA ILE A 97 -3.84 10.79 15.27
C ILE A 97 -3.76 12.07 16.08
N ASP A 98 -2.54 12.48 16.38
CA ASP A 98 -2.30 13.69 17.14
C ASP A 98 -0.83 13.76 17.54
N ASN A 99 -0.24 12.59 17.74
CA ASN A 99 1.15 12.51 18.13
C ASN A 99 1.64 11.07 17.96
N ALA A 100 1.19 10.44 16.89
CA ALA A 100 1.57 9.07 16.61
C ALA A 100 0.74 8.13 17.48
N MET A 101 0.68 6.88 17.04
CA MET A 101 -0.07 5.86 17.77
C MET A 101 0.65 5.48 19.07
N LYS A 6 -14.59 10.39 -10.69
CA LYS A 6 -13.19 10.67 -10.95
C LYS A 6 -12.36 9.40 -10.76
N GLU A 7 -11.07 9.53 -10.99
CA GLU A 7 -10.17 8.40 -10.85
C GLU A 7 -8.71 8.85 -11.03
N ARG A 8 -8.46 9.47 -12.18
CA ARG A 8 -7.13 9.95 -12.48
C ARG A 8 -6.08 8.89 -12.15
N LEU A 9 -4.82 9.27 -12.26
CA LEU A 9 -3.72 8.37 -11.99
C LEU A 9 -3.85 7.86 -10.55
N GLU A 10 -4.52 8.66 -9.73
CA GLU A 10 -4.71 8.30 -8.34
C GLU A 10 -5.31 6.90 -8.22
N ASN A 11 -6.51 6.76 -8.76
CA ASN A 11 -7.21 5.49 -8.72
C ASN A 11 -6.36 4.43 -9.44
N ASP A 12 -5.60 4.90 -10.42
CA ASP A 12 -4.74 4.01 -11.19
C ASP A 12 -3.73 3.35 -10.25
N ILE A 13 -3.09 4.18 -9.44
CA ILE A 13 -2.09 3.69 -8.50
C ILE A 13 -2.76 2.69 -7.55
N ILE A 14 -3.78 3.16 -6.86
CA ILE A 14 -4.50 2.32 -5.92
C ILE A 14 -4.83 0.97 -6.59
N ARG A 15 -5.33 1.07 -7.81
CA ARG A 15 -5.68 -0.13 -8.56
C ARG A 15 -4.43 -0.95 -8.88
N LEU A 16 -3.30 -0.25 -8.90
CA LEU A 16 -2.03 -0.90 -9.18
C LEU A 16 -1.74 -1.96 -8.11
N ILE A 17 -1.67 -1.48 -6.87
CA ILE A 17 -1.40 -2.37 -5.75
C ILE A 17 -2.41 -3.52 -5.76
N ASN A 18 -3.64 -3.19 -6.12
CA ASN A 18 -4.70 -4.18 -6.18
C ASN A 18 -4.34 -5.23 -7.23
N ARG A 19 -3.81 -4.76 -8.35
CA ARG A 19 -3.42 -5.64 -9.43
C ARG A 19 -2.48 -6.73 -8.91
N THR A 20 -1.59 -6.33 -8.02
CA THR A 20 -0.63 -7.26 -7.45
C THR A 20 -1.30 -8.12 -6.37
N VAL A 21 -2.21 -7.49 -5.64
CA VAL A 21 -2.93 -8.18 -4.58
C VAL A 21 -3.91 -9.18 -5.21
N ILE A 22 -3.98 -9.14 -6.54
CA ILE A 22 -4.87 -10.03 -7.27
C ILE A 22 -4.71 -11.45 -6.74
N HIS A 23 -3.50 -11.97 -6.90
CA HIS A 23 -3.20 -13.32 -6.44
C HIS A 23 -1.71 -13.46 -6.17
N GLU A 24 -1.13 -12.38 -5.63
CA GLU A 24 0.28 -12.37 -5.32
C GLU A 24 0.49 -12.29 -3.81
N ILE A 25 -0.58 -11.90 -3.11
CA ILE A 25 -0.52 -11.79 -1.67
C ILE A 25 -1.13 -13.05 -1.03
N TYR A 26 -0.44 -14.16 -1.23
CA TYR A 26 -0.91 -15.43 -0.68
C TYR A 26 -1.56 -15.23 0.69
N ASN A 27 -2.60 -16.02 0.93
CA ASN A 27 -3.33 -15.94 2.18
C ASN A 27 -4.45 -14.91 2.05
N GLU A 28 -4.29 -14.03 1.06
CA GLU A 28 -5.28 -12.99 0.82
C GLU A 28 -5.64 -12.29 2.14
N THR A 29 -5.08 -11.10 2.30
CA THR A 29 -5.33 -10.32 3.50
C THR A 29 -5.34 -8.82 3.17
N VAL A 30 -4.15 -8.29 2.94
CA VAL A 30 -4.00 -6.88 2.62
C VAL A 30 -5.15 -6.46 1.69
N LYS A 31 -5.60 -7.42 0.90
CA LYS A 31 -6.69 -7.17 -0.04
C LYS A 31 -7.85 -6.49 0.70
N THR A 32 -7.86 -6.68 2.01
CA THR A 32 -8.90 -6.09 2.83
C THR A 32 -8.59 -4.62 3.14
N GLY A 33 -7.30 -4.34 3.26
CA GLY A 33 -6.86 -2.99 3.54
C GLY A 33 -7.78 -1.96 2.87
N HIS A 34 -7.46 -1.66 1.62
CA HIS A 34 -8.25 -0.70 0.87
C HIS A 34 -7.70 0.71 1.10
N VAL A 35 -6.45 0.89 0.69
CA VAL A 35 -5.80 2.19 0.85
C VAL A 35 -6.85 3.23 1.24
N THR A 36 -7.67 3.61 0.25
CA THR A 36 -8.71 4.59 0.48
C THR A 36 -8.11 5.89 1.02
N HIS A 37 -6.86 6.12 0.64
CA HIS A 37 -6.16 7.32 1.08
C HIS A 37 -4.86 7.48 0.29
N VAL A 38 -3.84 6.75 0.73
CA VAL A 38 -2.55 6.79 0.08
C VAL A 38 -1.96 8.20 0.20
N LYS A 39 -0.65 8.26 0.30
CA LYS A 39 0.04 9.53 0.42
C LYS A 39 1.13 9.62 -0.65
N LEU A 40 0.74 10.09 -1.81
CA LEU A 40 1.67 10.23 -2.93
C LEU A 40 2.69 11.32 -2.59
N SER A 41 3.78 10.88 -1.97
CA SER A 41 4.84 11.81 -1.60
C SER A 41 5.82 11.98 -2.75
N ASP A 42 6.10 13.24 -3.06
CA ASP A 42 7.01 13.56 -4.15
C ASP A 42 6.27 13.50 -5.48
N ASP A 43 5.89 12.29 -5.85
CA ASP A 43 5.17 12.08 -7.10
C ASP A 43 4.65 10.63 -7.14
N LEU A 44 5.54 9.71 -6.87
CA LEU A 44 5.19 8.30 -6.88
C LEU A 44 6.39 7.48 -6.39
N LEU A 45 7.19 8.09 -5.53
CA LEU A 45 8.36 7.44 -4.99
C LEU A 45 8.07 7.01 -3.54
N HIS A 46 7.22 7.78 -2.89
CA HIS A 46 6.86 7.49 -1.51
C HIS A 46 5.34 7.42 -1.38
N VAL A 47 4.83 6.22 -1.61
CA VAL A 47 3.39 5.99 -1.53
C VAL A 47 3.05 5.37 -0.17
N THR A 48 2.41 6.16 0.68
CA THR A 48 2.03 5.70 1.99
C THR A 48 0.56 5.25 2.00
N VAL A 49 0.37 3.94 1.93
CA VAL A 49 -0.97 3.38 1.92
C VAL A 49 -1.47 3.28 3.36
N TYR A 50 -2.73 3.66 3.54
CA TYR A 50 -3.34 3.63 4.86
C TYR A 50 -4.22 2.37 5.01
N LEU A 51 -4.34 1.63 3.92
CA LEU A 51 -5.14 0.42 3.91
C LEU A 51 -6.55 0.75 4.42
N ASP A 52 -6.67 0.88 5.73
CA ASP A 52 -7.94 1.18 6.35
C ASP A 52 -8.79 -0.09 6.41
N CYS A 53 -8.17 -1.19 6.03
CA CYS A 53 -8.86 -2.47 6.05
C CYS A 53 -10.34 -2.23 6.32
N TYR A 54 -10.73 -2.43 7.58
CA TYR A 54 -12.10 -2.24 7.98
C TYR A 54 -12.19 -1.63 9.38
N ASN A 55 -11.82 -0.36 9.47
CA ASN A 55 -11.85 0.34 10.75
C ASN A 55 -10.62 -0.07 11.57
N ARG A 56 -9.65 -0.64 10.88
CA ARG A 56 -8.43 -1.08 11.53
C ARG A 56 -8.73 -2.23 12.49
N GLU A 57 -9.79 -2.96 12.17
CA GLU A 57 -10.20 -4.09 12.99
C GLU A 57 -9.38 -5.33 12.62
N GLN A 58 -8.89 -5.34 11.39
CA GLN A 58 -8.10 -6.45 10.90
C GLN A 58 -6.73 -5.95 10.43
N ILE A 59 -6.51 -4.66 10.59
CA ILE A 59 -5.26 -4.05 10.19
C ILE A 59 -4.10 -4.95 10.62
N ASP A 60 -4.12 -5.31 11.90
CA ASP A 60 -3.08 -6.18 12.44
C ASP A 60 -2.72 -7.25 11.43
N ARG A 61 -3.76 -7.75 10.74
CA ARG A 61 -3.56 -8.78 9.74
C ARG A 61 -3.07 -8.16 8.44
N VAL A 62 -3.67 -7.03 8.08
CA VAL A 62 -3.31 -6.34 6.85
C VAL A 62 -1.88 -5.82 6.97
N VAL A 63 -1.70 -4.89 7.90
CA VAL A 63 -0.39 -4.32 8.13
C VAL A 63 0.64 -5.43 8.31
N GLY A 64 0.22 -6.47 9.00
CA GLY A 64 1.08 -7.62 9.24
C GLY A 64 1.50 -8.28 7.93
N ALA A 65 0.58 -8.28 6.99
CA ALA A 65 0.83 -8.87 5.68
C ALA A 65 1.70 -7.93 4.85
N PHE A 66 1.36 -6.65 4.92
CA PHE A 66 2.11 -5.64 4.18
C PHE A 66 3.58 -5.68 4.55
N ASN A 67 3.86 -6.21 5.72
CA ASN A 67 5.23 -6.30 6.21
C ASN A 67 5.93 -7.47 5.50
N GLN A 68 5.67 -7.58 4.20
CA GLN A 68 6.26 -8.64 3.41
C GLN A 68 5.77 -8.55 1.96
N ALA A 69 4.56 -8.03 1.81
CA ALA A 69 3.96 -7.89 0.50
C ALA A 69 4.60 -6.70 -0.22
N LYS A 70 5.21 -5.83 0.57
CA LYS A 70 5.85 -4.65 0.02
C LYS A 70 6.74 -5.06 -1.15
N GLY A 71 7.10 -6.34 -1.17
CA GLY A 71 7.94 -6.87 -2.23
C GLY A 71 7.26 -6.74 -3.59
N VAL A 72 6.03 -7.23 -3.65
CA VAL A 72 5.25 -7.17 -4.88
C VAL A 72 4.83 -5.73 -5.15
N PHE A 73 4.44 -5.05 -4.07
CA PHE A 73 4.01 -3.67 -4.19
C PHE A 73 5.11 -2.80 -4.80
N SER A 74 6.28 -2.83 -4.18
CA SER A 74 7.41 -2.06 -4.66
C SER A 74 7.75 -2.45 -6.09
N ARG A 75 7.45 -3.72 -6.40
CA ARG A 75 7.72 -4.24 -7.73
C ARG A 75 6.73 -3.66 -8.74
N VAL A 76 5.57 -3.28 -8.23
CA VAL A 76 4.53 -2.72 -9.07
C VAL A 76 5.00 -1.38 -9.64
N LEU A 77 5.36 -0.48 -8.73
CA LEU A 77 5.83 0.83 -9.12
C LEU A 77 7.23 0.71 -9.74
N ALA A 78 8.05 -0.11 -9.09
CA ALA A 78 9.41 -0.33 -9.56
C ALA A 78 9.37 -0.74 -11.03
N HIS A 79 8.40 -1.60 -11.35
CA HIS A 79 8.26 -2.08 -12.71
C HIS A 79 8.54 -0.94 -13.69
N ASN A 80 8.24 0.28 -13.25
CA ASN A 80 8.46 1.45 -14.08
C ASN A 80 9.43 2.39 -13.36
N LEU A 81 8.92 3.05 -12.34
CA LEU A 81 9.73 3.98 -11.57
C LEU A 81 11.13 3.42 -11.42
N TYR A 82 11.34 2.67 -10.35
CA TYR A 82 12.64 2.09 -10.09
C TYR A 82 13.66 3.14 -9.68
N LEU A 83 14.87 2.99 -10.18
CA LEU A 83 15.94 3.92 -9.88
C LEU A 83 16.37 3.74 -8.42
N ALA A 84 17.54 4.30 -8.10
CA ALA A 84 18.07 4.21 -6.76
C ALA A 84 16.92 4.09 -5.76
N LYS A 85 16.18 5.18 -5.64
CA LYS A 85 15.04 5.22 -4.73
C LYS A 85 14.13 4.03 -5.01
N ALA A 86 13.36 4.15 -6.08
CA ALA A 86 12.44 3.08 -6.47
C ALA A 86 11.39 2.90 -5.37
N VAL A 87 10.26 3.57 -5.56
CA VAL A 87 9.18 3.49 -4.60
C VAL A 87 9.13 2.07 -4.02
N GLN A 88 8.85 2.00 -2.72
CA GLN A 88 8.77 0.73 -2.04
C GLN A 88 7.43 0.60 -1.31
N ILE A 89 6.63 1.66 -1.41
CA ILE A 89 5.33 1.67 -0.77
C ILE A 89 5.51 1.52 0.74
N HIS A 90 4.87 2.42 1.47
CA HIS A 90 4.96 2.39 2.93
C HIS A 90 3.56 2.14 3.52
N PHE A 91 3.48 1.09 4.32
CA PHE A 91 2.22 0.74 4.96
C PHE A 91 1.87 1.70 6.09
N VAL A 92 0.57 1.92 6.27
CA VAL A 92 0.10 2.82 7.30
C VAL A 92 -1.30 2.41 7.73
N LYS A 93 -1.73 2.94 8.85
CA LYS A 93 -3.05 2.64 9.38
C LYS A 93 -3.82 3.94 9.60
N ASP A 94 -3.19 4.84 10.34
CA ASP A 94 -3.82 6.12 10.64
C ASP A 94 -2.72 7.14 10.99
N LYS A 95 -1.72 7.20 10.12
CA LYS A 95 -0.61 8.12 10.32
C LYS A 95 -0.25 8.15 11.81
N ALA A 96 0.02 6.97 12.33
CA ALA A 96 0.39 6.83 13.73
C ALA A 96 -0.67 7.52 14.60
N ILE A 97 -1.87 6.97 14.57
CA ILE A 97 -2.97 7.52 15.34
C ILE A 97 -2.82 9.03 15.43
N ASP A 98 -3.01 9.70 14.30
CA ASP A 98 -2.89 11.14 14.23
C ASP A 98 -1.73 11.60 15.13
N ASN A 99 -0.62 10.90 14.99
CA ASN A 99 0.57 11.22 15.77
C ASN A 99 0.13 11.72 17.16
N ALA A 100 -0.57 10.85 17.87
CA ALA A 100 -1.04 11.19 19.20
C ALA A 100 -0.31 10.33 20.23
N MET A 101 -0.38 10.77 21.48
CA MET A 101 0.26 10.06 22.56
C MET A 101 -0.22 10.56 23.92
N LYS A 6 -13.69 10.20 -13.22
CA LYS A 6 -12.40 10.72 -12.81
C LYS A 6 -11.54 9.57 -12.27
N GLU A 7 -10.25 9.65 -12.58
CA GLU A 7 -9.32 8.63 -12.13
C GLU A 7 -7.88 9.10 -12.32
N ARG A 8 -7.47 9.18 -13.57
CA ARG A 8 -6.12 9.61 -13.91
C ARG A 8 -5.09 8.63 -13.37
N LEU A 9 -3.90 9.14 -13.10
CA LEU A 9 -2.83 8.31 -12.59
C LEU A 9 -3.17 7.86 -11.16
N GLU A 10 -3.85 8.75 -10.44
CA GLU A 10 -4.25 8.46 -9.07
C GLU A 10 -4.85 7.06 -8.98
N ASN A 11 -5.86 6.83 -9.82
CA ASN A 11 -6.52 5.54 -9.84
C ASN A 11 -5.55 4.46 -10.33
N ASP A 12 -5.02 4.70 -11.53
CA ASP A 12 -4.07 3.76 -12.11
C ASP A 12 -3.21 3.15 -11.01
N ILE A 13 -2.84 4.00 -10.06
CA ILE A 13 -2.01 3.55 -8.94
C ILE A 13 -2.85 2.66 -8.02
N ILE A 14 -3.96 3.22 -7.56
CA ILE A 14 -4.85 2.50 -6.67
C ILE A 14 -5.12 1.11 -7.25
N ARG A 15 -5.59 1.10 -8.48
CA ARG A 15 -5.90 -0.15 -9.16
C ARG A 15 -4.63 -1.00 -9.29
N LEU A 16 -3.50 -0.31 -9.33
CA LEU A 16 -2.21 -0.98 -9.46
C LEU A 16 -2.05 -1.97 -8.29
N ILE A 17 -1.81 -1.40 -7.11
CA ILE A 17 -1.62 -2.22 -5.92
C ILE A 17 -2.73 -3.27 -5.86
N ASN A 18 -3.87 -2.92 -6.42
CA ASN A 18 -5.00 -3.82 -6.43
C ASN A 18 -4.67 -5.05 -7.28
N ARG A 19 -4.24 -4.80 -8.50
CA ARG A 19 -3.88 -5.87 -9.42
C ARG A 19 -2.89 -6.82 -8.74
N THR A 20 -2.14 -6.28 -7.80
CA THR A 20 -1.15 -7.07 -7.07
C THR A 20 -1.85 -8.04 -6.12
N VAL A 21 -2.43 -7.46 -5.07
CA VAL A 21 -3.12 -8.26 -4.07
C VAL A 21 -3.93 -9.35 -4.76
N ILE A 22 -4.31 -9.06 -6.00
CA ILE A 22 -5.07 -10.01 -6.78
C ILE A 22 -4.21 -11.22 -7.12
N HIS A 23 -3.12 -10.95 -7.82
CA HIS A 23 -2.20 -12.01 -8.21
C HIS A 23 -1.07 -12.12 -7.18
N GLU A 24 -1.34 -11.60 -6.00
CA GLU A 24 -0.37 -11.63 -4.92
C GLU A 24 -1.07 -11.61 -3.56
N ILE A 25 -0.27 -11.51 -2.52
CA ILE A 25 -0.79 -11.50 -1.17
C ILE A 25 -1.71 -12.70 -0.96
N TYR A 26 -1.10 -13.88 -1.01
CA TYR A 26 -1.85 -15.11 -0.83
C TYR A 26 -2.47 -15.18 0.57
N ASN A 27 -3.71 -14.73 0.65
CA ASN A 27 -4.42 -14.74 1.91
C ASN A 27 -5.52 -13.66 1.88
N GLU A 28 -5.60 -12.98 0.75
CA GLU A 28 -6.58 -11.92 0.58
C GLU A 28 -6.77 -11.16 1.89
N THR A 29 -5.66 -10.89 2.56
CA THR A 29 -5.69 -10.17 3.82
C THR A 29 -5.68 -8.66 3.57
N VAL A 30 -4.50 -8.16 3.22
CA VAL A 30 -4.35 -6.74 2.96
C VAL A 30 -5.50 -6.27 2.06
N LYS A 31 -6.04 -7.20 1.30
CA LYS A 31 -7.12 -6.91 0.40
C LYS A 31 -8.26 -6.24 1.17
N THR A 32 -8.22 -6.41 2.49
CA THR A 32 -9.23 -5.83 3.37
C THR A 32 -9.01 -4.32 3.50
N GLY A 33 -7.75 -3.95 3.67
CA GLY A 33 -7.39 -2.56 3.81
C GLY A 33 -7.97 -1.72 2.67
N HIS A 34 -7.23 -1.68 1.57
CA HIS A 34 -7.65 -0.92 0.41
C HIS A 34 -7.14 0.52 0.51
N VAL A 35 -6.38 0.75 1.56
CA VAL A 35 -5.82 2.08 1.79
C VAL A 35 -6.95 3.05 2.13
N THR A 36 -7.78 3.33 1.11
CA THR A 36 -8.90 4.23 1.29
C THR A 36 -8.40 5.66 1.52
N HIS A 37 -7.11 5.84 1.28
CA HIS A 37 -6.50 7.15 1.45
C HIS A 37 -5.31 7.29 0.50
N VAL A 38 -4.19 6.72 0.93
CA VAL A 38 -2.98 6.78 0.13
C VAL A 38 -2.49 8.22 0.04
N LYS A 39 -1.24 8.42 0.45
CA LYS A 39 -0.65 9.75 0.42
C LYS A 39 0.52 9.76 -0.56
N LEU A 40 0.24 10.24 -1.76
CA LEU A 40 1.26 10.31 -2.80
C LEU A 40 2.37 11.25 -2.34
N SER A 41 3.44 10.65 -1.82
CA SER A 41 4.57 11.41 -1.35
C SER A 41 5.55 11.67 -2.50
N ASP A 42 5.85 12.94 -2.71
CA ASP A 42 6.76 13.34 -3.77
C ASP A 42 6.12 13.03 -5.12
N ASP A 43 6.34 11.81 -5.58
CA ASP A 43 5.79 11.38 -6.85
C ASP A 43 5.95 9.87 -6.99
N LEU A 44 5.30 9.15 -6.07
CA LEU A 44 5.35 7.70 -6.06
C LEU A 44 6.60 7.24 -5.31
N LEU A 45 7.44 8.21 -4.97
CA LEU A 45 8.66 7.92 -4.26
C LEU A 45 8.34 7.22 -2.93
N HIS A 46 7.29 7.72 -2.29
CA HIS A 46 6.86 7.16 -1.01
C HIS A 46 5.33 7.18 -0.94
N VAL A 47 4.73 6.09 -1.40
CA VAL A 47 3.28 5.98 -1.39
C VAL A 47 2.83 5.47 -0.01
N THR A 48 2.48 6.40 0.85
CA THR A 48 2.03 6.07 2.19
C THR A 48 0.57 5.62 2.16
N VAL A 49 0.39 4.31 2.16
CA VAL A 49 -0.96 3.75 2.14
C VAL A 49 -1.49 3.65 3.57
N TYR A 50 -2.68 4.19 3.76
CA TYR A 50 -3.32 4.17 5.07
C TYR A 50 -4.11 2.88 5.28
N LEU A 51 -3.89 1.93 4.38
CA LEU A 51 -4.57 0.65 4.45
C LEU A 51 -6.03 0.88 4.83
N ASP A 52 -6.33 0.62 6.10
CA ASP A 52 -7.67 0.79 6.61
C ASP A 52 -8.55 -0.37 6.13
N CYS A 53 -8.69 -1.36 7.00
CA CYS A 53 -9.48 -2.54 6.68
C CYS A 53 -10.95 -2.20 6.95
N TYR A 54 -11.81 -3.14 6.60
CA TYR A 54 -13.24 -2.95 6.80
C TYR A 54 -13.64 -3.31 8.24
N ASN A 55 -12.70 -3.15 9.14
CA ASN A 55 -12.94 -3.45 10.54
C ASN A 55 -11.85 -2.80 11.39
N ARG A 56 -11.04 -3.65 12.01
CA ARG A 56 -9.95 -3.17 12.85
C ARG A 56 -9.21 -4.36 13.47
N GLU A 57 -9.96 -5.43 13.71
CA GLU A 57 -9.38 -6.63 14.31
C GLU A 57 -8.71 -7.47 13.22
N GLN A 58 -8.45 -6.83 12.09
CA GLN A 58 -7.80 -7.51 10.98
C GLN A 58 -6.48 -6.84 10.64
N ILE A 59 -6.49 -5.52 10.72
CA ILE A 59 -5.30 -4.74 10.43
C ILE A 59 -4.06 -5.55 10.82
N ASP A 60 -4.10 -6.08 12.04
CA ASP A 60 -2.99 -6.86 12.55
C ASP A 60 -2.47 -7.78 11.44
N ARG A 61 -3.41 -8.43 10.76
CA ARG A 61 -3.06 -9.33 9.69
C ARG A 61 -2.73 -8.54 8.41
N VAL A 62 -3.36 -7.39 8.30
CA VAL A 62 -3.14 -6.53 7.14
C VAL A 62 -1.72 -5.94 7.20
N VAL A 63 -1.50 -5.15 8.24
CA VAL A 63 -0.20 -4.53 8.44
C VAL A 63 0.89 -5.60 8.42
N GLY A 64 0.57 -6.72 9.07
CA GLY A 64 1.50 -7.83 9.14
C GLY A 64 1.73 -8.46 7.76
N ALA A 65 0.68 -8.42 6.95
CA ALA A 65 0.74 -8.98 5.62
C ALA A 65 1.49 -8.00 4.70
N PHE A 66 1.16 -6.73 4.83
CA PHE A 66 1.79 -5.70 4.03
C PHE A 66 3.31 -5.73 4.20
N ASN A 67 3.74 -6.21 5.36
CA ASN A 67 5.16 -6.30 5.65
C ASN A 67 5.78 -7.43 4.84
N GLN A 68 5.05 -8.54 4.77
CA GLN A 68 5.51 -9.70 4.03
C GLN A 68 5.33 -9.48 2.53
N ALA A 69 4.49 -8.50 2.20
CA ALA A 69 4.23 -8.17 0.81
C ALA A 69 5.37 -7.32 0.26
N LYS A 70 5.34 -6.05 0.62
CA LYS A 70 6.36 -5.12 0.17
C LYS A 70 6.83 -5.51 -1.24
N GLY A 71 7.85 -6.35 -1.27
CA GLY A 71 8.39 -6.81 -2.55
C GLY A 71 7.37 -6.64 -3.67
N VAL A 72 6.19 -7.21 -3.46
CA VAL A 72 5.13 -7.12 -4.44
C VAL A 72 4.83 -5.65 -4.74
N PHE A 73 4.35 -4.97 -3.71
CA PHE A 73 4.02 -3.56 -3.84
C PHE A 73 5.16 -2.79 -4.53
N SER A 74 6.36 -2.95 -3.98
CA SER A 74 7.53 -2.29 -4.52
C SER A 74 7.69 -2.64 -5.99
N ARG A 75 7.30 -3.87 -6.32
CA ARG A 75 7.41 -4.34 -7.70
C ARG A 75 6.57 -3.47 -8.62
N VAL A 76 5.42 -3.04 -8.11
CA VAL A 76 4.52 -2.21 -8.88
C VAL A 76 5.27 -0.98 -9.39
N LEU A 77 5.65 -0.13 -8.44
CA LEU A 77 6.38 1.09 -8.77
C LEU A 77 7.63 0.72 -9.57
N ALA A 78 8.08 -0.51 -9.38
CA ALA A 78 9.27 -0.99 -10.07
C ALA A 78 9.03 -0.92 -11.58
N HIS A 79 7.85 -1.38 -11.99
CA HIS A 79 7.49 -1.37 -13.39
C HIS A 79 7.82 -0.01 -14.00
N ASN A 80 7.79 1.00 -13.15
CA ASN A 80 8.09 2.36 -13.60
C ASN A 80 9.54 2.70 -13.25
N LEU A 81 9.74 3.15 -12.03
CA LEU A 81 11.07 3.50 -11.55
C LEU A 81 11.70 2.30 -10.85
N TYR A 82 12.79 2.58 -10.15
CA TYR A 82 13.50 1.53 -9.43
C TYR A 82 14.48 2.13 -8.42
N LEU A 83 14.99 1.27 -7.55
CA LEU A 83 15.94 1.69 -6.54
C LEU A 83 15.18 2.13 -5.28
N ALA A 84 15.71 1.70 -4.14
CA ALA A 84 15.09 2.04 -2.87
C ALA A 84 14.74 3.53 -2.86
N LYS A 85 15.78 4.35 -2.81
CA LYS A 85 15.59 5.79 -2.80
C LYS A 85 15.11 6.25 -4.17
N ALA A 86 13.88 5.86 -4.49
CA ALA A 86 13.29 6.24 -5.77
C ALA A 86 11.79 5.92 -5.74
N VAL A 87 11.48 4.72 -5.25
CA VAL A 87 10.10 4.28 -5.17
C VAL A 87 9.98 3.18 -4.11
N GLN A 88 8.91 3.27 -3.33
CA GLN A 88 8.67 2.29 -2.28
C GLN A 88 7.35 2.60 -1.57
N ILE A 89 6.47 1.61 -1.57
CA ILE A 89 5.17 1.75 -0.94
C ILE A 89 5.35 1.67 0.58
N HIS A 90 4.85 2.68 1.26
CA HIS A 90 4.94 2.74 2.71
C HIS A 90 3.60 2.33 3.32
N PHE A 91 3.69 1.51 4.36
CA PHE A 91 2.50 1.04 5.04
C PHE A 91 2.16 1.92 6.25
N VAL A 92 0.88 2.22 6.39
CA VAL A 92 0.43 3.06 7.48
C VAL A 92 -0.86 2.48 8.06
N LYS A 93 -1.21 2.95 9.25
CA LYS A 93 -2.42 2.48 9.91
C LYS A 93 -2.95 3.59 10.82
N ASP A 94 -2.04 4.22 11.54
CA ASP A 94 -2.40 5.29 12.45
C ASP A 94 -1.13 5.92 13.02
N LYS A 95 -0.33 6.47 12.11
CA LYS A 95 0.91 7.11 12.51
C LYS A 95 0.62 8.54 12.98
N ALA A 96 -0.39 8.66 13.84
CA ALA A 96 -0.78 9.95 14.36
C ALA A 96 0.16 10.33 15.50
N ILE A 97 0.74 9.31 16.12
CA ILE A 97 1.67 9.54 17.22
C ILE A 97 2.71 8.42 17.23
N ASP A 98 2.90 7.80 16.08
CA ASP A 98 3.86 6.73 15.95
C ASP A 98 3.33 5.49 16.66
N ASN A 99 2.03 5.52 16.96
CA ASN A 99 1.40 4.41 17.64
C ASN A 99 2.26 3.99 18.83
N ALA A 100 2.20 4.80 19.87
CA ALA A 100 2.96 4.52 21.08
C ALA A 100 2.03 3.95 22.15
N MET A 101 0.93 4.66 22.37
CA MET A 101 -0.05 4.22 23.36
C MET A 101 -0.27 2.71 23.28
#